data_2DAI
#
_entry.id   2DAI
#
_entity_poly.entity_id   1
_entity_poly.type   'polypeptide(L)'
_entity_poly.pdbx_seq_one_letter_code
;GSSGSSGDAVELFKKANAMLDEDEDERVDEAALRQLTEMGFPENRATKALQLNHMSVPQAMEWLIEHAEDPTIDTPLSGP
SSG
;
_entity_poly.pdbx_strand_id   A
#
# COMPACT_ATOMS: atom_id res chain seq x y z
N GLY A 1 -2.26 13.40 51.87
CA GLY A 1 -2.93 13.06 50.61
C GLY A 1 -3.10 14.29 49.72
N SER A 2 -2.65 14.15 48.48
CA SER A 2 -2.74 15.23 47.53
C SER A 2 -2.63 14.69 46.10
N SER A 3 -3.65 14.99 45.31
CA SER A 3 -3.68 14.53 43.93
C SER A 3 -4.97 15.02 43.26
N GLY A 4 -5.01 14.83 41.94
CA GLY A 4 -6.17 15.24 41.16
C GLY A 4 -7.37 14.34 41.46
N SER A 5 -8.06 13.97 40.39
CA SER A 5 -9.23 13.12 40.52
C SER A 5 -9.82 12.82 39.14
N SER A 6 -10.17 13.89 38.44
CA SER A 6 -10.74 13.76 37.11
C SER A 6 -9.66 13.37 36.11
N GLY A 7 -9.57 12.07 35.84
CA GLY A 7 -8.59 11.56 34.92
C GLY A 7 -7.17 11.92 35.37
N ASP A 8 -6.20 11.52 34.55
CA ASP A 8 -4.81 11.79 34.85
C ASP A 8 -3.97 11.59 33.59
N ALA A 9 -4.10 10.40 33.02
CA ALA A 9 -3.35 10.07 31.81
C ALA A 9 -3.85 8.72 31.28
N VAL A 10 -3.61 8.51 29.99
CA VAL A 10 -4.02 7.27 29.34
C VAL A 10 -3.50 7.26 27.91
N GLU A 11 -2.18 7.30 27.78
CA GLU A 11 -1.54 7.29 26.48
C GLU A 11 -0.03 7.07 26.62
N LEU A 12 0.51 6.28 25.71
CA LEU A 12 1.94 5.99 25.72
C LEU A 12 2.40 5.68 24.30
N PHE A 13 3.49 6.32 23.90
CA PHE A 13 4.04 6.12 22.58
C PHE A 13 5.50 6.57 22.51
N LYS A 14 6.15 6.21 21.43
CA LYS A 14 7.54 6.57 21.23
C LYS A 14 7.96 6.25 19.79
N LYS A 15 8.86 7.07 19.27
CA LYS A 15 9.35 6.87 17.92
C LYS A 15 10.80 7.37 17.82
N ALA A 16 11.71 6.49 18.20
CA ALA A 16 13.12 6.81 18.17
C ALA A 16 13.68 6.52 16.77
N ASN A 17 14.20 7.56 16.15
CA ASN A 17 14.77 7.42 14.82
C ASN A 17 13.70 6.86 13.87
N ALA A 18 13.22 7.74 13.00
CA ALA A 18 12.20 7.35 12.04
C ALA A 18 12.14 8.39 10.92
N MET A 19 12.93 8.15 9.89
CA MET A 19 12.97 9.05 8.76
C MET A 19 13.34 8.31 7.47
N LEU A 20 12.69 8.71 6.38
CA LEU A 20 12.93 8.09 5.10
C LEU A 20 12.88 9.15 4.00
N ASP A 21 11.87 9.03 3.15
CA ASP A 21 11.71 9.97 2.06
C ASP A 21 10.28 9.86 1.51
N GLU A 22 9.69 11.02 1.25
CA GLU A 22 8.34 11.06 0.72
C GLU A 22 8.37 11.35 -0.79
N ASP A 23 7.32 10.90 -1.46
CA ASP A 23 7.21 11.10 -2.90
C ASP A 23 5.79 11.52 -3.24
N GLU A 24 5.66 12.77 -3.67
CA GLU A 24 4.36 13.31 -4.03
C GLU A 24 4.33 13.66 -5.52
N ASP A 25 3.13 13.54 -6.10
CA ASP A 25 2.95 13.84 -7.51
C ASP A 25 3.70 12.80 -8.35
N GLU A 26 3.53 12.91 -9.65
CA GLU A 26 4.18 11.99 -10.57
C GLU A 26 3.73 10.56 -10.28
N ARG A 27 4.06 9.67 -11.21
CA ARG A 27 3.70 8.27 -11.08
C ARG A 27 3.91 7.81 -9.64
N VAL A 28 3.26 6.71 -9.30
CA VAL A 28 3.37 6.16 -7.96
C VAL A 28 4.81 5.70 -7.71
N ASP A 29 5.09 5.37 -6.46
CA ASP A 29 6.42 4.91 -6.08
C ASP A 29 6.48 3.39 -6.20
N GLU A 30 7.57 2.93 -6.81
CA GLU A 30 7.77 1.50 -6.99
C GLU A 30 8.43 0.89 -5.76
N ALA A 31 9.41 1.62 -5.24
CA ALA A 31 10.13 1.17 -4.06
C ALA A 31 9.14 0.75 -2.98
N ALA A 32 8.12 1.58 -2.81
CA ALA A 32 7.10 1.31 -1.81
C ALA A 32 6.21 0.16 -2.30
N LEU A 33 5.73 0.30 -3.53
CA LEU A 33 4.88 -0.71 -4.11
C LEU A 33 5.49 -2.09 -3.90
N ARG A 34 6.78 -2.18 -4.22
CA ARG A 34 7.50 -3.44 -4.05
C ARG A 34 7.23 -4.03 -2.67
N GLN A 35 7.42 -3.19 -1.66
CA GLN A 35 7.20 -3.63 -0.29
C GLN A 35 5.83 -4.30 -0.15
N LEU A 36 4.81 -3.58 -0.58
CA LEU A 36 3.45 -4.08 -0.51
C LEU A 36 3.35 -5.35 -1.37
N THR A 37 3.55 -5.16 -2.66
CA THR A 37 3.48 -6.27 -3.60
C THR A 37 4.33 -7.45 -3.10
N GLU A 38 5.29 -7.12 -2.25
CA GLU A 38 6.17 -8.14 -1.70
C GLU A 38 5.49 -8.84 -0.52
N MET A 39 4.64 -8.08 0.15
CA MET A 39 3.91 -8.61 1.31
C MET A 39 2.89 -9.66 0.86
N GLY A 40 1.85 -9.19 0.20
CA GLY A 40 0.80 -10.07 -0.29
C GLY A 40 -0.41 -9.26 -0.75
N PHE A 41 -0.13 -8.22 -1.50
CA PHE A 41 -1.20 -7.36 -2.01
C PHE A 41 -1.02 -7.12 -3.52
N PRO A 42 -2.17 -6.87 -4.19
CA PRO A 42 -2.16 -6.61 -5.62
C PRO A 42 -1.63 -5.21 -5.93
N GLU A 43 -0.84 -5.15 -6.99
CA GLU A 43 -0.26 -3.88 -7.41
C GLU A 43 -1.33 -2.80 -7.48
N ASN A 44 -2.38 -3.10 -8.24
CA ASN A 44 -3.48 -2.18 -8.40
C ASN A 44 -3.81 -1.53 -7.06
N ARG A 45 -4.33 -2.35 -6.15
CA ARG A 45 -4.70 -1.88 -4.84
C ARG A 45 -3.53 -1.11 -4.21
N ALA A 46 -2.45 -1.83 -3.97
CA ALA A 46 -1.26 -1.23 -3.37
C ALA A 46 -1.04 0.15 -3.98
N THR A 47 -1.01 0.18 -5.30
CA THR A 47 -0.81 1.43 -6.01
C THR A 47 -1.87 2.46 -5.61
N LYS A 48 -3.13 2.09 -5.82
CA LYS A 48 -4.23 2.96 -5.49
C LYS A 48 -4.11 3.39 -4.02
N ALA A 49 -4.14 2.39 -3.15
CA ALA A 49 -4.02 2.66 -1.72
C ALA A 49 -2.88 3.63 -1.47
N LEU A 50 -1.71 3.28 -2.01
CA LEU A 50 -0.54 4.11 -1.85
C LEU A 50 -0.90 5.56 -2.14
N GLN A 51 -1.43 5.79 -3.34
CA GLN A 51 -1.82 7.14 -3.74
C GLN A 51 -2.71 7.77 -2.68
N LEU A 52 -3.48 6.93 -2.02
CA LEU A 52 -4.38 7.39 -0.98
C LEU A 52 -3.61 7.52 0.34
N ASN A 53 -2.53 6.76 0.43
CA ASN A 53 -1.70 6.78 1.61
C ASN A 53 -0.40 7.53 1.32
N HIS A 54 -0.53 8.61 0.57
CA HIS A 54 0.61 9.41 0.19
C HIS A 54 1.82 8.50 -0.09
N MET A 55 1.53 7.39 -0.75
CA MET A 55 2.56 6.43 -1.10
C MET A 55 3.31 5.97 0.15
N SER A 56 2.55 5.37 1.06
CA SER A 56 3.12 4.87 2.31
C SER A 56 3.15 3.35 2.29
N VAL A 57 4.28 2.80 2.72
CA VAL A 57 4.44 1.36 2.77
C VAL A 57 3.67 0.80 3.96
N PRO A 58 3.86 1.46 5.13
CA PRO A 58 3.19 1.03 6.35
C PRO A 58 1.71 1.44 6.33
N GLN A 59 1.49 2.74 6.24
CA GLN A 59 0.13 3.27 6.21
C GLN A 59 -0.73 2.45 5.26
N ALA A 60 -0.32 2.42 4.00
CA ALA A 60 -1.04 1.68 2.98
C ALA A 60 -1.52 0.35 3.57
N MET A 61 -0.57 -0.38 4.14
CA MET A 61 -0.89 -1.67 4.74
C MET A 61 -2.25 -1.64 5.44
N GLU A 62 -2.36 -0.72 6.39
CA GLU A 62 -3.59 -0.57 7.14
C GLU A 62 -4.77 -0.31 6.19
N TRP A 63 -4.57 0.68 5.32
CA TRP A 63 -5.59 1.04 4.36
C TRP A 63 -6.00 -0.23 3.59
N LEU A 64 -4.98 -1.04 3.28
CA LEU A 64 -5.22 -2.27 2.55
C LEU A 64 -5.99 -3.25 3.45
N ILE A 65 -5.69 -3.18 4.74
CA ILE A 65 -6.34 -4.05 5.71
C ILE A 65 -7.79 -3.60 5.88
N GLU A 66 -7.96 -2.31 6.16
CA GLU A 66 -9.28 -1.75 6.35
C GLU A 66 -10.11 -1.90 5.08
N HIS A 67 -9.49 -1.54 3.96
CA HIS A 67 -10.16 -1.62 2.67
C HIS A 67 -10.18 -3.08 2.20
N ALA A 68 -9.43 -3.91 2.91
CA ALA A 68 -9.36 -5.32 2.57
C ALA A 68 -10.75 -5.82 2.19
N GLU A 69 -11.76 -5.22 2.81
CA GLU A 69 -13.13 -5.59 2.54
C GLU A 69 -13.94 -4.37 2.07
N ASP A 70 -13.47 -3.78 0.97
CA ASP A 70 -14.13 -2.62 0.41
C ASP A 70 -14.64 -2.95 -0.98
N PRO A 71 -15.83 -2.36 -1.31
CA PRO A 71 -16.44 -2.59 -2.61
C PRO A 71 -15.71 -1.80 -3.70
N THR A 72 -15.58 -0.51 -3.48
CA THR A 72 -14.90 0.36 -4.42
C THR A 72 -13.63 -0.31 -4.95
N ILE A 73 -12.88 -0.89 -4.01
CA ILE A 73 -11.64 -1.56 -4.35
C ILE A 73 -11.83 -2.35 -5.65
N ASP A 74 -13.05 -2.87 -5.81
CA ASP A 74 -13.37 -3.64 -7.00
C ASP A 74 -12.45 -4.87 -7.09
N THR A 75 -13.05 -6.03 -6.91
CA THR A 75 -12.30 -7.27 -6.95
C THR A 75 -13.06 -8.32 -7.77
N PRO A 76 -12.27 -9.19 -8.46
CA PRO A 76 -12.85 -10.23 -9.28
C PRO A 76 -13.40 -11.37 -8.42
N LEU A 77 -13.96 -12.36 -9.09
CA LEU A 77 -14.53 -13.51 -8.39
C LEU A 77 -13.44 -14.58 -8.23
N SER A 78 -13.77 -15.60 -7.45
CA SER A 78 -12.84 -16.69 -7.20
C SER A 78 -13.48 -18.02 -7.57
N GLY A 79 -13.37 -18.37 -8.84
CA GLY A 79 -13.93 -19.62 -9.32
C GLY A 79 -13.11 -20.82 -8.86
N PRO A 80 -12.99 -21.83 -9.75
CA PRO A 80 -12.23 -23.04 -9.45
C PRO A 80 -10.73 -22.77 -9.51
N SER A 81 -10.30 -22.20 -10.62
CA SER A 81 -8.90 -21.89 -10.81
C SER A 81 -8.39 -21.05 -9.65
N SER A 82 -7.06 -21.01 -9.51
CA SER A 82 -6.44 -20.26 -8.45
C SER A 82 -7.24 -20.41 -7.15
N GLY A 83 -7.02 -21.55 -6.49
CA GLY A 83 -7.71 -21.82 -5.24
C GLY A 83 -6.82 -21.52 -4.04
N GLY A 1 22.38 -27.72 60.93
CA GLY A 1 21.31 -27.21 60.09
C GLY A 1 21.50 -27.66 58.64
N SER A 2 20.62 -27.16 57.78
CA SER A 2 20.67 -27.51 56.38
C SER A 2 19.52 -26.84 55.62
N SER A 3 19.75 -26.59 54.35
CA SER A 3 18.74 -25.94 53.52
C SER A 3 19.28 -25.77 52.09
N GLY A 4 18.37 -25.41 51.20
CA GLY A 4 18.73 -25.20 49.80
C GLY A 4 17.69 -24.35 49.09
N SER A 5 17.99 -24.03 47.83
CA SER A 5 17.09 -23.23 47.03
C SER A 5 17.59 -23.18 45.58
N SER A 6 16.73 -22.66 44.71
CA SER A 6 17.06 -22.55 43.30
C SER A 6 16.28 -21.40 42.67
N GLY A 7 16.75 -20.97 41.50
CA GLY A 7 16.10 -19.89 40.79
C GLY A 7 16.07 -20.17 39.28
N ASP A 8 15.83 -19.11 38.52
CA ASP A 8 15.77 -19.24 37.07
C ASP A 8 15.89 -17.84 36.45
N ALA A 9 16.09 -17.84 35.13
CA ALA A 9 16.22 -16.59 34.41
C ALA A 9 15.81 -16.80 32.95
N VAL A 10 15.70 -15.70 32.23
CA VAL A 10 15.32 -15.75 30.83
C VAL A 10 15.54 -14.39 30.19
N GLU A 11 15.99 -14.41 28.94
CA GLU A 11 16.24 -13.19 28.21
C GLU A 11 15.45 -13.18 26.89
N LEU A 12 15.42 -12.01 26.28
CA LEU A 12 14.70 -11.85 25.02
C LEU A 12 15.49 -10.92 24.10
N PHE A 13 14.98 -10.75 22.89
CA PHE A 13 15.62 -9.89 21.91
C PHE A 13 14.65 -8.82 21.41
N LYS A 14 15.23 -7.77 20.84
CA LYS A 14 14.42 -6.68 20.31
C LYS A 14 14.78 -6.44 18.85
N LYS A 15 13.98 -5.63 18.19
CA LYS A 15 14.20 -5.32 16.79
C LYS A 15 14.06 -3.81 16.57
N ALA A 16 14.62 -3.34 15.46
CA ALA A 16 14.56 -1.93 15.13
C ALA A 16 14.28 -1.78 13.64
N ASN A 17 13.50 -0.75 13.31
CA ASN A 17 13.15 -0.49 11.93
C ASN A 17 13.26 1.02 11.67
N ALA A 18 13.35 1.35 10.38
CA ALA A 18 13.47 2.75 9.98
C ALA A 18 12.70 2.95 8.67
N MET A 19 12.49 4.22 8.36
CA MET A 19 11.77 4.57 7.14
C MET A 19 12.26 5.91 6.57
N LEU A 20 12.47 5.92 5.27
CA LEU A 20 12.94 7.12 4.60
C LEU A 20 12.25 7.24 3.24
N ASP A 21 13.04 7.13 2.19
CA ASP A 21 12.51 7.23 0.84
C ASP A 21 12.05 8.67 0.58
N GLU A 22 12.80 9.36 -0.27
CA GLU A 22 12.48 10.73 -0.61
C GLU A 22 11.12 10.81 -1.31
N ASP A 23 10.44 11.92 -1.11
CA ASP A 23 9.14 12.12 -1.72
C ASP A 23 9.33 12.44 -3.21
N GLU A 24 8.84 11.52 -4.03
CA GLU A 24 8.94 11.68 -5.48
C GLU A 24 7.63 12.24 -6.04
N ASP A 25 7.69 12.64 -7.30
CA ASP A 25 6.53 13.20 -7.97
C ASP A 25 6.27 12.43 -9.27
N GLU A 26 5.06 12.58 -9.78
CA GLU A 26 4.68 11.91 -11.01
C GLU A 26 4.76 10.40 -10.83
N ARG A 27 3.66 9.74 -11.18
CA ARG A 27 3.59 8.30 -11.06
C ARG A 27 3.82 7.86 -9.61
N VAL A 28 3.31 6.69 -9.28
CA VAL A 28 3.44 6.16 -7.93
C VAL A 28 4.88 5.69 -7.73
N ASP A 29 5.21 5.39 -6.48
CA ASP A 29 6.54 4.94 -6.13
C ASP A 29 6.60 3.42 -6.25
N GLU A 30 7.56 2.95 -7.04
CA GLU A 30 7.73 1.52 -7.23
C GLU A 30 8.38 0.88 -6.01
N ALA A 31 9.32 1.60 -5.43
CA ALA A 31 10.02 1.12 -4.25
C ALA A 31 8.99 0.67 -3.21
N ALA A 32 8.14 1.60 -2.82
CA ALA A 32 7.11 1.32 -1.84
C ALA A 32 6.23 0.16 -2.34
N LEU A 33 5.64 0.39 -3.50
CA LEU A 33 4.77 -0.61 -4.10
C LEU A 33 5.40 -2.00 -3.90
N ARG A 34 6.70 -2.07 -4.15
CA ARG A 34 7.43 -3.32 -4.01
C ARG A 34 7.20 -3.90 -2.61
N GLN A 35 7.42 -3.06 -1.61
CA GLN A 35 7.25 -3.48 -0.23
C GLN A 35 5.89 -4.17 -0.05
N LEU A 36 4.85 -3.50 -0.53
CA LEU A 36 3.50 -4.05 -0.43
C LEU A 36 3.42 -5.34 -1.23
N THR A 37 3.55 -5.21 -2.55
CA THR A 37 3.49 -6.35 -3.43
C THR A 37 4.31 -7.52 -2.86
N GLU A 38 5.44 -7.16 -2.26
CA GLU A 38 6.32 -8.16 -1.67
C GLU A 38 5.66 -8.78 -0.44
N MET A 39 4.98 -7.94 0.32
CA MET A 39 4.29 -8.39 1.52
C MET A 39 3.19 -9.40 1.18
N GLY A 40 2.33 -8.99 0.26
CA GLY A 40 1.23 -9.84 -0.17
C GLY A 40 -0.02 -9.00 -0.47
N PHE A 41 0.15 -8.06 -1.39
CA PHE A 41 -0.95 -7.19 -1.78
C PHE A 41 -1.00 -7.01 -3.30
N PRO A 42 -2.23 -6.73 -3.80
CA PRO A 42 -2.42 -6.53 -5.24
C PRO A 42 -1.89 -5.17 -5.68
N GLU A 43 -0.93 -5.22 -6.60
CA GLU A 43 -0.32 -4.00 -7.11
C GLU A 43 -1.40 -2.98 -7.44
N ASN A 44 -2.46 -3.47 -8.09
CA ASN A 44 -3.56 -2.61 -8.48
C ASN A 44 -3.96 -1.74 -7.30
N ARG A 45 -4.50 -2.39 -6.27
CA ARG A 45 -4.93 -1.70 -5.08
C ARG A 45 -3.74 -1.01 -4.40
N ALA A 46 -2.73 -1.81 -4.12
CA ALA A 46 -1.53 -1.29 -3.48
C ALA A 46 -1.18 0.07 -4.07
N THR A 47 -1.14 0.11 -5.40
CA THR A 47 -0.82 1.34 -6.10
C THR A 47 -1.77 2.46 -5.67
N LYS A 48 -3.06 2.17 -5.76
CA LYS A 48 -4.08 3.13 -5.38
C LYS A 48 -3.88 3.53 -3.92
N ALA A 49 -4.04 2.55 -3.04
CA ALA A 49 -3.88 2.78 -1.61
C ALA A 49 -2.69 3.72 -1.39
N LEU A 50 -1.55 3.30 -1.91
CA LEU A 50 -0.33 4.09 -1.77
C LEU A 50 -0.67 5.57 -1.95
N GLN A 51 -1.12 5.91 -3.14
CA GLN A 51 -1.48 7.28 -3.45
C GLN A 51 -2.28 7.89 -2.29
N LEU A 52 -3.42 7.27 -2.01
CA LEU A 52 -4.28 7.74 -0.94
C LEU A 52 -3.49 7.76 0.38
N ASN A 53 -2.46 6.94 0.41
CA ASN A 53 -1.62 6.84 1.60
C ASN A 53 -0.29 7.55 1.33
N HIS A 54 -0.37 8.64 0.56
CA HIS A 54 0.81 9.41 0.23
C HIS A 54 1.99 8.47 -0.02
N MET A 55 1.72 7.42 -0.79
CA MET A 55 2.73 6.44 -1.11
C MET A 55 3.45 5.96 0.16
N SER A 56 2.68 5.36 1.05
CA SER A 56 3.22 4.85 2.30
C SER A 56 3.24 3.33 2.27
N VAL A 57 4.34 2.78 2.77
CA VAL A 57 4.50 1.33 2.81
C VAL A 57 3.66 0.77 3.96
N PRO A 58 3.80 1.42 5.15
CA PRO A 58 3.07 1.00 6.33
C PRO A 58 1.60 1.39 6.23
N GLN A 59 1.37 2.70 6.21
CA GLN A 59 0.01 3.21 6.12
C GLN A 59 -0.80 2.40 5.12
N ALA A 60 -0.34 2.43 3.88
CA ALA A 60 -1.01 1.71 2.81
C ALA A 60 -1.49 0.35 3.34
N MET A 61 -0.55 -0.39 3.91
CA MET A 61 -0.87 -1.69 4.47
C MET A 61 -2.23 -1.68 5.17
N GLU A 62 -2.28 -0.95 6.28
CA GLU A 62 -3.50 -0.85 7.05
C GLU A 62 -4.67 -0.50 6.14
N TRP A 63 -4.46 0.52 5.31
CA TRP A 63 -5.50 0.95 4.38
C TRP A 63 -5.98 -0.27 3.60
N LEU A 64 -5.04 -1.17 3.33
CA LEU A 64 -5.35 -2.38 2.59
C LEU A 64 -6.05 -3.37 3.52
N ILE A 65 -5.72 -3.27 4.79
CA ILE A 65 -6.31 -4.16 5.79
C ILE A 65 -7.75 -3.72 6.06
N GLU A 66 -7.97 -2.41 6.01
CA GLU A 66 -9.29 -1.86 6.23
C GLU A 66 -10.15 -2.02 4.98
N HIS A 67 -9.63 -1.51 3.87
CA HIS A 67 -10.35 -1.58 2.61
C HIS A 67 -10.45 -3.04 2.16
N ALA A 68 -9.72 -3.90 2.86
CA ALA A 68 -9.72 -5.31 2.55
C ALA A 68 -11.15 -5.75 2.22
N GLU A 69 -12.11 -5.07 2.83
CA GLU A 69 -13.51 -5.38 2.61
C GLU A 69 -14.29 -4.10 2.32
N ASP A 70 -13.88 -3.42 1.26
CA ASP A 70 -14.54 -2.18 0.86
C ASP A 70 -15.17 -2.37 -0.51
N PRO A 71 -16.27 -1.59 -0.75
CA PRO A 71 -16.97 -1.66 -2.02
C PRO A 71 -16.19 -0.95 -3.12
N THR A 72 -15.83 0.30 -2.84
CA THR A 72 -15.07 1.09 -3.79
C THR A 72 -13.92 0.28 -4.38
N ILE A 73 -13.07 -0.21 -3.50
CA ILE A 73 -11.93 -1.01 -3.92
C ILE A 73 -12.38 -2.00 -4.99
N ASP A 74 -13.56 -2.55 -4.80
CA ASP A 74 -14.10 -3.51 -5.75
C ASP A 74 -13.16 -4.70 -5.85
N THR A 75 -13.65 -5.75 -6.52
CA THR A 75 -12.85 -6.95 -6.71
C THR A 75 -13.21 -7.62 -8.03
N PRO A 76 -12.18 -8.25 -8.66
CA PRO A 76 -12.36 -8.92 -9.93
C PRO A 76 -13.11 -10.25 -9.74
N LEU A 77 -13.26 -10.96 -10.85
CA LEU A 77 -13.95 -12.24 -10.82
C LEU A 77 -13.00 -13.33 -11.29
N SER A 78 -13.00 -14.43 -10.54
CA SER A 78 -12.14 -15.56 -10.87
C SER A 78 -12.91 -16.87 -10.72
N GLY A 79 -13.57 -17.01 -9.57
CA GLY A 79 -14.36 -18.20 -9.30
C GLY A 79 -14.64 -18.33 -7.80
N PRO A 80 -14.67 -19.61 -7.34
CA PRO A 80 -14.94 -19.90 -5.94
C PRO A 80 -13.71 -19.58 -5.08
N SER A 81 -13.98 -19.15 -3.85
CA SER A 81 -12.92 -18.81 -2.93
C SER A 81 -13.09 -19.59 -1.62
N SER A 82 -14.27 -19.45 -1.04
CA SER A 82 -14.58 -20.13 0.21
C SER A 82 -16.09 -20.30 0.36
N GLY A 83 -16.47 -21.24 1.20
CA GLY A 83 -17.88 -21.51 1.45
C GLY A 83 -18.07 -22.25 2.77
N GLY A 1 60.70 28.83 6.24
CA GLY A 1 59.29 29.13 6.09
C GLY A 1 58.73 29.75 7.37
N SER A 2 57.42 29.98 7.36
CA SER A 2 56.76 30.56 8.52
C SER A 2 55.26 30.73 8.22
N SER A 3 54.53 31.07 9.27
CA SER A 3 53.09 31.26 9.15
C SER A 3 52.51 31.73 10.48
N GLY A 4 51.28 32.21 10.40
CA GLY A 4 50.60 32.70 11.60
C GLY A 4 49.14 33.07 11.27
N SER A 5 48.49 33.67 12.26
CA SER A 5 47.11 34.08 12.11
C SER A 5 46.67 34.92 13.30
N SER A 6 45.89 35.95 13.02
CA SER A 6 45.39 36.83 14.05
C SER A 6 44.49 37.91 13.45
N GLY A 7 43.54 38.36 14.25
CA GLY A 7 42.61 39.39 13.80
C GLY A 7 41.31 39.33 14.61
N ASP A 8 40.28 39.96 14.06
CA ASP A 8 38.98 39.99 14.72
C ASP A 8 37.89 40.19 13.66
N ALA A 9 37.12 39.14 13.45
CA ALA A 9 36.04 39.19 12.48
C ALA A 9 35.24 37.88 12.55
N VAL A 10 33.97 37.99 12.17
CA VAL A 10 33.09 36.83 12.19
C VAL A 10 31.85 37.13 11.34
N GLU A 11 31.45 36.12 10.56
CA GLU A 11 30.29 36.26 9.71
C GLU A 11 29.95 34.92 9.06
N LEU A 12 28.92 34.29 9.58
CA LEU A 12 28.48 33.00 9.07
C LEU A 12 27.03 33.10 8.62
N PHE A 13 26.83 33.02 7.31
CA PHE A 13 25.50 33.10 6.75
C PHE A 13 25.43 32.39 5.39
N LYS A 14 25.83 31.13 5.40
CA LYS A 14 25.82 30.33 4.19
C LYS A 14 24.38 30.09 3.75
N LYS A 15 23.64 29.39 4.60
CA LYS A 15 22.25 29.09 4.32
C LYS A 15 22.14 28.56 2.88
N ALA A 16 22.72 27.39 2.67
CA ALA A 16 22.68 26.76 1.37
C ALA A 16 21.70 25.58 1.39
N ASN A 17 20.55 25.80 0.78
CA ASN A 17 19.52 24.77 0.72
C ASN A 17 18.57 25.07 -0.44
N ALA A 18 17.94 26.24 -0.36
CA ALA A 18 17.00 26.65 -1.39
C ALA A 18 16.08 25.48 -1.74
N MET A 19 15.05 25.33 -0.93
CA MET A 19 14.08 24.26 -1.13
C MET A 19 12.74 24.59 -0.48
N LEU A 20 11.68 24.04 -1.05
CA LEU A 20 10.35 24.27 -0.53
C LEU A 20 9.58 22.94 -0.50
N ASP A 21 8.34 23.00 -0.97
CA ASP A 21 7.50 21.82 -1.01
C ASP A 21 7.27 21.40 -2.46
N GLU A 22 6.71 22.32 -3.23
CA GLU A 22 6.42 22.07 -4.63
C GLU A 22 5.92 20.63 -4.81
N ASP A 23 4.61 20.48 -4.64
CA ASP A 23 3.98 19.18 -4.78
C ASP A 23 3.90 18.82 -6.27
N GLU A 24 4.50 17.69 -6.60
CA GLU A 24 4.49 17.22 -7.98
C GLU A 24 4.03 15.77 -8.05
N ASP A 25 3.24 15.48 -9.08
CA ASP A 25 2.72 14.14 -9.26
C ASP A 25 3.01 13.68 -10.70
N GLU A 26 2.95 12.38 -10.89
CA GLU A 26 3.21 11.80 -12.20
C GLU A 26 2.91 10.30 -12.19
N ARG A 27 3.50 9.62 -11.20
CA ARG A 27 3.30 8.18 -11.07
C ARG A 27 3.60 7.74 -9.64
N VAL A 28 3.08 6.58 -9.29
CA VAL A 28 3.28 6.03 -7.96
C VAL A 28 4.74 5.60 -7.80
N ASP A 29 5.11 5.32 -6.56
CA ASP A 29 6.46 4.89 -6.27
C ASP A 29 6.56 3.37 -6.39
N GLU A 30 7.66 2.93 -6.98
CA GLU A 30 7.89 1.50 -7.17
C GLU A 30 8.52 0.90 -5.92
N ALA A 31 9.47 1.63 -5.35
CA ALA A 31 10.16 1.18 -4.16
C ALA A 31 9.13 0.75 -3.11
N ALA A 32 8.25 1.68 -2.79
CA ALA A 32 7.21 1.41 -1.80
C ALA A 32 6.32 0.26 -2.31
N LEU A 33 5.77 0.46 -3.50
CA LEU A 33 4.90 -0.54 -4.09
C LEU A 33 5.50 -1.93 -3.85
N ARG A 34 6.74 -2.09 -4.28
CA ARG A 34 7.43 -3.36 -4.11
C ARG A 34 7.18 -3.92 -2.71
N GLN A 35 7.41 -3.07 -1.72
CA GLN A 35 7.22 -3.46 -0.33
C GLN A 35 5.86 -4.16 -0.16
N LEU A 36 4.82 -3.46 -0.59
CA LEU A 36 3.47 -4.00 -0.49
C LEU A 36 3.38 -5.29 -1.32
N THR A 37 3.51 -5.13 -2.62
CA THR A 37 3.45 -6.26 -3.53
C THR A 37 4.31 -7.42 -3.00
N GLU A 38 5.31 -7.05 -2.21
CA GLU A 38 6.21 -8.03 -1.64
C GLU A 38 5.53 -8.76 -0.48
N MET A 39 4.77 -8.00 0.29
CA MET A 39 4.06 -8.57 1.43
C MET A 39 3.01 -9.59 0.97
N GLY A 40 2.08 -9.12 0.15
CA GLY A 40 1.03 -9.97 -0.35
C GLY A 40 -0.21 -9.15 -0.71
N PHE A 41 -0.01 -8.14 -1.53
CA PHE A 41 -1.09 -7.27 -1.95
C PHE A 41 -1.08 -7.06 -3.46
N PRO A 42 -2.28 -6.79 -4.02
CA PRO A 42 -2.41 -6.55 -5.45
C PRO A 42 -1.89 -5.17 -5.83
N GLU A 43 -0.95 -5.17 -6.77
CA GLU A 43 -0.35 -3.93 -7.23
C GLU A 43 -1.44 -2.88 -7.49
N ASN A 44 -2.53 -3.35 -8.07
CA ASN A 44 -3.65 -2.48 -8.38
C ASN A 44 -4.01 -1.65 -7.13
N ARG A 45 -4.49 -2.37 -6.12
CA ARG A 45 -4.87 -1.73 -4.87
C ARG A 45 -3.67 -1.04 -4.24
N ALA A 46 -2.65 -1.84 -3.95
CA ALA A 46 -1.43 -1.34 -3.35
C ALA A 46 -1.08 0.02 -3.98
N THR A 47 -1.11 0.05 -5.30
CA THR A 47 -0.80 1.26 -6.03
C THR A 47 -1.75 2.39 -5.62
N LYS A 48 -3.04 2.11 -5.75
CA LYS A 48 -4.05 3.09 -5.40
C LYS A 48 -3.90 3.47 -3.92
N ALA A 49 -4.04 2.46 -3.08
CA ALA A 49 -3.93 2.66 -1.65
C ALA A 49 -2.74 3.59 -1.36
N LEU A 50 -1.63 3.29 -2.03
CA LEU A 50 -0.43 4.09 -1.86
C LEU A 50 -0.75 5.56 -2.09
N GLN A 51 -1.21 5.85 -3.31
CA GLN A 51 -1.55 7.21 -3.68
C GLN A 51 -2.40 7.85 -2.57
N LEU A 52 -3.41 7.12 -2.15
CA LEU A 52 -4.30 7.61 -1.10
C LEU A 52 -3.54 7.67 0.23
N ASN A 53 -2.51 6.83 0.32
CA ASN A 53 -1.70 6.76 1.53
C ASN A 53 -0.38 7.48 1.27
N HIS A 54 -0.47 8.57 0.52
CA HIS A 54 0.71 9.35 0.20
C HIS A 54 1.90 8.42 -0.05
N MET A 55 1.64 7.37 -0.82
CA MET A 55 2.68 6.41 -1.14
C MET A 55 3.40 5.94 0.13
N SER A 56 2.63 5.33 1.01
CA SER A 56 3.18 4.83 2.27
C SER A 56 3.19 3.30 2.26
N VAL A 57 4.30 2.75 2.74
CA VAL A 57 4.45 1.31 2.79
C VAL A 57 3.65 0.75 3.97
N PRO A 58 3.81 1.43 5.14
CA PRO A 58 3.11 1.02 6.34
C PRO A 58 1.63 1.41 6.28
N GLN A 59 1.40 2.71 6.23
CA GLN A 59 0.04 3.23 6.17
C GLN A 59 -0.79 2.41 5.19
N ALA A 60 -0.34 2.40 3.95
CA ALA A 60 -1.03 1.65 2.91
C ALA A 60 -1.54 0.33 3.48
N MET A 61 -0.61 -0.42 4.06
CA MET A 61 -0.93 -1.71 4.64
C MET A 61 -2.31 -1.66 5.33
N GLU A 62 -2.37 -0.87 6.40
CA GLU A 62 -3.61 -0.73 7.14
C GLU A 62 -4.77 -0.46 6.19
N TRP A 63 -4.56 0.50 5.30
CA TRP A 63 -5.58 0.86 4.34
C TRP A 63 -5.98 -0.40 3.56
N LEU A 64 -4.98 -1.24 3.32
CA LEU A 64 -5.21 -2.47 2.59
C LEU A 64 -5.91 -3.48 3.51
N ILE A 65 -5.71 -3.28 4.81
CA ILE A 65 -6.32 -4.16 5.79
C ILE A 65 -7.77 -3.71 6.05
N GLU A 66 -7.95 -2.40 6.06
CA GLU A 66 -9.26 -1.83 6.29
C GLU A 66 -10.13 -1.97 5.04
N HIS A 67 -9.62 -1.45 3.94
CA HIS A 67 -10.33 -1.51 2.66
C HIS A 67 -10.40 -2.96 2.19
N ALA A 68 -9.64 -3.81 2.86
CA ALA A 68 -9.61 -5.22 2.52
C ALA A 68 -11.02 -5.69 2.19
N GLU A 69 -11.99 -5.09 2.88
CA GLU A 69 -13.39 -5.44 2.67
C GLU A 69 -14.21 -4.18 2.37
N ASP A 70 -13.81 -3.50 1.29
CA ASP A 70 -14.50 -2.30 0.87
C ASP A 70 -15.14 -2.52 -0.50
N PRO A 71 -16.27 -1.80 -0.72
CA PRO A 71 -16.99 -1.91 -1.98
C PRO A 71 -16.24 -1.18 -3.10
N THR A 72 -15.98 0.10 -2.86
CA THR A 72 -15.29 0.91 -3.83
C THR A 72 -14.12 0.14 -4.45
N ILE A 73 -13.23 -0.32 -3.59
CA ILE A 73 -12.07 -1.08 -4.03
C ILE A 73 -12.51 -2.07 -5.11
N ASP A 74 -13.68 -2.65 -4.90
CA ASP A 74 -14.22 -3.62 -5.84
C ASP A 74 -15.63 -4.03 -5.40
N THR A 75 -16.58 -3.71 -6.25
CA THR A 75 -17.97 -4.05 -5.96
C THR A 75 -18.19 -5.55 -6.05
N PRO A 76 -19.07 -6.07 -5.15
CA PRO A 76 -19.38 -7.48 -5.12
C PRO A 76 -20.30 -7.87 -6.29
N LEU A 77 -20.20 -9.13 -6.68
CA LEU A 77 -21.01 -9.63 -7.77
C LEU A 77 -22.47 -9.19 -7.57
N SER A 78 -22.97 -8.45 -8.55
CA SER A 78 -24.34 -7.97 -8.50
C SER A 78 -25.32 -9.13 -8.67
N GLY A 79 -25.20 -9.80 -9.81
CA GLY A 79 -26.06 -10.93 -10.10
C GLY A 79 -25.74 -12.13 -9.21
N PRO A 80 -26.69 -13.10 -9.17
CA PRO A 80 -26.51 -14.29 -8.37
C PRO A 80 -25.51 -15.24 -9.01
N SER A 81 -25.67 -15.43 -10.32
CA SER A 81 -24.79 -16.30 -11.07
C SER A 81 -24.70 -15.85 -12.53
N SER A 82 -23.71 -16.37 -13.23
CA SER A 82 -23.50 -16.01 -14.62
C SER A 82 -23.70 -14.51 -14.81
N GLY A 83 -22.64 -13.76 -14.52
CA GLY A 83 -22.69 -12.32 -14.66
C GLY A 83 -21.51 -11.67 -13.93
N GLY A 1 52.72 -41.44 10.54
CA GLY A 1 51.86 -40.30 10.80
C GLY A 1 51.51 -39.57 9.50
N SER A 2 50.25 -39.68 9.12
CA SER A 2 49.78 -39.02 7.90
C SER A 2 48.30 -39.33 7.69
N SER A 3 47.63 -38.41 7.01
CA SER A 3 46.22 -38.57 6.72
C SER A 3 45.81 -37.67 5.55
N GLY A 4 46.04 -36.37 5.73
CA GLY A 4 45.71 -35.40 4.71
C GLY A 4 44.22 -35.44 4.38
N SER A 5 43.57 -34.31 4.63
CA SER A 5 42.13 -34.20 4.38
C SER A 5 41.65 -32.78 4.71
N SER A 6 40.42 -32.51 4.30
CA SER A 6 39.83 -31.20 4.55
C SER A 6 38.32 -31.26 4.32
N GLY A 7 37.62 -30.39 5.03
CA GLY A 7 36.17 -30.33 4.92
C GLY A 7 35.68 -28.88 4.84
N ASP A 8 34.39 -28.71 5.09
CA ASP A 8 33.79 -27.39 5.04
C ASP A 8 32.95 -27.17 6.29
N ALA A 9 32.56 -25.92 6.50
CA ALA A 9 31.75 -25.56 7.65
C ALA A 9 30.34 -25.19 7.18
N VAL A 10 30.25 -24.82 5.92
CA VAL A 10 28.98 -24.43 5.34
C VAL A 10 28.45 -23.19 6.06
N GLU A 11 28.06 -22.20 5.27
CA GLU A 11 27.53 -20.97 5.82
C GLU A 11 27.00 -20.07 4.70
N LEU A 12 26.34 -19.00 5.11
CA LEU A 12 25.78 -18.05 4.15
C LEU A 12 25.40 -16.76 4.88
N PHE A 13 24.28 -16.83 5.59
CA PHE A 13 23.79 -15.69 6.33
C PHE A 13 23.50 -14.51 5.40
N LYS A 14 22.84 -13.50 5.95
CA LYS A 14 22.50 -12.32 5.18
C LYS A 14 21.85 -11.29 6.11
N LYS A 15 22.09 -10.02 5.79
CA LYS A 15 21.53 -8.94 6.57
C LYS A 15 21.82 -7.60 5.88
N ALA A 16 20.77 -6.83 5.69
CA ALA A 16 20.91 -5.53 5.04
C ALA A 16 19.53 -4.89 4.90
N ASN A 17 19.52 -3.59 4.67
CA ASN A 17 18.28 -2.86 4.50
C ASN A 17 18.60 -1.38 4.25
N ALA A 18 18.22 -0.91 3.08
CA ALA A 18 18.46 0.48 2.71
C ALA A 18 17.76 0.77 1.38
N MET A 19 16.97 1.84 1.38
CA MET A 19 16.26 2.23 0.19
C MET A 19 15.59 3.61 0.38
N LEU A 20 16.22 4.62 -0.21
CA LEU A 20 15.70 5.97 -0.10
C LEU A 20 16.37 6.84 -1.17
N ASP A 21 15.64 7.06 -2.25
CA ASP A 21 16.15 7.88 -3.35
C ASP A 21 15.11 7.91 -4.48
N GLU A 22 15.32 8.83 -5.39
CA GLU A 22 14.42 8.97 -6.53
C GLU A 22 12.99 9.20 -6.05
N ASP A 23 12.55 10.44 -6.13
CA ASP A 23 11.21 10.80 -5.71
C ASP A 23 10.69 11.94 -6.59
N GLU A 24 9.87 11.56 -7.56
CA GLU A 24 9.29 12.54 -8.47
C GLU A 24 7.76 12.45 -8.45
N ASP A 25 7.14 13.61 -8.61
CA ASP A 25 5.69 13.69 -8.61
C ASP A 25 5.16 13.39 -10.01
N GLU A 26 4.49 12.25 -10.14
CA GLU A 26 3.94 11.84 -11.41
C GLU A 26 3.12 10.55 -11.25
N ARG A 27 3.82 9.49 -10.88
CA ARG A 27 3.18 8.20 -10.69
C ARG A 27 3.51 7.64 -9.31
N VAL A 28 2.67 6.73 -8.85
CA VAL A 28 2.87 6.11 -7.55
C VAL A 28 4.34 5.72 -7.39
N ASP A 29 4.72 5.42 -6.16
CA ASP A 29 6.08 5.04 -5.86
C ASP A 29 6.26 3.55 -6.15
N GLU A 30 7.41 3.22 -6.71
CA GLU A 30 7.72 1.84 -7.04
C GLU A 30 8.41 1.15 -5.86
N ALA A 31 9.37 1.86 -5.28
CA ALA A 31 10.11 1.33 -4.16
C ALA A 31 9.13 0.80 -3.10
N ALA A 32 8.14 1.64 -2.81
CA ALA A 32 7.13 1.28 -1.83
C ALA A 32 6.27 0.14 -2.38
N LEU A 33 5.79 0.35 -3.59
CA LEU A 33 4.95 -0.64 -4.25
C LEU A 33 5.57 -2.02 -4.06
N ARG A 34 6.87 -2.09 -4.32
CA ARG A 34 7.60 -3.35 -4.20
C ARG A 34 7.34 -3.96 -2.82
N GLN A 35 7.54 -3.14 -1.80
CA GLN A 35 7.34 -3.59 -0.42
C GLN A 35 5.97 -4.26 -0.29
N LEU A 36 4.94 -3.55 -0.72
CA LEU A 36 3.59 -4.07 -0.64
C LEU A 36 3.50 -5.37 -1.44
N THR A 37 3.71 -5.25 -2.74
CA THR A 37 3.67 -6.40 -3.62
C THR A 37 4.57 -7.52 -3.09
N GLU A 38 5.52 -7.13 -2.26
CA GLU A 38 6.45 -8.07 -1.68
C GLU A 38 5.83 -8.74 -0.44
N MET A 39 4.85 -8.06 0.12
CA MET A 39 4.17 -8.58 1.30
C MET A 39 3.13 -9.63 0.92
N GLY A 40 2.10 -9.17 0.23
CA GLY A 40 1.03 -10.06 -0.20
C GLY A 40 -0.21 -9.26 -0.62
N PHE A 41 0.00 -8.31 -1.51
CA PHE A 41 -1.08 -7.47 -2.00
C PHE A 41 -0.95 -7.22 -3.50
N PRO A 42 -2.12 -6.97 -4.14
CA PRO A 42 -2.15 -6.72 -5.57
C PRO A 42 -1.64 -5.31 -5.89
N GLU A 43 -0.87 -5.22 -6.97
CA GLU A 43 -0.32 -3.94 -7.40
C GLU A 43 -1.42 -2.87 -7.43
N ASN A 44 -2.46 -3.16 -8.18
CA ASN A 44 -3.57 -2.23 -8.31
C ASN A 44 -3.92 -1.68 -6.92
N ARG A 45 -4.27 -2.58 -6.02
CA ARG A 45 -4.63 -2.20 -4.67
C ARG A 45 -3.47 -1.42 -4.02
N ALA A 46 -2.37 -2.13 -3.81
CA ALA A 46 -1.20 -1.53 -3.21
C ALA A 46 -1.01 -0.12 -3.76
N THR A 47 -1.02 -0.03 -5.08
CA THR A 47 -0.85 1.26 -5.74
C THR A 47 -1.90 2.25 -5.25
N LYS A 48 -3.16 1.86 -5.40
CA LYS A 48 -4.26 2.71 -4.98
C LYS A 48 -3.97 3.24 -3.58
N ALA A 49 -3.91 2.32 -2.63
CA ALA A 49 -3.65 2.68 -1.24
C ALA A 49 -2.51 3.70 -1.20
N LEU A 50 -1.39 3.33 -1.80
CA LEU A 50 -0.23 4.19 -1.84
C LEU A 50 -0.66 5.62 -2.19
N GLN A 51 -1.55 5.70 -3.18
CA GLN A 51 -2.06 6.99 -3.61
C GLN A 51 -2.87 7.65 -2.50
N LEU A 52 -3.58 6.81 -1.75
CA LEU A 52 -4.39 7.29 -0.66
C LEU A 52 -3.61 7.19 0.65
N ASN A 53 -2.32 6.97 0.51
CA ASN A 53 -1.44 6.85 1.66
C ASN A 53 -0.18 7.69 1.44
N HIS A 54 -0.37 8.80 0.76
CA HIS A 54 0.75 9.69 0.46
C HIS A 54 1.98 8.87 0.10
N MET A 55 1.73 7.72 -0.49
CA MET A 55 2.81 6.83 -0.89
C MET A 55 3.50 6.22 0.32
N SER A 56 2.68 5.69 1.23
CA SER A 56 3.21 5.08 2.43
C SER A 56 3.25 3.56 2.27
N VAL A 57 4.35 2.98 2.73
CA VAL A 57 4.53 1.54 2.63
C VAL A 57 3.71 0.86 3.74
N PRO A 58 3.86 1.40 4.98
CA PRO A 58 3.16 0.85 6.12
C PRO A 58 1.67 1.24 6.08
N GLN A 59 1.44 2.55 6.20
CA GLN A 59 0.08 3.07 6.18
C GLN A 59 -0.74 2.37 5.10
N ALA A 60 -0.13 2.23 3.93
CA ALA A 60 -0.79 1.59 2.81
C ALA A 60 -1.42 0.27 3.28
N MET A 61 -0.60 -0.55 3.92
CA MET A 61 -1.06 -1.83 4.42
C MET A 61 -2.38 -1.68 5.19
N GLU A 62 -2.34 -0.80 6.18
CA GLU A 62 -3.52 -0.54 7.00
C GLU A 62 -4.71 -0.22 6.12
N TRP A 63 -4.50 0.70 5.19
CA TRP A 63 -5.55 1.12 4.28
C TRP A 63 -6.08 -0.14 3.56
N LEU A 64 -5.15 -1.00 3.20
CA LEU A 64 -5.51 -2.24 2.51
C LEU A 64 -6.35 -3.11 3.45
N ILE A 65 -6.00 -3.05 4.74
CA ILE A 65 -6.72 -3.83 5.74
C ILE A 65 -8.11 -3.22 5.95
N GLU A 66 -8.16 -1.90 5.82
CA GLU A 66 -9.42 -1.20 6.00
C GLU A 66 -10.36 -1.46 4.82
N HIS A 67 -9.82 -1.27 3.62
CA HIS A 67 -10.58 -1.48 2.40
C HIS A 67 -10.69 -2.98 2.12
N ALA A 68 -9.78 -3.73 2.75
CA ALA A 68 -9.76 -5.17 2.57
C ALA A 68 -11.19 -5.72 2.69
N GLU A 69 -11.99 -5.03 3.48
CA GLU A 69 -13.37 -5.43 3.68
C GLU A 69 -14.31 -4.48 2.93
N ASP A 70 -13.93 -4.16 1.70
CA ASP A 70 -14.72 -3.27 0.88
C ASP A 70 -14.96 -3.92 -0.49
N PRO A 71 -16.26 -3.95 -0.89
CA PRO A 71 -16.62 -4.54 -2.17
C PRO A 71 -16.25 -3.61 -3.33
N THR A 72 -15.98 -2.36 -2.99
CA THR A 72 -15.61 -1.37 -3.98
C THR A 72 -14.26 -0.75 -3.64
N ILE A 73 -13.21 -1.51 -3.92
CA ILE A 73 -11.86 -1.05 -3.65
C ILE A 73 -11.19 -0.65 -4.97
N ASP A 74 -11.30 -1.53 -5.95
CA ASP A 74 -10.72 -1.28 -7.25
C ASP A 74 -11.78 -0.66 -8.17
N THR A 75 -11.53 0.59 -8.55
CA THR A 75 -12.44 1.29 -9.43
C THR A 75 -13.84 1.37 -8.79
N PRO A 76 -14.61 2.40 -9.23
CA PRO A 76 -15.96 2.59 -8.70
C PRO A 76 -16.93 1.56 -9.30
N LEU A 77 -17.39 0.67 -8.44
CA LEU A 77 -18.32 -0.36 -8.86
C LEU A 77 -19.74 0.03 -8.43
N SER A 78 -20.61 0.13 -9.42
CA SER A 78 -21.99 0.49 -9.15
C SER A 78 -22.83 -0.77 -8.87
N GLY A 79 -23.28 -0.87 -7.63
CA GLY A 79 -24.08 -2.00 -7.22
C GLY A 79 -23.21 -3.07 -6.56
N PRO A 80 -23.87 -3.92 -5.73
CA PRO A 80 -23.17 -4.98 -5.03
C PRO A 80 -22.82 -6.13 -5.99
N SER A 81 -21.74 -6.81 -5.67
CA SER A 81 -21.29 -7.93 -6.48
C SER A 81 -22.03 -9.21 -6.08
N SER A 82 -21.91 -9.54 -4.81
CA SER A 82 -22.57 -10.72 -4.28
C SER A 82 -24.03 -10.75 -4.70
N GLY A 83 -24.37 -11.78 -5.47
CA GLY A 83 -25.73 -11.94 -5.96
C GLY A 83 -26.70 -12.18 -4.79
N GLY A 1 34.52 -24.17 36.35
CA GLY A 1 35.30 -22.97 36.06
C GLY A 1 35.87 -23.01 34.64
N SER A 2 36.43 -21.88 34.23
CA SER A 2 37.00 -21.77 32.91
C SER A 2 37.54 -20.35 32.69
N SER A 3 38.46 -20.25 31.73
CA SER A 3 39.06 -18.96 31.41
C SER A 3 39.82 -19.06 30.09
N GLY A 4 40.24 -17.90 29.60
CA GLY A 4 40.98 -17.84 28.35
C GLY A 4 41.23 -16.38 27.94
N SER A 5 41.74 -16.23 26.73
CA SER A 5 42.04 -14.91 26.20
C SER A 5 41.83 -14.89 24.68
N SER A 6 41.80 -13.68 24.14
CA SER A 6 41.60 -13.51 22.71
C SER A 6 42.00 -12.09 22.29
N GLY A 7 42.08 -11.89 20.99
CA GLY A 7 42.44 -10.59 20.45
C GLY A 7 41.27 -9.61 20.56
N ASP A 8 41.07 -8.86 19.48
CA ASP A 8 40.00 -7.89 19.44
C ASP A 8 39.74 -7.47 17.99
N ALA A 9 38.56 -6.89 17.77
CA ALA A 9 38.19 -6.45 16.44
C ALA A 9 36.90 -5.63 16.53
N VAL A 10 36.55 -5.01 15.40
CA VAL A 10 35.35 -4.19 15.35
C VAL A 10 34.98 -3.94 13.88
N GLU A 11 33.68 -4.01 13.61
CA GLU A 11 33.20 -3.80 12.26
C GLU A 11 32.74 -2.35 12.09
N LEU A 12 32.60 -1.95 10.83
CA LEU A 12 32.17 -0.60 10.51
C LEU A 12 30.71 -0.42 10.90
N PHE A 13 30.23 0.80 10.76
CA PHE A 13 28.85 1.12 11.09
C PHE A 13 28.02 1.34 9.82
N LYS A 14 26.71 1.40 10.02
CA LYS A 14 25.80 1.60 8.91
C LYS A 14 24.70 2.58 9.32
N LYS A 15 23.90 2.98 8.34
CA LYS A 15 22.80 3.90 8.60
C LYS A 15 23.37 5.24 9.07
N ALA A 16 22.63 6.29 8.78
CA ALA A 16 23.04 7.63 9.17
C ALA A 16 21.81 8.46 9.54
N ASN A 17 20.94 8.64 8.57
CA ASN A 17 19.72 9.40 8.78
C ASN A 17 18.81 9.26 7.55
N ALA A 18 17.54 9.55 7.76
CA ALA A 18 16.56 9.46 6.69
C ALA A 18 16.32 10.86 6.11
N MET A 19 15.56 10.88 5.02
CA MET A 19 15.25 12.15 4.36
C MET A 19 14.35 11.91 3.15
N LEU A 20 13.73 13.00 2.70
CA LEU A 20 12.85 12.93 1.55
C LEU A 20 13.36 13.86 0.45
N ASP A 21 12.57 14.90 0.17
CA ASP A 21 12.93 15.86 -0.85
C ASP A 21 11.73 16.76 -1.15
N GLU A 22 12.00 17.81 -1.93
CA GLU A 22 10.95 18.74 -2.28
C GLU A 22 10.90 18.91 -3.80
N ASP A 23 10.22 17.98 -4.45
CA ASP A 23 10.09 18.02 -5.90
C ASP A 23 8.70 17.53 -6.30
N GLU A 24 8.30 17.87 -7.51
CA GLU A 24 7.00 17.49 -8.03
C GLU A 24 6.83 15.97 -7.94
N ASP A 25 5.58 15.54 -7.93
CA ASP A 25 5.27 14.12 -7.85
C ASP A 25 5.01 13.59 -9.25
N GLU A 26 5.65 12.47 -9.55
CA GLU A 26 5.50 11.84 -10.85
C GLU A 26 5.32 10.34 -10.70
N ARG A 27 4.13 9.87 -11.05
CA ARG A 27 3.81 8.46 -10.96
C ARG A 27 3.97 7.97 -9.51
N VAL A 28 3.42 6.80 -9.25
CA VAL A 28 3.50 6.21 -7.92
C VAL A 28 4.92 5.73 -7.66
N ASP A 29 5.19 5.41 -6.40
CA ASP A 29 6.50 4.94 -6.01
C ASP A 29 6.58 3.42 -6.20
N GLU A 30 7.68 2.98 -6.80
CA GLU A 30 7.88 1.57 -7.05
C GLU A 30 8.50 0.90 -5.81
N ALA A 31 9.37 1.64 -5.14
CA ALA A 31 10.02 1.13 -3.96
C ALA A 31 8.96 0.68 -2.93
N ALA A 32 8.01 1.57 -2.71
CA ALA A 32 6.94 1.28 -1.76
C ALA A 32 6.06 0.15 -2.32
N LEU A 33 5.59 0.35 -3.53
CA LEU A 33 4.75 -0.64 -4.19
C LEU A 33 5.33 -2.03 -3.95
N ARG A 34 6.60 -2.18 -4.29
CA ARG A 34 7.28 -3.45 -4.12
C ARG A 34 7.09 -3.97 -2.69
N GLN A 35 7.33 -3.07 -1.73
CA GLN A 35 7.18 -3.42 -0.33
C GLN A 35 5.84 -4.12 -0.09
N LEU A 36 4.79 -3.47 -0.57
CA LEU A 36 3.45 -4.01 -0.42
C LEU A 36 3.33 -5.32 -1.20
N THR A 37 3.45 -5.21 -2.51
CA THR A 37 3.36 -6.37 -3.38
C THR A 37 4.21 -7.52 -2.81
N GLU A 38 5.30 -7.15 -2.18
CA GLU A 38 6.20 -8.13 -1.58
C GLU A 38 5.52 -8.81 -0.40
N MET A 39 4.79 -8.00 0.36
CA MET A 39 4.09 -8.51 1.53
C MET A 39 3.01 -9.52 1.12
N GLY A 40 2.04 -9.04 0.37
CA GLY A 40 0.95 -9.88 -0.09
C GLY A 40 -0.27 -9.04 -0.47
N PHE A 41 -0.05 -8.13 -1.41
CA PHE A 41 -1.12 -7.26 -1.87
C PHE A 41 -1.03 -7.04 -3.38
N PRO A 42 -2.22 -6.78 -4.00
CA PRO A 42 -2.29 -6.55 -5.43
C PRO A 42 -1.76 -5.16 -5.79
N GLU A 43 -1.11 -5.08 -6.94
CA GLU A 43 -0.56 -3.83 -7.41
C GLU A 43 -1.66 -2.76 -7.49
N ASN A 44 -2.67 -3.06 -8.29
CA ASN A 44 -3.79 -2.15 -8.46
C ASN A 44 -4.15 -1.52 -7.11
N ARG A 45 -4.24 -2.38 -6.11
CA ARG A 45 -4.58 -1.93 -4.77
C ARG A 45 -3.41 -1.14 -4.17
N ALA A 46 -2.33 -1.84 -3.90
CA ALA A 46 -1.15 -1.21 -3.33
C ALA A 46 -0.94 0.15 -3.98
N THR A 47 -0.99 0.16 -5.31
CA THR A 47 -0.81 1.38 -6.06
C THR A 47 -1.86 2.42 -5.65
N LYS A 48 -3.11 2.07 -5.91
CA LYS A 48 -4.22 2.97 -5.58
C LYS A 48 -4.10 3.40 -4.11
N ALA A 49 -4.06 2.41 -3.23
CA ALA A 49 -3.95 2.67 -1.81
C ALA A 49 -2.81 3.66 -1.57
N LEU A 50 -1.62 3.27 -2.02
CA LEU A 50 -0.46 4.12 -1.86
C LEU A 50 -0.84 5.58 -2.13
N GLN A 51 -1.35 5.81 -3.33
CA GLN A 51 -1.76 7.15 -3.73
C GLN A 51 -2.62 7.78 -2.63
N LEU A 52 -3.47 6.96 -2.03
CA LEU A 52 -4.34 7.43 -0.97
C LEU A 52 -3.54 7.52 0.34
N ASN A 53 -2.50 6.71 0.41
CA ASN A 53 -1.66 6.69 1.59
C ASN A 53 -0.37 7.46 1.32
N HIS A 54 -0.52 8.56 0.58
CA HIS A 54 0.61 9.39 0.24
C HIS A 54 1.83 8.51 -0.06
N MET A 55 1.56 7.40 -0.74
CA MET A 55 2.62 6.46 -1.08
C MET A 55 3.38 6.00 0.16
N SER A 56 2.63 5.37 1.06
CA SER A 56 3.21 4.87 2.29
C SER A 56 3.24 3.35 2.28
N VAL A 57 4.36 2.79 2.74
CA VAL A 57 4.51 1.35 2.78
C VAL A 57 3.71 0.79 3.96
N PRO A 58 3.86 1.47 5.13
CA PRO A 58 3.17 1.05 6.33
C PRO A 58 1.69 1.43 6.27
N GLN A 59 1.45 2.73 6.23
CA GLN A 59 0.09 3.23 6.17
C GLN A 59 -0.74 2.40 5.18
N ALA A 60 -0.26 2.35 3.95
CA ALA A 60 -0.94 1.60 2.91
C ALA A 60 -1.47 0.29 3.50
N MET A 61 -0.57 -0.47 4.10
CA MET A 61 -0.94 -1.73 4.71
C MET A 61 -2.29 -1.65 5.39
N GLU A 62 -2.35 -0.85 6.45
CA GLU A 62 -3.57 -0.67 7.20
C GLU A 62 -4.75 -0.41 6.24
N TRP A 63 -4.52 0.53 5.34
CA TRP A 63 -5.55 0.88 4.36
C TRP A 63 -5.94 -0.40 3.62
N LEU A 64 -4.94 -1.19 3.31
CA LEU A 64 -5.17 -2.44 2.60
C LEU A 64 -5.85 -3.44 3.53
N ILE A 65 -5.57 -3.27 4.82
CA ILE A 65 -6.14 -4.15 5.83
C ILE A 65 -7.59 -3.76 6.08
N GLU A 66 -7.85 -2.45 6.00
CA GLU A 66 -9.18 -1.93 6.22
C GLU A 66 -10.00 -2.04 4.93
N HIS A 67 -9.50 -1.39 3.89
CA HIS A 67 -10.18 -1.40 2.61
C HIS A 67 -10.16 -2.82 2.03
N ALA A 68 -9.37 -3.67 2.67
CA ALA A 68 -9.26 -5.05 2.24
C ALA A 68 -10.64 -5.57 1.82
N GLU A 69 -11.63 -5.24 2.65
CA GLU A 69 -12.99 -5.67 2.39
C GLU A 69 -13.87 -4.46 2.02
N ASP A 70 -13.49 -3.81 0.94
CA ASP A 70 -14.21 -2.63 0.48
C ASP A 70 -14.77 -2.90 -0.92
N PRO A 71 -15.96 -2.29 -1.19
CA PRO A 71 -16.60 -2.46 -2.48
C PRO A 71 -15.89 -1.63 -3.56
N THR A 72 -15.63 -0.39 -3.22
CA THR A 72 -14.96 0.52 -4.15
C THR A 72 -13.70 -0.13 -4.70
N ILE A 73 -12.93 -0.73 -3.80
CA ILE A 73 -11.70 -1.39 -4.18
C ILE A 73 -11.91 -2.15 -5.49
N ASP A 74 -13.13 -2.63 -5.66
CA ASP A 74 -13.48 -3.37 -6.86
C ASP A 74 -12.60 -4.62 -6.96
N THR A 75 -13.15 -5.64 -7.60
CA THR A 75 -12.43 -6.89 -7.78
C THR A 75 -12.50 -7.35 -9.24
N PRO A 76 -11.39 -7.99 -9.69
CA PRO A 76 -11.33 -8.49 -11.06
C PRO A 76 -12.16 -9.76 -11.21
N LEU A 77 -12.28 -10.21 -12.46
CA LEU A 77 -13.04 -11.41 -12.76
C LEU A 77 -12.37 -12.61 -12.09
N SER A 78 -11.10 -12.80 -12.42
CA SER A 78 -10.34 -13.91 -11.86
C SER A 78 -9.38 -13.40 -10.81
N GLY A 79 -9.65 -13.76 -9.56
CA GLY A 79 -8.82 -13.34 -8.44
C GLY A 79 -8.62 -14.48 -7.45
N PRO A 80 -8.36 -14.09 -6.17
CA PRO A 80 -8.16 -15.06 -5.11
C PRO A 80 -9.49 -15.68 -4.68
N SER A 81 -9.94 -16.65 -5.47
CA SER A 81 -11.18 -17.33 -5.19
C SER A 81 -12.35 -16.34 -5.23
N SER A 82 -13.46 -16.80 -5.77
CA SER A 82 -14.65 -15.97 -5.89
C SER A 82 -15.90 -16.81 -5.66
N GLY A 83 -16.96 -16.15 -5.20
CA GLY A 83 -18.21 -16.82 -4.94
C GLY A 83 -18.88 -16.26 -3.67
N GLY A 1 1.44 -5.41 60.96
CA GLY A 1 0.20 -4.69 61.18
C GLY A 1 -0.24 -3.95 59.91
N SER A 2 -1.55 -3.90 59.71
CA SER A 2 -2.10 -3.23 58.55
C SER A 2 -3.62 -3.28 58.59
N SER A 3 -4.24 -2.44 57.78
CA SER A 3 -5.69 -2.39 57.70
C SER A 3 -6.13 -1.52 56.52
N GLY A 4 -7.22 -1.94 55.90
CA GLY A 4 -7.75 -1.21 54.75
C GLY A 4 -7.65 -2.06 53.48
N SER A 5 -6.78 -1.61 52.59
CA SER A 5 -6.58 -2.32 51.33
C SER A 5 -7.84 -2.20 50.46
N SER A 6 -7.64 -1.67 49.26
CA SER A 6 -8.74 -1.50 48.32
C SER A 6 -8.22 -0.96 47.00
N GLY A 7 -8.71 -1.55 45.92
CA GLY A 7 -8.30 -1.14 44.58
C GLY A 7 -8.15 -2.35 43.66
N ASP A 8 -8.31 -2.09 42.37
CA ASP A 8 -8.20 -3.14 41.37
C ASP A 8 -8.56 -2.58 40.00
N ALA A 9 -7.66 -2.80 39.05
CA ALA A 9 -7.87 -2.33 37.70
C ALA A 9 -7.03 -3.18 36.73
N VAL A 10 -7.28 -2.97 35.45
CA VAL A 10 -6.57 -3.71 34.41
C VAL A 10 -6.41 -2.82 33.18
N GLU A 11 -5.17 -2.71 32.72
CA GLU A 11 -4.87 -1.89 31.55
C GLU A 11 -3.87 -2.62 30.65
N LEU A 12 -3.94 -2.29 29.36
CA LEU A 12 -3.05 -2.90 28.39
C LEU A 12 -3.07 -2.08 27.10
N PHE A 13 -1.88 -1.82 26.58
CA PHE A 13 -1.76 -1.05 25.35
C PHE A 13 -0.32 -1.05 24.84
N LYS A 14 -0.19 -0.93 23.53
CA LYS A 14 1.13 -0.91 22.91
C LYS A 14 1.04 -0.20 21.56
N LYS A 15 2.21 0.14 21.03
CA LYS A 15 2.28 0.82 19.74
C LYS A 15 3.72 0.78 19.23
N ALA A 16 3.84 0.55 17.94
CA ALA A 16 5.15 0.48 17.30
C ALA A 16 5.08 1.15 15.93
N ASN A 17 6.12 1.91 15.63
CA ASN A 17 6.19 2.60 14.34
C ASN A 17 7.66 2.86 13.99
N ALA A 18 7.91 2.96 12.70
CA ALA A 18 9.26 3.20 12.22
C ALA A 18 9.19 3.93 10.87
N MET A 19 10.35 4.36 10.40
CA MET A 19 10.45 5.07 9.14
C MET A 19 9.62 6.36 9.19
N LEU A 20 10.08 7.35 8.43
CA LEU A 20 9.41 8.63 8.38
C LEU A 20 9.97 9.45 7.22
N ASP A 21 9.14 9.68 6.23
CA ASP A 21 9.53 10.45 5.05
C ASP A 21 8.38 10.52 4.07
N GLU A 22 8.20 11.69 3.49
CA GLU A 22 7.14 11.92 2.52
C GLU A 22 7.71 12.45 1.21
N ASP A 23 7.43 11.73 0.14
CA ASP A 23 7.91 12.13 -1.18
C ASP A 23 6.75 12.10 -2.16
N GLU A 24 6.47 13.26 -2.73
CA GLU A 24 5.39 13.37 -3.70
C GLU A 24 5.93 13.21 -5.13
N ASP A 25 5.00 12.96 -6.04
CA ASP A 25 5.37 12.78 -7.44
C ASP A 25 4.13 12.39 -8.24
N GLU A 26 4.23 12.57 -9.55
CA GLU A 26 3.11 12.25 -10.44
C GLU A 26 2.79 10.75 -10.35
N ARG A 27 3.74 9.94 -10.79
CA ARG A 27 3.56 8.50 -10.76
C ARG A 27 3.84 7.96 -9.37
N VAL A 28 3.14 6.89 -9.02
CA VAL A 28 3.29 6.27 -7.73
C VAL A 28 4.75 5.83 -7.55
N ASP A 29 5.07 5.45 -6.32
CA ASP A 29 6.43 5.02 -6.01
C ASP A 29 6.52 3.49 -6.19
N GLU A 30 7.59 3.09 -6.86
CA GLU A 30 7.80 1.67 -7.12
C GLU A 30 8.47 1.01 -5.92
N ALA A 31 9.33 1.78 -5.25
CA ALA A 31 10.03 1.29 -4.09
C ALA A 31 9.03 0.79 -3.05
N ALA A 32 8.06 1.64 -2.76
CA ALA A 32 7.02 1.30 -1.79
C ALA A 32 6.16 0.17 -2.36
N LEU A 33 5.62 0.42 -3.54
CA LEU A 33 4.77 -0.56 -4.20
C LEU A 33 5.37 -1.96 -4.00
N ARG A 34 6.66 -2.06 -4.29
CA ARG A 34 7.35 -3.32 -4.15
C ARG A 34 7.14 -3.89 -2.75
N GLN A 35 7.40 -3.06 -1.75
CA GLN A 35 7.23 -3.47 -0.37
C GLN A 35 5.88 -4.16 -0.17
N LEU A 36 4.83 -3.45 -0.56
CA LEU A 36 3.49 -3.98 -0.42
C LEU A 36 3.38 -5.28 -1.22
N THR A 37 3.54 -5.17 -2.53
CA THR A 37 3.46 -6.32 -3.40
C THR A 37 4.29 -7.48 -2.83
N GLU A 38 5.34 -7.12 -2.10
CA GLU A 38 6.20 -8.10 -1.49
C GLU A 38 5.51 -8.77 -0.31
N MET A 39 4.74 -7.97 0.42
CA MET A 39 4.01 -8.47 1.57
C MET A 39 2.97 -9.51 1.16
N GLY A 40 2.07 -9.08 0.28
CA GLY A 40 1.02 -9.97 -0.21
C GLY A 40 -0.22 -9.16 -0.61
N PHE A 41 0.00 -8.19 -1.50
CA PHE A 41 -1.08 -7.36 -1.97
C PHE A 41 -0.98 -7.13 -3.49
N PRO A 42 -2.15 -6.88 -4.11
CA PRO A 42 -2.20 -6.65 -5.55
C PRO A 42 -1.68 -5.25 -5.89
N GLU A 43 -0.89 -5.19 -6.95
CA GLU A 43 -0.32 -3.93 -7.40
C GLU A 43 -1.43 -2.89 -7.57
N ASN A 44 -2.49 -3.29 -8.24
CA ASN A 44 -3.62 -2.41 -8.48
C ASN A 44 -3.95 -1.66 -7.19
N ARG A 45 -4.48 -2.40 -6.23
CA ARG A 45 -4.85 -1.82 -4.95
C ARG A 45 -3.64 -1.15 -4.31
N ALA A 46 -2.59 -1.95 -4.10
CA ALA A 46 -1.37 -1.45 -3.50
C ALA A 46 -1.07 -0.06 -4.05
N THR A 47 -1.16 0.05 -5.37
CA THR A 47 -0.90 1.32 -6.04
C THR A 47 -1.87 2.40 -5.53
N LYS A 48 -3.14 2.17 -5.79
CA LYS A 48 -4.17 3.11 -5.38
C LYS A 48 -3.99 3.42 -3.88
N ALA A 49 -4.01 2.36 -3.09
CA ALA A 49 -3.87 2.50 -1.65
C ALA A 49 -2.74 3.50 -1.36
N LEU A 50 -1.62 3.29 -2.04
CA LEU A 50 -0.47 4.15 -1.86
C LEU A 50 -0.85 5.60 -2.20
N GLN A 51 -1.46 5.74 -3.37
CA GLN A 51 -1.90 7.06 -3.83
C GLN A 51 -2.75 7.74 -2.76
N LEU A 52 -3.46 6.91 -2.01
CA LEU A 52 -4.32 7.41 -0.96
C LEU A 52 -3.54 7.47 0.36
N ASN A 53 -2.48 6.68 0.41
CA ASN A 53 -1.65 6.63 1.60
C ASN A 53 -0.36 7.41 1.35
N HIS A 54 -0.51 8.51 0.63
CA HIS A 54 0.63 9.36 0.31
C HIS A 54 1.85 8.49 0.02
N MET A 55 1.59 7.37 -0.62
CA MET A 55 2.66 6.44 -0.97
C MET A 55 3.40 5.97 0.28
N SER A 56 2.65 5.33 1.17
CA SER A 56 3.22 4.82 2.41
C SER A 56 3.22 3.30 2.40
N VAL A 57 4.36 2.74 2.81
CA VAL A 57 4.51 1.29 2.85
C VAL A 57 3.74 0.74 4.04
N PRO A 58 3.92 1.40 5.21
CA PRO A 58 3.25 0.98 6.42
C PRO A 58 1.78 1.37 6.41
N GLN A 59 1.54 2.67 6.27
CA GLN A 59 0.18 3.18 6.23
C GLN A 59 -0.67 2.36 5.27
N ALA A 60 -0.23 2.32 4.02
CA ALA A 60 -0.94 1.56 2.99
C ALA A 60 -1.43 0.24 3.59
N MET A 61 -0.50 -0.48 4.18
CA MET A 61 -0.82 -1.76 4.80
C MET A 61 -2.19 -1.71 5.47
N GLU A 62 -2.26 -0.93 6.54
CA GLU A 62 -3.50 -0.79 7.28
C GLU A 62 -4.66 -0.52 6.33
N TRP A 63 -4.44 0.42 5.43
CA TRP A 63 -5.46 0.78 4.45
C TRP A 63 -5.86 -0.48 3.69
N LEU A 64 -4.85 -1.22 3.28
CA LEU A 64 -5.08 -2.46 2.54
C LEU A 64 -5.83 -3.44 3.43
N ILE A 65 -5.70 -3.24 4.73
CA ILE A 65 -6.38 -4.10 5.70
C ILE A 65 -7.81 -3.62 5.89
N GLU A 66 -7.96 -2.31 5.97
CA GLU A 66 -9.27 -1.70 6.16
C GLU A 66 -10.08 -1.77 4.87
N HIS A 67 -9.47 -1.25 3.80
CA HIS A 67 -10.13 -1.24 2.51
C HIS A 67 -10.26 -2.68 1.99
N ALA A 68 -9.57 -3.58 2.68
CA ALA A 68 -9.60 -4.99 2.30
C ALA A 68 -11.02 -5.37 1.89
N GLU A 69 -11.98 -4.79 2.60
CA GLU A 69 -13.38 -5.07 2.32
C GLU A 69 -14.11 -3.77 1.94
N ASP A 70 -13.66 -3.18 0.85
CA ASP A 70 -14.26 -1.94 0.36
C ASP A 70 -14.77 -2.15 -1.06
N PRO A 71 -15.92 -1.50 -1.36
CA PRO A 71 -16.53 -1.60 -2.68
C PRO A 71 -15.75 -0.77 -3.70
N THR A 72 -15.66 0.52 -3.42
CA THR A 72 -14.96 1.44 -4.29
C THR A 72 -13.70 0.78 -4.86
N ILE A 73 -13.04 0.01 -3.99
CA ILE A 73 -11.82 -0.68 -4.38
C ILE A 73 -12.01 -1.29 -5.77
N ASP A 74 -13.16 -1.92 -5.96
CA ASP A 74 -13.48 -2.56 -7.22
C ASP A 74 -14.77 -3.36 -7.08
N THR A 75 -15.88 -2.67 -7.32
CA THR A 75 -17.19 -3.30 -7.22
C THR A 75 -17.42 -3.83 -5.82
N PRO A 76 -18.71 -3.81 -5.39
CA PRO A 76 -19.08 -4.28 -4.07
C PRO A 76 -19.05 -5.82 -4.01
N LEU A 77 -18.24 -6.33 -3.10
CA LEU A 77 -18.11 -7.77 -2.94
C LEU A 77 -18.70 -8.17 -1.59
N SER A 78 -20.02 -8.33 -1.57
CA SER A 78 -20.72 -8.71 -0.36
C SER A 78 -20.97 -10.21 -0.36
N GLY A 79 -21.08 -10.77 0.84
CA GLY A 79 -21.32 -12.19 1.00
C GLY A 79 -22.35 -12.46 2.09
N PRO A 80 -21.84 -12.52 3.36
CA PRO A 80 -22.71 -12.76 4.50
C PRO A 80 -23.54 -11.52 4.85
N SER A 81 -24.70 -11.75 5.42
CA SER A 81 -25.59 -10.67 5.80
C SER A 81 -25.13 -10.07 7.13
N SER A 82 -24.48 -8.92 7.03
CA SER A 82 -23.98 -8.23 8.21
C SER A 82 -24.34 -6.75 8.14
N GLY A 83 -25.47 -6.41 8.76
CA GLY A 83 -25.94 -5.04 8.77
C GLY A 83 -27.39 -4.96 9.22
N GLY A 1 -31.05 -12.56 -0.75
CA GLY A 1 -29.60 -12.61 -0.64
C GLY A 1 -29.08 -11.55 0.33
N SER A 2 -28.27 -11.99 1.27
CA SER A 2 -27.70 -11.10 2.26
C SER A 2 -26.84 -11.88 3.25
N SER A 3 -26.08 -11.14 4.05
CA SER A 3 -25.21 -11.76 5.03
C SER A 3 -24.39 -10.68 5.75
N GLY A 4 -23.56 -11.13 6.68
CA GLY A 4 -22.72 -10.22 7.44
C GLY A 4 -21.47 -10.93 7.95
N SER A 5 -20.60 -10.15 8.58
CA SER A 5 -19.36 -10.69 9.12
C SER A 5 -19.18 -10.24 10.56
N SER A 6 -18.30 -10.93 11.27
CA SER A 6 -18.02 -10.62 12.66
C SER A 6 -16.68 -11.22 13.08
N GLY A 7 -15.83 -10.37 13.61
CA GLY A 7 -14.51 -10.81 14.07
C GLY A 7 -13.40 -10.11 13.28
N ASP A 8 -12.20 -10.18 13.83
CA ASP A 8 -11.05 -9.57 13.19
C ASP A 8 -9.78 -9.91 13.98
N ALA A 9 -8.97 -10.79 13.40
CA ALA A 9 -7.74 -11.20 14.04
C ALA A 9 -6.57 -10.90 13.11
N VAL A 10 -6.01 -9.71 13.29
CA VAL A 10 -4.88 -9.29 12.46
C VAL A 10 -3.85 -8.59 13.36
N GLU A 11 -2.66 -9.17 13.40
CA GLU A 11 -1.58 -8.62 14.20
C GLU A 11 -0.78 -7.60 13.39
N LEU A 12 -0.56 -6.44 14.00
CA LEU A 12 0.19 -5.38 13.33
C LEU A 12 1.60 -5.34 13.90
N PHE A 13 2.53 -4.89 13.06
CA PHE A 13 3.92 -4.80 13.46
C PHE A 13 4.55 -3.49 12.96
N LYS A 14 5.48 -2.97 13.75
CA LYS A 14 6.15 -1.74 13.40
C LYS A 14 7.64 -1.87 13.72
N LYS A 15 8.46 -1.56 12.73
CA LYS A 15 9.90 -1.64 12.89
C LYS A 15 10.46 -0.24 13.16
N ALA A 16 10.53 0.55 12.10
CA ALA A 16 11.04 1.90 12.20
C ALA A 16 12.26 1.92 13.14
N ASN A 17 13.41 1.67 12.55
CA ASN A 17 14.65 1.65 13.32
C ASN A 17 15.79 2.18 12.44
N ALA A 18 15.94 1.56 11.29
CA ALA A 18 16.98 1.96 10.35
C ALA A 18 16.35 2.63 9.13
N MET A 19 15.20 2.11 8.75
CA MET A 19 14.48 2.64 7.60
C MET A 19 13.91 4.03 7.91
N LEU A 20 13.90 4.87 6.89
CA LEU A 20 13.39 6.22 7.04
C LEU A 20 12.08 6.35 6.27
N ASP A 21 12.14 7.10 5.17
CA ASP A 21 10.97 7.31 4.34
C ASP A 21 11.34 8.25 3.19
N GLU A 22 10.82 7.92 2.02
CA GLU A 22 11.08 8.72 0.83
C GLU A 22 9.78 9.05 0.10
N ASP A 23 9.73 10.24 -0.47
CA ASP A 23 8.55 10.67 -1.20
C ASP A 23 8.96 11.20 -2.57
N GLU A 24 8.59 10.44 -3.59
CA GLU A 24 8.91 10.81 -4.96
C GLU A 24 7.76 11.60 -5.59
N ASP A 25 8.04 12.19 -6.74
CA ASP A 25 7.04 12.97 -7.45
C ASP A 25 6.74 12.31 -8.79
N GLU A 26 5.59 12.66 -9.35
CA GLU A 26 5.17 12.11 -10.62
C GLU A 26 5.03 10.58 -10.53
N ARG A 27 3.84 10.11 -10.89
CA ARG A 27 3.56 8.69 -10.85
C ARG A 27 3.79 8.14 -9.45
N VAL A 28 3.23 6.97 -9.20
CA VAL A 28 3.37 6.32 -7.90
C VAL A 28 4.82 5.88 -7.71
N ASP A 29 5.13 5.48 -6.49
CA ASP A 29 6.46 5.02 -6.16
C ASP A 29 6.55 3.51 -6.37
N GLU A 30 7.70 3.08 -6.89
CA GLU A 30 7.92 1.67 -7.14
C GLU A 30 8.50 0.99 -5.90
N ALA A 31 9.48 1.66 -5.30
CA ALA A 31 10.12 1.13 -4.10
C ALA A 31 9.05 0.71 -3.10
N ALA A 32 8.15 1.63 -2.81
CA ALA A 32 7.08 1.37 -1.87
C ALA A 32 6.21 0.24 -2.42
N LEU A 33 5.68 0.46 -3.61
CA LEU A 33 4.83 -0.52 -4.25
C LEU A 33 5.43 -1.92 -4.06
N ARG A 34 6.72 -2.02 -4.33
CA ARG A 34 7.42 -3.28 -4.19
C ARG A 34 7.21 -3.85 -2.78
N GLN A 35 7.42 -2.99 -1.79
CA GLN A 35 7.26 -3.39 -0.40
C GLN A 35 5.93 -4.11 -0.21
N LEU A 36 4.86 -3.41 -0.56
CA LEU A 36 3.52 -3.98 -0.44
C LEU A 36 3.45 -5.29 -1.23
N THR A 37 3.58 -5.16 -2.53
CA THR A 37 3.52 -6.32 -3.41
C THR A 37 4.37 -7.45 -2.84
N GLU A 38 5.48 -7.08 -2.23
CA GLU A 38 6.38 -8.05 -1.64
C GLU A 38 5.73 -8.70 -0.41
N MET A 39 5.02 -7.88 0.35
CA MET A 39 4.34 -8.35 1.55
C MET A 39 3.26 -9.38 1.19
N GLY A 40 2.34 -8.94 0.35
CA GLY A 40 1.25 -9.82 -0.07
C GLY A 40 0.00 -9.00 -0.40
N PHE A 41 0.16 -8.08 -1.36
CA PHE A 41 -0.94 -7.24 -1.77
C PHE A 41 -0.93 -7.04 -3.30
N PRO A 42 -2.15 -6.78 -3.84
CA PRO A 42 -2.30 -6.57 -5.27
C PRO A 42 -1.76 -5.20 -5.68
N GLU A 43 -0.98 -5.19 -6.76
CA GLU A 43 -0.41 -3.95 -7.26
C GLU A 43 -1.51 -2.91 -7.49
N ASN A 44 -2.54 -3.34 -8.19
CA ASN A 44 -3.66 -2.45 -8.48
C ASN A 44 -4.03 -1.68 -7.22
N ARG A 45 -4.35 -2.44 -6.17
CA ARG A 45 -4.73 -1.83 -4.90
C ARG A 45 -3.53 -1.12 -4.28
N ALA A 46 -2.48 -1.90 -4.05
CA ALA A 46 -1.26 -1.35 -3.46
C ALA A 46 -0.98 0.03 -4.05
N THR A 47 -1.06 0.10 -5.36
CA THR A 47 -0.81 1.34 -6.06
C THR A 47 -1.80 2.41 -5.60
N LYS A 48 -3.08 2.14 -5.85
CA LYS A 48 -4.12 3.07 -5.48
C LYS A 48 -3.97 3.43 -3.99
N ALA A 49 -3.99 2.40 -3.17
CA ALA A 49 -3.84 2.58 -1.73
C ALA A 49 -2.71 3.57 -1.45
N LEU A 50 -1.55 3.26 -2.03
CA LEU A 50 -0.38 4.11 -1.85
C LEU A 50 -0.77 5.57 -2.12
N GLN A 51 -1.27 5.80 -3.33
CA GLN A 51 -1.69 7.14 -3.72
C GLN A 51 -2.58 7.75 -2.64
N LEU A 52 -3.36 6.90 -2.00
CA LEU A 52 -4.26 7.34 -0.95
C LEU A 52 -3.50 7.45 0.36
N ASN A 53 -2.42 6.68 0.45
CA ASN A 53 -1.59 6.69 1.65
C ASN A 53 -0.29 7.45 1.36
N HIS A 54 -0.43 8.55 0.63
CA HIS A 54 0.72 9.36 0.27
C HIS A 54 1.92 8.47 -0.01
N MET A 55 1.64 7.36 -0.70
CA MET A 55 2.68 6.41 -1.05
C MET A 55 3.41 5.91 0.21
N SER A 56 2.62 5.36 1.12
CA SER A 56 3.16 4.83 2.36
C SER A 56 3.21 3.31 2.30
N VAL A 57 4.32 2.75 2.77
CA VAL A 57 4.50 1.31 2.77
C VAL A 57 3.69 0.72 3.93
N PRO A 58 3.85 1.35 5.13
CA PRO A 58 3.15 0.88 6.31
C PRO A 58 1.67 1.28 6.26
N GLN A 59 1.43 2.58 6.27
CA GLN A 59 0.08 3.10 6.22
C GLN A 59 -0.76 2.31 5.22
N ALA A 60 -0.27 2.27 3.98
CA ALA A 60 -0.96 1.54 2.93
C ALA A 60 -1.50 0.23 3.48
N MET A 61 -0.59 -0.57 4.02
CA MET A 61 -0.97 -1.86 4.58
C MET A 61 -2.32 -1.76 5.31
N GLU A 62 -2.31 -1.02 6.40
CA GLU A 62 -3.51 -0.85 7.19
C GLU A 62 -4.70 -0.51 6.28
N TRP A 63 -4.47 0.42 5.37
CA TRP A 63 -5.50 0.84 4.44
C TRP A 63 -5.96 -0.40 3.66
N LEU A 64 -5.00 -1.28 3.38
CA LEU A 64 -5.30 -2.50 2.64
C LEU A 64 -6.03 -3.48 3.57
N ILE A 65 -5.82 -3.28 4.86
CA ILE A 65 -6.45 -4.14 5.85
C ILE A 65 -7.89 -3.67 6.08
N GLU A 66 -8.07 -2.37 6.07
CA GLU A 66 -9.38 -1.78 6.27
C GLU A 66 -10.22 -1.91 4.99
N HIS A 67 -9.83 -1.16 3.97
CA HIS A 67 -10.54 -1.19 2.71
C HIS A 67 -10.72 -2.64 2.25
N ALA A 68 -9.86 -3.50 2.77
CA ALA A 68 -9.91 -4.92 2.43
C ALA A 68 -11.37 -5.37 2.39
N GLU A 69 -12.11 -4.98 3.42
CA GLU A 69 -13.51 -5.33 3.52
C GLU A 69 -14.33 -4.53 2.50
N ASP A 70 -14.00 -3.25 2.42
CA ASP A 70 -14.70 -2.37 1.49
C ASP A 70 -14.82 -3.05 0.13
N PRO A 71 -16.10 -3.11 -0.37
CA PRO A 71 -16.36 -3.74 -1.65
C PRO A 71 -15.91 -2.83 -2.80
N THR A 72 -15.76 -1.55 -2.48
CA THR A 72 -15.34 -0.57 -3.47
C THR A 72 -13.91 -0.11 -3.20
N ILE A 73 -12.98 -1.02 -3.44
CA ILE A 73 -11.57 -0.72 -3.22
C ILE A 73 -10.89 -0.50 -4.58
N ASP A 74 -11.44 -1.15 -5.59
CA ASP A 74 -10.89 -1.04 -6.94
C ASP A 74 -11.77 -1.81 -7.91
N THR A 75 -11.96 -3.09 -7.60
CA THR A 75 -12.78 -3.95 -8.43
C THR A 75 -13.98 -4.48 -7.65
N PRO A 76 -15.13 -4.60 -8.36
CA PRO A 76 -16.35 -5.08 -7.74
C PRO A 76 -16.29 -6.59 -7.52
N LEU A 77 -16.08 -6.97 -6.27
CA LEU A 77 -15.99 -8.37 -5.91
C LEU A 77 -16.92 -8.64 -4.72
N SER A 78 -17.23 -9.92 -4.53
CA SER A 78 -18.09 -10.32 -3.44
C SER A 78 -17.30 -10.38 -2.13
N GLY A 79 -16.21 -11.13 -2.16
CA GLY A 79 -15.36 -11.27 -1.00
C GLY A 79 -15.59 -12.62 -0.30
N PRO A 80 -15.48 -12.61 1.05
CA PRO A 80 -15.67 -13.81 1.84
C PRO A 80 -17.16 -14.17 1.93
N SER A 81 -17.74 -14.44 0.77
CA SER A 81 -19.15 -14.81 0.72
C SER A 81 -19.36 -15.92 -0.31
N SER A 82 -20.19 -16.89 0.08
CA SER A 82 -20.48 -18.02 -0.79
C SER A 82 -21.90 -17.88 -1.36
N GLY A 83 -22.03 -18.26 -2.62
CA GLY A 83 -23.32 -18.18 -3.29
C GLY A 83 -24.44 -18.75 -2.40
N GLY A 1 0.12 -38.96 -48.48
CA GLY A 1 -0.13 -37.96 -47.46
C GLY A 1 0.31 -36.57 -47.92
N SER A 2 0.08 -35.60 -47.06
CA SER A 2 0.45 -34.22 -47.37
C SER A 2 0.36 -33.37 -46.10
N SER A 3 0.89 -32.16 -46.21
CA SER A 3 0.88 -31.24 -45.09
C SER A 3 0.91 -29.79 -45.60
N GLY A 4 0.69 -28.86 -44.67
CA GLY A 4 0.69 -27.46 -45.02
C GLY A 4 1.85 -26.72 -44.33
N SER A 5 1.48 -25.69 -43.59
CA SER A 5 2.48 -24.89 -42.87
C SER A 5 1.77 -23.88 -41.96
N SER A 6 2.47 -23.55 -40.87
CA SER A 6 1.93 -22.60 -39.91
C SER A 6 2.90 -22.43 -38.75
N GLY A 7 2.76 -21.31 -38.05
CA GLY A 7 3.61 -21.01 -36.92
C GLY A 7 2.98 -19.95 -36.02
N ASP A 8 3.69 -19.64 -34.94
CA ASP A 8 3.21 -18.63 -34.00
C ASP A 8 4.38 -18.16 -33.14
N ALA A 9 4.17 -17.03 -32.48
CA ALA A 9 5.19 -16.45 -31.62
C ALA A 9 4.53 -15.83 -30.39
N VAL A 10 5.36 -15.38 -29.47
CA VAL A 10 4.87 -14.76 -28.25
C VAL A 10 5.97 -13.88 -27.66
N GLU A 11 5.57 -12.68 -27.26
CA GLU A 11 6.50 -11.73 -26.67
C GLU A 11 6.19 -11.52 -25.19
N LEU A 12 7.24 -11.37 -24.40
CA LEU A 12 7.08 -11.16 -22.98
C LEU A 12 8.22 -10.27 -22.47
N PHE A 13 8.01 -9.71 -21.29
CA PHE A 13 9.01 -8.83 -20.69
C PHE A 13 8.58 -8.39 -19.28
N LYS A 14 9.55 -7.94 -18.52
CA LYS A 14 9.29 -7.49 -17.16
C LYS A 14 10.56 -6.87 -16.57
N LYS A 15 10.97 -5.77 -17.17
CA LYS A 15 12.18 -5.08 -16.71
C LYS A 15 11.78 -3.86 -15.88
N ALA A 16 12.58 -3.60 -14.86
CA ALA A 16 12.31 -2.48 -13.98
C ALA A 16 13.54 -2.25 -13.08
N ASN A 17 14.19 -1.11 -13.29
CA ASN A 17 15.36 -0.76 -12.51
C ASN A 17 15.91 0.58 -13.00
N ALA A 18 15.92 1.55 -12.10
CA ALA A 18 16.43 2.87 -12.42
C ALA A 18 16.79 3.61 -11.13
N MET A 19 15.80 3.69 -10.24
CA MET A 19 15.99 4.36 -8.97
C MET A 19 16.38 5.83 -9.18
N LEU A 20 15.46 6.71 -8.82
CA LEU A 20 15.70 8.14 -8.96
C LEU A 20 14.60 8.91 -8.23
N ASP A 21 14.99 9.54 -7.12
CA ASP A 21 14.04 10.30 -6.33
C ASP A 21 14.23 11.79 -6.62
N GLU A 22 13.18 12.40 -7.13
CA GLU A 22 13.21 13.82 -7.45
C GLU A 22 11.86 14.47 -7.18
N ASP A 23 11.62 14.73 -5.90
CA ASP A 23 10.37 15.34 -5.49
C ASP A 23 9.20 14.45 -5.91
N GLU A 24 8.08 14.64 -5.24
CA GLU A 24 6.88 13.87 -5.54
C GLU A 24 6.44 14.10 -6.99
N ASP A 25 5.68 13.15 -7.50
CA ASP A 25 5.19 13.24 -8.87
C ASP A 25 3.91 12.42 -9.00
N GLU A 26 3.17 12.70 -10.06
CA GLU A 26 1.92 12.00 -10.32
C GLU A 26 2.11 10.49 -10.14
N ARG A 27 2.97 9.94 -10.99
CA ARG A 27 3.25 8.51 -10.94
C ARG A 27 3.47 8.06 -9.49
N VAL A 28 3.19 6.79 -9.25
CA VAL A 28 3.34 6.23 -7.93
C VAL A 28 4.79 5.77 -7.74
N ASP A 29 5.11 5.44 -6.50
CA ASP A 29 6.46 4.98 -6.17
C ASP A 29 6.54 3.47 -6.34
N GLU A 30 7.69 3.02 -6.83
CA GLU A 30 7.91 1.60 -7.04
C GLU A 30 8.49 0.96 -5.78
N ALA A 31 9.52 1.60 -5.25
CA ALA A 31 10.18 1.10 -4.05
C ALA A 31 9.12 0.71 -3.03
N ALA A 32 8.22 1.64 -2.75
CA ALA A 32 7.16 1.41 -1.79
C ALA A 32 6.28 0.25 -2.29
N LEU A 33 5.69 0.45 -3.46
CA LEU A 33 4.84 -0.56 -4.05
C LEU A 33 5.46 -1.94 -3.82
N ARG A 34 6.69 -2.08 -4.28
CA ARG A 34 7.41 -3.34 -4.15
C ARG A 34 7.20 -3.91 -2.74
N GLN A 35 7.40 -3.06 -1.75
CA GLN A 35 7.24 -3.46 -0.36
C GLN A 35 5.90 -4.17 -0.17
N LEU A 36 4.84 -3.50 -0.61
CA LEU A 36 3.50 -4.06 -0.50
C LEU A 36 3.42 -5.35 -1.31
N THR A 37 3.53 -5.19 -2.63
CA THR A 37 3.47 -6.32 -3.53
C THR A 37 4.33 -7.48 -2.99
N GLU A 38 5.42 -7.11 -2.34
CA GLU A 38 6.32 -8.09 -1.78
C GLU A 38 5.69 -8.76 -0.55
N MET A 39 4.98 -7.95 0.22
CA MET A 39 4.32 -8.45 1.42
C MET A 39 3.25 -9.47 1.06
N GLY A 40 2.35 -9.06 0.18
CA GLY A 40 1.27 -9.93 -0.25
C GLY A 40 0.01 -9.12 -0.56
N PHE A 41 0.17 -8.13 -1.42
CA PHE A 41 -0.94 -7.28 -1.81
C PHE A 41 -0.98 -7.08 -3.32
N PRO A 42 -2.21 -6.82 -3.83
CA PRO A 42 -2.40 -6.61 -5.26
C PRO A 42 -1.88 -5.23 -5.68
N GLU A 43 -0.95 -5.25 -6.63
CA GLU A 43 -0.37 -4.01 -7.13
C GLU A 43 -1.46 -2.99 -7.43
N ASN A 44 -2.46 -3.45 -8.16
CA ASN A 44 -3.58 -2.59 -8.53
C ASN A 44 -3.98 -1.74 -7.32
N ARG A 45 -4.48 -2.42 -6.30
CA ARG A 45 -4.90 -1.74 -5.08
C ARG A 45 -3.70 -1.07 -4.41
N ALA A 46 -2.68 -1.88 -4.15
CA ALA A 46 -1.48 -1.37 -3.50
C ALA A 46 -1.13 0.00 -4.08
N THR A 47 -1.12 0.07 -5.41
CA THR A 47 -0.80 1.30 -6.10
C THR A 47 -1.75 2.41 -5.65
N LYS A 48 -3.04 2.14 -5.77
CA LYS A 48 -4.05 3.10 -5.39
C LYS A 48 -3.88 3.45 -3.91
N ALA A 49 -3.99 2.43 -3.08
CA ALA A 49 -3.85 2.62 -1.64
C ALA A 49 -2.70 3.59 -1.37
N LEU A 50 -1.58 3.34 -2.03
CA LEU A 50 -0.40 4.18 -1.86
C LEU A 50 -0.80 5.65 -2.10
N GLN A 51 -1.31 5.90 -3.30
CA GLN A 51 -1.73 7.24 -3.66
C GLN A 51 -2.54 7.87 -2.53
N LEU A 52 -3.45 7.08 -1.98
CA LEU A 52 -4.30 7.54 -0.89
C LEU A 52 -3.46 7.62 0.39
N ASN A 53 -2.45 6.76 0.46
CA ASN A 53 -1.59 6.72 1.63
C ASN A 53 -0.30 7.50 1.32
N HIS A 54 -0.46 8.59 0.59
CA HIS A 54 0.67 9.42 0.22
C HIS A 54 1.88 8.55 -0.08
N MET A 55 1.62 7.42 -0.73
CA MET A 55 2.67 6.49 -1.08
C MET A 55 3.39 5.98 0.17
N SER A 56 2.61 5.41 1.08
CA SER A 56 3.16 4.89 2.31
C SER A 56 3.20 3.36 2.26
N VAL A 57 4.32 2.82 2.72
CA VAL A 57 4.51 1.37 2.73
C VAL A 57 3.70 0.77 3.89
N PRO A 58 3.85 1.40 5.08
CA PRO A 58 3.16 0.94 6.27
C PRO A 58 1.68 1.33 6.21
N GLN A 59 1.43 2.63 6.23
CA GLN A 59 0.08 3.14 6.18
C GLN A 59 -0.75 2.34 5.17
N ALA A 60 -0.23 2.26 3.96
CA ALA A 60 -0.91 1.54 2.89
C ALA A 60 -1.52 0.26 3.46
N MET A 61 -0.65 -0.57 4.04
CA MET A 61 -1.08 -1.82 4.63
C MET A 61 -2.44 -1.67 5.31
N GLU A 62 -2.43 -0.87 6.38
CA GLU A 62 -3.64 -0.64 7.14
C GLU A 62 -4.81 -0.35 6.19
N TRP A 63 -4.58 0.59 5.28
CA TRP A 63 -5.60 0.97 4.31
C TRP A 63 -6.03 -0.29 3.56
N LEU A 64 -5.05 -1.17 3.33
CA LEU A 64 -5.31 -2.40 2.62
C LEU A 64 -6.02 -3.38 3.57
N ILE A 65 -5.76 -3.22 4.85
CA ILE A 65 -6.36 -4.07 5.85
C ILE A 65 -7.80 -3.63 6.10
N GLU A 66 -7.99 -2.32 6.12
CA GLU A 66 -9.31 -1.75 6.33
C GLU A 66 -10.17 -1.91 5.08
N HIS A 67 -9.64 -1.38 3.98
CA HIS A 67 -10.36 -1.46 2.71
C HIS A 67 -10.44 -2.91 2.25
N ALA A 68 -9.69 -3.76 2.94
CA ALA A 68 -9.68 -5.18 2.62
C ALA A 68 -11.10 -5.63 2.27
N GLU A 69 -12.07 -4.97 2.89
CA GLU A 69 -13.47 -5.29 2.64
C GLU A 69 -14.27 -4.01 2.39
N ASP A 70 -13.89 -3.33 1.32
CA ASP A 70 -14.57 -2.09 0.95
C ASP A 70 -15.18 -2.25 -0.44
N PRO A 71 -16.26 -1.45 -0.70
CA PRO A 71 -16.93 -1.49 -1.97
C PRO A 71 -16.10 -0.78 -3.05
N THR A 72 -15.72 0.45 -2.73
CA THR A 72 -14.93 1.25 -3.66
C THR A 72 -13.79 0.41 -4.25
N ILE A 73 -12.96 -0.12 -3.36
CA ILE A 73 -11.84 -0.94 -3.78
C ILE A 73 -12.29 -1.90 -4.88
N ASP A 74 -13.52 -2.36 -4.74
CA ASP A 74 -14.09 -3.28 -5.72
C ASP A 74 -14.57 -2.49 -6.94
N THR A 75 -14.02 -2.84 -8.09
CA THR A 75 -14.39 -2.18 -9.33
C THR A 75 -14.43 -3.18 -10.48
N PRO A 76 -15.36 -2.93 -11.44
CA PRO A 76 -15.51 -3.80 -12.59
C PRO A 76 -14.37 -3.59 -13.60
N LEU A 77 -13.47 -4.55 -13.63
CA LEU A 77 -12.33 -4.49 -14.54
C LEU A 77 -12.56 -5.44 -15.72
N SER A 78 -12.85 -4.85 -16.87
CA SER A 78 -13.09 -5.62 -18.06
C SER A 78 -14.44 -6.35 -17.96
N GLY A 79 -15.11 -6.43 -19.09
CA GLY A 79 -16.41 -7.07 -19.14
C GLY A 79 -16.28 -8.57 -18.84
N PRO A 80 -16.59 -9.41 -19.87
CA PRO A 80 -16.51 -10.84 -19.72
C PRO A 80 -15.06 -11.33 -19.72
N SER A 81 -14.27 -10.70 -20.58
CA SER A 81 -12.87 -11.05 -20.68
C SER A 81 -12.71 -12.53 -21.04
N SER A 82 -12.79 -12.82 -22.33
CA SER A 82 -12.66 -14.18 -22.80
C SER A 82 -11.29 -14.74 -22.45
N GLY A 83 -11.30 -15.83 -21.69
CA GLY A 83 -10.06 -16.47 -21.28
C GLY A 83 -9.95 -17.88 -21.85
N GLY A 1 -11.24 -38.68 8.37
CA GLY A 1 -11.12 -37.39 9.03
C GLY A 1 -9.75 -36.77 8.77
N SER A 2 -9.49 -35.67 9.49
CA SER A 2 -8.22 -34.98 9.34
C SER A 2 -8.15 -33.84 10.37
N SER A 3 -6.95 -33.28 10.48
CA SER A 3 -6.72 -32.19 11.41
C SER A 3 -5.47 -31.40 11.01
N GLY A 4 -5.29 -30.27 11.66
CA GLY A 4 -4.13 -29.42 11.38
C GLY A 4 -3.88 -28.44 12.53
N SER A 5 -2.91 -27.58 12.33
CA SER A 5 -2.56 -26.59 13.33
C SER A 5 -1.44 -25.68 12.80
N SER A 6 -1.17 -24.62 13.56
CA SER A 6 -0.14 -23.67 13.18
C SER A 6 0.04 -22.63 14.29
N GLY A 7 1.16 -21.93 14.22
CA GLY A 7 1.46 -20.91 15.20
C GLY A 7 1.36 -19.51 14.59
N ASP A 8 2.14 -18.59 15.14
CA ASP A 8 2.13 -17.22 14.66
C ASP A 8 3.30 -16.46 15.30
N ALA A 9 4.08 -15.82 14.45
CA ALA A 9 5.22 -15.06 14.91
C ALA A 9 5.50 -13.90 13.94
N VAL A 10 6.20 -12.90 14.44
CA VAL A 10 6.53 -11.74 13.63
C VAL A 10 7.80 -11.09 14.17
N GLU A 11 8.84 -11.13 13.34
CA GLU A 11 10.12 -10.55 13.72
C GLU A 11 11.13 -10.72 12.58
N LEU A 12 10.92 -9.93 11.54
CA LEU A 12 11.80 -9.97 10.38
C LEU A 12 11.41 -8.86 9.41
N PHE A 13 12.21 -8.72 8.36
CA PHE A 13 11.96 -7.71 7.35
C PHE A 13 11.79 -6.32 7.99
N LYS A 14 11.70 -5.32 7.13
CA LYS A 14 11.54 -3.95 7.59
C LYS A 14 12.82 -3.50 8.30
N LYS A 15 13.63 -2.75 7.57
CA LYS A 15 14.88 -2.25 8.11
C LYS A 15 15.53 -1.30 7.10
N ALA A 16 14.86 -0.19 6.86
CA ALA A 16 15.36 0.80 5.92
C ALA A 16 15.70 2.08 6.67
N ASN A 17 16.73 2.76 6.18
CA ASN A 17 17.17 4.00 6.80
C ASN A 17 16.07 5.05 6.68
N ALA A 18 16.09 5.99 7.61
CA ALA A 18 15.09 7.05 7.61
C ALA A 18 15.32 7.97 6.42
N MET A 19 14.24 8.26 5.72
CA MET A 19 14.31 9.13 4.55
C MET A 19 13.25 10.23 4.62
N LEU A 20 13.65 11.41 4.18
CA LEU A 20 12.74 12.56 4.19
C LEU A 20 12.72 13.19 2.79
N ASP A 21 12.81 14.51 2.78
CA ASP A 21 12.81 15.24 1.53
C ASP A 21 11.41 15.16 0.90
N GLU A 22 11.07 13.95 0.47
CA GLU A 22 9.78 13.72 -0.15
C GLU A 22 9.56 14.68 -1.32
N ASP A 23 10.25 14.39 -2.41
CA ASP A 23 10.15 15.22 -3.60
C ASP A 23 8.83 14.92 -4.32
N GLU A 24 8.34 15.92 -5.04
CA GLU A 24 7.09 15.77 -5.78
C GLU A 24 7.21 14.63 -6.79
N ASP A 25 6.10 13.93 -6.96
CA ASP A 25 6.06 12.81 -7.89
C ASP A 25 4.72 12.82 -8.63
N GLU A 26 4.72 12.18 -9.79
CA GLU A 26 3.52 12.11 -10.60
C GLU A 26 2.86 10.72 -10.45
N ARG A 27 3.62 9.71 -10.83
CA ARG A 27 3.13 8.34 -10.74
C ARG A 27 3.50 7.73 -9.39
N VAL A 28 2.66 6.82 -8.93
CA VAL A 28 2.88 6.15 -7.66
C VAL A 28 4.35 5.75 -7.56
N ASP A 29 4.75 5.43 -6.33
CA ASP A 29 6.13 5.02 -6.08
C ASP A 29 6.25 3.51 -6.26
N GLU A 30 7.35 3.11 -6.88
CA GLU A 30 7.60 1.70 -7.13
C GLU A 30 8.30 1.07 -5.92
N ALA A 31 9.39 1.71 -5.51
CA ALA A 31 10.16 1.24 -4.37
C ALA A 31 9.20 0.82 -3.25
N ALA A 32 8.25 1.70 -2.97
CA ALA A 32 7.28 1.44 -1.92
C ALA A 32 6.38 0.28 -2.35
N LEU A 33 5.78 0.45 -3.52
CA LEU A 33 4.89 -0.58 -4.05
C LEU A 33 5.51 -1.96 -3.83
N ARG A 34 6.75 -2.09 -4.27
CA ARG A 34 7.47 -3.35 -4.12
C ARG A 34 7.28 -3.90 -2.71
N GLN A 35 7.51 -3.04 -1.73
CA GLN A 35 7.36 -3.43 -0.33
C GLN A 35 6.05 -4.16 -0.12
N LEU A 36 4.97 -3.53 -0.56
CA LEU A 36 3.64 -4.11 -0.43
C LEU A 36 3.59 -5.43 -1.22
N THR A 37 3.67 -5.29 -2.53
CA THR A 37 3.63 -6.46 -3.40
C THR A 37 4.50 -7.58 -2.83
N GLU A 38 5.63 -7.18 -2.26
CA GLU A 38 6.55 -8.14 -1.68
C GLU A 38 5.87 -8.88 -0.51
N MET A 39 5.13 -8.12 0.29
CA MET A 39 4.44 -8.68 1.43
C MET A 39 3.38 -9.68 0.98
N GLY A 40 2.47 -9.21 0.14
CA GLY A 40 1.41 -10.06 -0.36
C GLY A 40 0.15 -9.24 -0.65
N PHE A 41 0.31 -8.20 -1.44
CA PHE A 41 -0.80 -7.34 -1.80
C PHE A 41 -0.87 -7.12 -3.31
N PRO A 42 -2.11 -6.87 -3.79
CA PRO A 42 -2.33 -6.64 -5.22
C PRO A 42 -1.85 -5.25 -5.63
N GLU A 43 -0.95 -5.23 -6.59
CA GLU A 43 -0.39 -3.98 -7.09
C GLU A 43 -1.52 -2.99 -7.38
N ASN A 44 -2.53 -3.48 -8.10
CA ASN A 44 -3.66 -2.64 -8.45
C ASN A 44 -4.10 -1.84 -7.22
N ARG A 45 -4.52 -2.58 -6.19
CA ARG A 45 -4.96 -1.94 -4.95
C ARG A 45 -3.80 -1.20 -4.28
N ALA A 46 -2.76 -1.96 -3.99
CA ALA A 46 -1.57 -1.39 -3.35
C ALA A 46 -1.28 -0.03 -3.96
N THR A 47 -1.29 0.01 -5.29
CA THR A 47 -1.03 1.25 -6.01
C THR A 47 -1.97 2.35 -5.53
N LYS A 48 -3.25 2.02 -5.49
CA LYS A 48 -4.26 2.97 -5.05
C LYS A 48 -3.94 3.43 -3.62
N ALA A 49 -3.93 2.46 -2.71
CA ALA A 49 -3.64 2.75 -1.32
C ALA A 49 -2.48 3.74 -1.23
N LEU A 50 -1.36 3.33 -1.81
CA LEU A 50 -0.18 4.17 -1.80
C LEU A 50 -0.58 5.61 -2.13
N GLN A 51 -1.40 5.76 -3.15
CA GLN A 51 -1.87 7.07 -3.56
C GLN A 51 -2.67 7.73 -2.44
N LEU A 52 -3.45 6.91 -1.76
CA LEU A 52 -4.27 7.39 -0.66
C LEU A 52 -3.49 7.27 0.65
N ASN A 53 -2.19 7.04 0.51
CA ASN A 53 -1.33 6.90 1.67
C ASN A 53 -0.05 7.70 1.44
N HIS A 54 -0.20 8.81 0.73
CA HIS A 54 0.93 9.68 0.44
C HIS A 54 2.15 8.82 0.08
N MET A 55 1.87 7.65 -0.47
CA MET A 55 2.93 6.74 -0.86
C MET A 55 3.61 6.13 0.37
N SER A 56 2.77 5.66 1.29
CA SER A 56 3.28 5.05 2.51
C SER A 56 3.30 3.53 2.36
N VAL A 57 4.38 2.94 2.83
CA VAL A 57 4.54 1.49 2.77
C VAL A 57 3.71 0.84 3.86
N PRO A 58 3.84 1.39 5.10
CA PRO A 58 3.10 0.88 6.24
C PRO A 58 1.63 1.29 6.18
N GLN A 59 1.42 2.60 6.27
CA GLN A 59 0.07 3.13 6.23
C GLN A 59 -0.75 2.42 5.15
N ALA A 60 -0.15 2.30 3.98
CA ALA A 60 -0.81 1.64 2.87
C ALA A 60 -1.40 0.32 3.34
N MET A 61 -0.58 -0.46 4.02
CA MET A 61 -1.02 -1.75 4.53
C MET A 61 -2.38 -1.64 5.21
N GLU A 62 -2.41 -0.90 6.30
CA GLU A 62 -3.65 -0.71 7.04
C GLU A 62 -4.79 -0.35 6.09
N TRP A 63 -4.50 0.57 5.18
CA TRP A 63 -5.49 1.01 4.21
C TRP A 63 -5.99 -0.23 3.46
N LEU A 64 -5.06 -1.15 3.22
CA LEU A 64 -5.40 -2.37 2.51
C LEU A 64 -6.18 -3.30 3.44
N ILE A 65 -5.80 -3.27 4.72
CA ILE A 65 -6.46 -4.09 5.72
C ILE A 65 -7.87 -3.57 5.96
N GLU A 66 -8.02 -2.25 5.81
CA GLU A 66 -9.31 -1.62 6.00
C GLU A 66 -10.18 -1.79 4.76
N HIS A 67 -9.76 -1.14 3.69
CA HIS A 67 -10.49 -1.20 2.44
C HIS A 67 -10.68 -2.67 2.03
N ALA A 68 -9.82 -3.51 2.57
CA ALA A 68 -9.88 -4.94 2.28
C ALA A 68 -11.33 -5.39 2.28
N GLU A 69 -12.08 -4.88 3.24
CA GLU A 69 -13.50 -5.23 3.35
C GLU A 69 -14.36 -4.15 2.70
N ASP A 70 -13.96 -3.76 1.50
CA ASP A 70 -14.69 -2.74 0.76
C ASP A 70 -15.02 -3.27 -0.63
N PRO A 71 -16.34 -3.23 -0.96
CA PRO A 71 -16.80 -3.70 -2.26
C PRO A 71 -16.46 -2.69 -3.36
N THR A 72 -16.12 -1.49 -2.93
CA THR A 72 -15.76 -0.44 -3.87
C THR A 72 -14.36 0.10 -3.57
N ILE A 73 -13.36 -0.71 -3.91
CA ILE A 73 -11.98 -0.32 -3.68
C ILE A 73 -11.34 0.07 -5.00
N ASP A 74 -11.58 -0.76 -6.01
CA ASP A 74 -11.03 -0.50 -7.34
C ASP A 74 -12.16 -0.15 -8.29
N THR A 75 -13.05 -1.11 -8.49
CA THR A 75 -14.19 -0.92 -9.38
C THR A 75 -15.48 -1.40 -8.70
N PRO A 76 -16.60 -0.70 -9.04
CA PRO A 76 -17.89 -1.05 -8.48
C PRO A 76 -18.45 -2.31 -9.13
N LEU A 77 -19.37 -2.94 -8.42
CA LEU A 77 -19.99 -4.16 -8.91
C LEU A 77 -18.90 -5.20 -9.19
N SER A 78 -19.36 -6.42 -9.46
CA SER A 78 -18.44 -7.51 -9.74
C SER A 78 -18.75 -8.12 -11.11
N GLY A 79 -17.80 -7.99 -12.02
CA GLY A 79 -17.96 -8.53 -13.37
C GLY A 79 -17.02 -9.70 -13.60
N PRO A 80 -17.57 -10.93 -13.43
CA PRO A 80 -16.80 -12.14 -13.62
C PRO A 80 -16.57 -12.42 -15.11
N SER A 81 -15.79 -11.54 -15.73
CA SER A 81 -15.49 -11.67 -17.14
C SER A 81 -14.06 -12.17 -17.33
N SER A 82 -13.13 -11.49 -16.65
CA SER A 82 -11.73 -11.85 -16.74
C SER A 82 -11.30 -12.58 -15.47
N GLY A 83 -10.37 -13.51 -15.64
CA GLY A 83 -9.87 -14.29 -14.51
C GLY A 83 -10.68 -15.58 -14.35
N GLY A 1 33.98 -0.48 49.06
CA GLY A 1 33.90 0.58 48.08
C GLY A 1 34.84 0.32 46.90
N SER A 2 36.06 0.83 47.04
CA SER A 2 37.06 0.65 46.01
C SER A 2 36.66 1.42 44.75
N SER A 3 37.59 1.50 43.81
CA SER A 3 37.34 2.21 42.56
C SER A 3 38.33 1.74 41.49
N GLY A 4 38.07 2.17 40.27
CA GLY A 4 38.93 1.81 39.15
C GLY A 4 38.66 2.70 37.94
N SER A 5 39.24 2.31 36.81
CA SER A 5 39.08 3.07 35.59
C SER A 5 38.64 2.14 34.46
N SER A 6 38.28 2.76 33.34
CA SER A 6 37.84 2.00 32.18
C SER A 6 38.48 2.57 30.91
N GLY A 7 38.29 1.85 29.81
CA GLY A 7 38.85 2.26 28.54
C GLY A 7 37.78 2.97 27.70
N ASP A 8 37.82 2.68 26.40
CA ASP A 8 36.87 3.27 25.48
C ASP A 8 36.90 2.49 24.15
N ALA A 9 35.90 2.77 23.32
CA ALA A 9 35.80 2.11 22.03
C ALA A 9 35.15 3.06 21.02
N VAL A 10 35.07 2.59 19.79
CA VAL A 10 34.47 3.39 18.73
C VAL A 10 34.16 2.49 17.54
N GLU A 11 33.01 2.74 16.93
CA GLU A 11 32.59 1.96 15.78
C GLU A 11 32.29 2.88 14.60
N LEU A 12 32.07 2.26 13.44
CA LEU A 12 31.79 3.00 12.23
C LEU A 12 30.34 2.72 11.80
N PHE A 13 29.93 3.41 10.74
CA PHE A 13 28.59 3.24 10.22
C PHE A 13 28.60 3.18 8.69
N LYS A 14 27.45 2.85 8.13
CA LYS A 14 27.31 2.76 6.69
C LYS A 14 25.83 2.57 6.33
N LYS A 15 25.57 2.50 5.03
CA LYS A 15 24.21 2.33 4.55
C LYS A 15 23.39 3.55 4.92
N ALA A 16 22.30 3.74 4.17
CA ALA A 16 21.42 4.87 4.41
C ALA A 16 22.21 6.17 4.28
N ASN A 17 22.06 6.81 3.14
CA ASN A 17 22.75 8.06 2.87
C ASN A 17 22.39 8.54 1.46
N ALA A 18 22.63 7.68 0.49
CA ALA A 18 22.35 8.01 -0.89
C ALA A 18 20.87 8.39 -1.03
N MET A 19 20.59 9.20 -2.04
CA MET A 19 19.23 9.65 -2.29
C MET A 19 18.47 8.62 -3.12
N LEU A 20 17.15 8.77 -3.14
CA LEU A 20 16.29 7.86 -3.89
C LEU A 20 15.36 8.68 -4.79
N ASP A 21 15.80 8.89 -6.01
CA ASP A 21 15.02 9.66 -6.98
C ASP A 21 14.85 11.09 -6.47
N GLU A 22 15.33 12.02 -7.28
CA GLU A 22 15.24 13.43 -6.93
C GLU A 22 14.50 14.21 -8.03
N ASP A 23 13.28 13.76 -8.30
CA ASP A 23 12.46 14.40 -9.31
C ASP A 23 11.03 14.55 -8.79
N GLU A 24 10.30 15.46 -9.41
CA GLU A 24 8.92 15.71 -9.01
C GLU A 24 7.97 15.36 -10.17
N ASP A 25 6.91 14.63 -9.82
CA ASP A 25 5.93 14.22 -10.80
C ASP A 25 4.81 13.44 -10.11
N GLU A 26 3.61 13.58 -10.66
CA GLU A 26 2.46 12.90 -10.11
C GLU A 26 2.52 11.39 -10.43
N ARG A 27 3.42 10.71 -9.74
CA ARG A 27 3.59 9.28 -9.94
C ARG A 27 3.82 8.58 -8.60
N VAL A 28 3.26 7.38 -8.50
CA VAL A 28 3.39 6.60 -7.29
C VAL A 28 4.83 6.12 -7.14
N ASP A 29 5.15 5.63 -5.95
CA ASP A 29 6.48 5.14 -5.68
C ASP A 29 6.57 3.66 -6.05
N GLU A 30 7.68 3.30 -6.67
CA GLU A 30 7.90 1.94 -7.10
C GLU A 30 8.55 1.12 -5.97
N ALA A 31 9.43 1.79 -5.25
CA ALA A 31 10.12 1.15 -4.13
C ALA A 31 9.09 0.59 -3.15
N ALA A 32 8.21 1.47 -2.71
CA ALA A 32 7.17 1.09 -1.77
C ALA A 32 6.28 0.02 -2.41
N LEU A 33 5.79 0.34 -3.59
CA LEU A 33 4.93 -0.58 -4.32
C LEU A 33 5.46 -2.01 -4.16
N ARG A 34 6.77 -2.14 -4.32
CA ARG A 34 7.41 -3.44 -4.20
C ARG A 34 7.23 -3.99 -2.78
N GLN A 35 7.44 -3.12 -1.81
CA GLN A 35 7.30 -3.50 -0.41
C GLN A 35 5.94 -4.18 -0.18
N LEU A 36 4.90 -3.51 -0.67
CA LEU A 36 3.56 -4.03 -0.52
C LEU A 36 3.42 -5.34 -1.31
N THR A 37 3.54 -5.21 -2.63
CA THR A 37 3.44 -6.36 -3.50
C THR A 37 4.30 -7.52 -2.97
N GLU A 38 5.38 -7.14 -2.30
CA GLU A 38 6.28 -8.13 -1.73
C GLU A 38 5.62 -8.83 -0.54
N MET A 39 4.84 -8.06 0.20
CA MET A 39 4.15 -8.59 1.36
C MET A 39 3.07 -9.60 0.95
N GLY A 40 2.12 -9.11 0.17
CA GLY A 40 1.03 -9.95 -0.30
C GLY A 40 -0.17 -9.11 -0.73
N PHE A 41 0.10 -8.15 -1.60
CA PHE A 41 -0.94 -7.27 -2.10
C PHE A 41 -0.80 -7.06 -3.61
N PRO A 42 -1.98 -6.84 -4.26
CA PRO A 42 -2.01 -6.62 -5.69
C PRO A 42 -1.50 -5.22 -6.05
N GLU A 43 -0.70 -5.16 -7.10
CA GLU A 43 -0.15 -3.89 -7.54
C GLU A 43 -1.23 -2.82 -7.59
N ASN A 44 -2.33 -3.17 -8.26
CA ASN A 44 -3.45 -2.25 -8.39
C ASN A 44 -3.76 -1.64 -7.03
N ARG A 45 -4.17 -2.50 -6.11
CA ARG A 45 -4.50 -2.06 -4.76
C ARG A 45 -3.34 -1.27 -4.16
N ALA A 46 -2.24 -1.96 -3.94
CA ALA A 46 -1.06 -1.33 -3.37
C ALA A 46 -0.88 0.06 -4.00
N THR A 47 -1.00 0.10 -5.31
CA THR A 47 -0.86 1.35 -6.03
C THR A 47 -1.88 2.38 -5.54
N LYS A 48 -3.15 2.02 -5.67
CA LYS A 48 -4.22 2.90 -5.25
C LYS A 48 -3.97 3.33 -3.80
N ALA A 49 -3.93 2.34 -2.92
CA ALA A 49 -3.71 2.61 -1.50
C ALA A 49 -2.62 3.67 -1.36
N LEU A 50 -1.45 3.36 -1.90
CA LEU A 50 -0.34 4.29 -1.84
C LEU A 50 -0.81 5.69 -2.21
N GLN A 51 -1.51 5.76 -3.34
CA GLN A 51 -2.03 7.03 -3.82
C GLN A 51 -2.94 7.67 -2.75
N LEU A 52 -3.55 6.81 -1.96
CA LEU A 52 -4.44 7.28 -0.91
C LEU A 52 -3.74 7.15 0.44
N ASN A 53 -2.44 6.92 0.37
CA ASN A 53 -1.64 6.78 1.58
C ASN A 53 -0.36 7.61 1.45
N HIS A 54 -0.50 8.74 0.77
CA HIS A 54 0.62 9.64 0.57
C HIS A 54 1.89 8.82 0.31
N MET A 55 1.71 7.75 -0.45
CA MET A 55 2.84 6.88 -0.78
C MET A 55 3.51 6.34 0.49
N SER A 56 2.70 5.64 1.29
CA SER A 56 3.20 5.07 2.52
C SER A 56 3.23 3.55 2.43
N VAL A 57 4.32 2.97 2.91
CA VAL A 57 4.48 1.53 2.88
C VAL A 57 3.62 0.90 3.98
N PRO A 58 3.72 1.50 5.20
CA PRO A 58 2.97 1.01 6.34
C PRO A 58 1.49 1.41 6.23
N GLN A 59 1.27 2.72 6.26
CA GLN A 59 -0.09 3.24 6.16
C GLN A 59 -0.87 2.49 5.08
N ALA A 60 -0.21 2.29 3.96
CA ALA A 60 -0.83 1.58 2.84
C ALA A 60 -1.45 0.27 3.34
N MET A 61 -0.59 -0.55 3.92
CA MET A 61 -1.03 -1.83 4.45
C MET A 61 -2.36 -1.69 5.20
N GLU A 62 -2.31 -0.97 6.30
CA GLU A 62 -3.50 -0.75 7.11
C GLU A 62 -4.70 -0.44 6.21
N TRP A 63 -4.48 0.50 5.30
CA TRP A 63 -5.53 0.91 4.38
C TRP A 63 -6.01 -0.33 3.63
N LEU A 64 -5.05 -1.16 3.24
CA LEU A 64 -5.36 -2.38 2.51
C LEU A 64 -6.06 -3.36 3.45
N ILE A 65 -5.78 -3.20 4.74
CA ILE A 65 -6.37 -4.06 5.75
C ILE A 65 -7.79 -3.58 6.05
N GLU A 66 -7.95 -2.26 6.09
CA GLU A 66 -9.24 -1.67 6.37
C GLU A 66 -10.15 -1.79 5.15
N HIS A 67 -9.71 -1.20 4.04
CA HIS A 67 -10.48 -1.24 2.81
C HIS A 67 -10.72 -2.70 2.41
N ALA A 68 -9.92 -3.58 2.99
CA ALA A 68 -10.03 -5.00 2.70
C ALA A 68 -11.51 -5.38 2.62
N GLU A 69 -12.27 -4.89 3.58
CA GLU A 69 -13.70 -5.16 3.63
C GLU A 69 -14.43 -4.41 2.52
N ASP A 70 -14.04 -3.15 2.35
CA ASP A 70 -14.64 -2.31 1.33
C ASP A 70 -14.73 -3.10 0.01
N PRO A 71 -15.97 -3.16 -0.54
CA PRO A 71 -16.19 -3.88 -1.79
C PRO A 71 -15.67 -3.07 -2.98
N THR A 72 -15.49 -1.78 -2.75
CA THR A 72 -15.00 -0.89 -3.79
C THR A 72 -13.60 -0.40 -3.45
N ILE A 73 -12.64 -1.31 -3.56
CA ILE A 73 -11.25 -0.99 -3.26
C ILE A 73 -10.47 -0.86 -4.57
N ASP A 74 -10.74 -1.79 -5.48
CA ASP A 74 -10.08 -1.80 -6.77
C ASP A 74 -10.50 -0.57 -7.56
N THR A 75 -11.81 -0.45 -7.76
CA THR A 75 -12.36 0.68 -8.49
C THR A 75 -13.87 0.73 -8.35
N PRO A 76 -14.43 1.96 -8.53
CA PRO A 76 -15.86 2.15 -8.42
C PRO A 76 -16.59 1.61 -9.65
N LEU A 77 -17.48 0.64 -9.40
CA LEU A 77 -18.24 0.04 -10.47
C LEU A 77 -19.64 0.63 -10.50
N SER A 78 -20.06 1.02 -11.69
CA SER A 78 -21.39 1.61 -11.86
C SER A 78 -22.45 0.50 -11.86
N GLY A 79 -23.32 0.57 -10.87
CA GLY A 79 -24.39 -0.41 -10.74
C GLY A 79 -25.75 0.27 -10.66
N PRO A 80 -26.80 -0.51 -11.03
CA PRO A 80 -28.16 0.00 -11.00
C PRO A 80 -28.68 0.09 -9.57
N SER A 81 -28.79 -1.08 -8.93
CA SER A 81 -29.27 -1.14 -7.57
C SER A 81 -28.31 -0.39 -6.64
N SER A 82 -28.87 0.10 -5.55
CA SER A 82 -28.09 0.84 -4.57
C SER A 82 -27.86 -0.02 -3.32
N GLY A 83 -26.82 0.33 -2.58
CA GLY A 83 -26.50 -0.40 -1.36
C GLY A 83 -26.43 -1.90 -1.63
N GLY A 1 -13.70 9.70 46.42
CA GLY A 1 -12.65 9.25 45.51
C GLY A 1 -13.20 8.26 44.48
N SER A 2 -12.45 8.10 43.41
CA SER A 2 -12.84 7.19 42.34
C SER A 2 -11.72 7.07 41.31
N SER A 3 -11.84 6.04 40.47
CA SER A 3 -10.84 5.80 39.44
C SER A 3 -11.30 4.67 38.53
N GLY A 4 -10.57 4.51 37.43
CA GLY A 4 -10.90 3.46 36.47
C GLY A 4 -9.62 2.85 35.89
N SER A 5 -9.82 2.04 34.84
CA SER A 5 -8.70 1.40 34.19
C SER A 5 -9.15 0.76 32.87
N SER A 6 -8.74 1.38 31.77
CA SER A 6 -9.10 0.89 30.46
C SER A 6 -8.05 1.30 29.43
N GLY A 7 -7.92 0.50 28.39
CA GLY A 7 -6.96 0.77 27.34
C GLY A 7 -6.75 -0.46 26.45
N ASP A 8 -6.11 -1.47 27.05
CA ASP A 8 -5.85 -2.70 26.33
C ASP A 8 -4.76 -2.45 25.28
N ALA A 9 -5.12 -1.64 24.29
CA ALA A 9 -4.20 -1.31 23.21
C ALA A 9 -3.90 -2.57 22.39
N VAL A 10 -3.97 -2.41 21.08
CA VAL A 10 -3.71 -3.52 20.18
C VAL A 10 -3.00 -3.00 18.92
N GLU A 11 -1.76 -2.59 19.11
CA GLU A 11 -0.98 -2.07 18.01
C GLU A 11 0.46 -2.60 18.08
N LEU A 12 1.06 -2.77 16.91
CA LEU A 12 2.42 -3.27 16.83
C LEU A 12 3.19 -2.46 15.79
N PHE A 13 4.11 -1.65 16.29
CA PHE A 13 4.93 -0.81 15.41
C PHE A 13 6.41 -0.90 15.79
N LYS A 14 7.10 -1.80 15.13
CA LYS A 14 8.53 -1.98 15.40
C LYS A 14 9.23 -2.37 14.11
N LYS A 15 10.52 -2.05 14.05
CA LYS A 15 11.32 -2.35 12.87
C LYS A 15 10.82 -1.51 11.69
N ALA A 16 11.58 -1.58 10.61
CA ALA A 16 11.23 -0.83 9.41
C ALA A 16 11.26 0.67 9.72
N ASN A 17 12.28 1.33 9.18
CA ASN A 17 12.44 2.76 9.39
C ASN A 17 11.61 3.52 8.35
N ALA A 18 11.83 3.18 7.10
CA ALA A 18 11.11 3.82 6.00
C ALA A 18 11.30 5.33 6.09
N MET A 19 12.48 5.78 5.72
CA MET A 19 12.80 7.19 5.75
C MET A 19 13.36 7.66 4.41
N LEU A 20 13.00 8.89 4.04
CA LEU A 20 13.47 9.45 2.79
C LEU A 20 13.41 10.98 2.88
N ASP A 21 12.47 11.55 2.13
CA ASP A 21 12.28 12.99 2.13
C ASP A 21 11.00 13.33 1.37
N GLU A 22 10.53 14.55 1.59
CA GLU A 22 9.32 15.02 0.94
C GLU A 22 9.66 15.80 -0.33
N ASP A 23 8.89 15.54 -1.38
CA ASP A 23 9.10 16.20 -2.66
C ASP A 23 7.95 15.87 -3.61
N GLU A 24 7.77 16.73 -4.60
CA GLU A 24 6.72 16.53 -5.57
C GLU A 24 6.82 15.12 -6.19
N ASP A 25 5.68 14.64 -6.65
CA ASP A 25 5.62 13.31 -7.25
C ASP A 25 4.59 13.32 -8.39
N GLU A 26 4.83 12.45 -9.36
CA GLU A 26 3.94 12.34 -10.50
C GLU A 26 3.17 11.02 -10.46
N ARG A 27 3.94 9.94 -10.49
CA ARG A 27 3.35 8.61 -10.45
C ARG A 27 3.67 7.92 -9.13
N VAL A 28 2.80 6.99 -8.76
CA VAL A 28 2.98 6.25 -7.51
C VAL A 28 4.45 5.86 -7.36
N ASP A 29 4.81 5.50 -6.14
CA ASP A 29 6.17 5.10 -5.85
C ASP A 29 6.33 3.60 -6.10
N GLU A 30 7.42 3.24 -6.76
CA GLU A 30 7.70 1.85 -7.07
C GLU A 30 8.38 1.18 -5.88
N ALA A 31 9.35 1.88 -5.31
CA ALA A 31 10.09 1.36 -4.18
C ALA A 31 9.11 0.84 -3.12
N ALA A 32 8.20 1.72 -2.72
CA ALA A 32 7.20 1.36 -1.73
C ALA A 32 6.35 0.21 -2.26
N LEU A 33 5.79 0.43 -3.44
CA LEU A 33 4.95 -0.57 -4.06
C LEU A 33 5.57 -1.96 -3.86
N ARG A 34 6.80 -2.10 -4.35
CA ARG A 34 7.52 -3.35 -4.21
C ARG A 34 7.30 -3.95 -2.82
N GLN A 35 7.51 -3.11 -1.82
CA GLN A 35 7.35 -3.53 -0.44
C GLN A 35 6.01 -4.24 -0.26
N LEU A 36 4.94 -3.52 -0.62
CA LEU A 36 3.60 -4.06 -0.49
C LEU A 36 3.50 -5.35 -1.32
N THR A 37 3.64 -5.19 -2.62
CA THR A 37 3.57 -6.33 -3.53
C THR A 37 4.42 -7.48 -3.00
N GLU A 38 5.50 -7.13 -2.33
CA GLU A 38 6.40 -8.12 -1.76
C GLU A 38 5.77 -8.76 -0.53
N MET A 39 5.02 -7.95 0.21
CA MET A 39 4.36 -8.43 1.41
C MET A 39 3.29 -9.48 1.07
N GLY A 40 2.31 -9.03 0.31
CA GLY A 40 1.22 -9.90 -0.10
C GLY A 40 -0.05 -9.10 -0.42
N PHE A 41 0.10 -8.18 -1.36
CA PHE A 41 -1.01 -7.35 -1.77
C PHE A 41 -1.00 -7.13 -3.28
N PRO A 42 -2.23 -6.91 -3.83
CA PRO A 42 -2.37 -6.69 -5.26
C PRO A 42 -1.90 -5.29 -5.65
N GLU A 43 -1.03 -5.25 -6.66
CA GLU A 43 -0.50 -3.99 -7.14
C GLU A 43 -1.63 -2.97 -7.31
N ASN A 44 -2.61 -3.36 -8.10
CA ASN A 44 -3.75 -2.49 -8.36
C ASN A 44 -4.17 -1.80 -7.06
N ARG A 45 -4.31 -2.60 -6.03
CA ARG A 45 -4.70 -2.08 -4.72
C ARG A 45 -3.54 -1.31 -4.09
N ALA A 46 -2.45 -2.02 -3.86
CA ALA A 46 -1.27 -1.43 -3.27
C ALA A 46 -1.05 -0.03 -3.87
N THR A 47 -1.01 0.00 -5.19
CA THR A 47 -0.81 1.25 -5.90
C THR A 47 -1.85 2.29 -5.48
N LYS A 48 -3.10 1.86 -5.54
CA LYS A 48 -4.20 2.73 -5.16
C LYS A 48 -3.96 3.29 -3.76
N ALA A 49 -3.99 2.41 -2.78
CA ALA A 49 -3.77 2.79 -1.40
C ALA A 49 -2.57 3.74 -1.33
N LEU A 50 -1.48 3.31 -1.94
CA LEU A 50 -0.26 4.12 -1.95
C LEU A 50 -0.61 5.56 -2.31
N GLN A 51 -1.53 5.70 -3.26
CA GLN A 51 -1.96 7.01 -3.70
C GLN A 51 -2.75 7.71 -2.60
N LEU A 52 -3.48 6.91 -1.83
CA LEU A 52 -4.28 7.43 -0.74
C LEU A 52 -3.52 7.25 0.58
N ASN A 53 -2.23 6.95 0.45
CA ASN A 53 -1.38 6.76 1.61
C ASN A 53 -0.11 7.60 1.45
N HIS A 54 -0.27 8.75 0.82
CA HIS A 54 0.85 9.64 0.60
C HIS A 54 2.10 8.83 0.25
N MET A 55 1.86 7.68 -0.39
CA MET A 55 2.95 6.81 -0.79
C MET A 55 3.63 6.20 0.43
N SER A 56 2.82 5.61 1.29
CA SER A 56 3.34 4.98 2.50
C SER A 56 3.32 3.46 2.35
N VAL A 57 4.41 2.85 2.77
CA VAL A 57 4.53 1.40 2.69
C VAL A 57 3.69 0.75 3.79
N PRO A 58 3.83 1.33 5.02
CA PRO A 58 3.08 0.82 6.16
C PRO A 58 1.61 1.23 6.09
N GLN A 59 1.39 2.54 6.15
CA GLN A 59 0.04 3.07 6.09
C GLN A 59 -0.79 2.31 5.06
N ALA A 60 -0.23 2.19 3.86
CA ALA A 60 -0.91 1.48 2.79
C ALA A 60 -1.46 0.16 3.32
N MET A 61 -0.62 -0.55 4.04
CA MET A 61 -1.01 -1.83 4.60
C MET A 61 -2.36 -1.73 5.32
N GLU A 62 -2.38 -0.92 6.36
CA GLU A 62 -3.59 -0.71 7.14
C GLU A 62 -4.75 -0.35 6.20
N TRP A 63 -4.47 0.58 5.30
CA TRP A 63 -5.48 1.02 4.35
C TRP A 63 -5.96 -0.19 3.56
N LEU A 64 -5.04 -1.11 3.33
CA LEU A 64 -5.35 -2.33 2.60
C LEU A 64 -6.12 -3.28 3.50
N ILE A 65 -5.83 -3.20 4.78
CA ILE A 65 -6.48 -4.05 5.76
C ILE A 65 -7.91 -3.55 5.99
N GLU A 66 -8.07 -2.24 5.88
CA GLU A 66 -9.37 -1.63 6.08
C GLU A 66 -10.21 -1.75 4.80
N HIS A 67 -9.73 -1.08 3.76
CA HIS A 67 -10.42 -1.10 2.48
C HIS A 67 -10.61 -2.55 2.03
N ALA A 68 -9.80 -3.43 2.59
CA ALA A 68 -9.87 -4.84 2.26
C ALA A 68 -11.33 -5.29 2.25
N GLU A 69 -12.07 -4.79 3.24
CA GLU A 69 -13.48 -5.12 3.36
C GLU A 69 -14.29 -4.36 2.32
N ASP A 70 -13.87 -3.13 2.06
CA ASP A 70 -14.55 -2.28 1.10
C ASP A 70 -14.63 -3.01 -0.25
N PRO A 71 -15.88 -3.16 -0.75
CA PRO A 71 -16.11 -3.83 -2.02
C PRO A 71 -15.72 -2.93 -3.19
N THR A 72 -15.68 -1.63 -2.91
CA THR A 72 -15.32 -0.65 -3.93
C THR A 72 -13.91 -0.11 -3.67
N ILE A 73 -12.93 -0.97 -3.87
CA ILE A 73 -11.54 -0.60 -3.67
C ILE A 73 -10.87 -0.40 -5.03
N ASP A 74 -11.18 -1.30 -5.94
CA ASP A 74 -10.62 -1.23 -7.29
C ASP A 74 -11.74 -0.99 -8.30
N THR A 75 -11.94 0.28 -8.62
CA THR A 75 -12.97 0.65 -9.57
C THR A 75 -14.35 0.23 -9.06
N PRO A 76 -15.39 0.92 -9.57
CA PRO A 76 -16.76 0.62 -9.18
C PRO A 76 -17.25 -0.66 -9.84
N LEU A 77 -18.48 -1.02 -9.51
CA LEU A 77 -19.09 -2.22 -10.07
C LEU A 77 -19.69 -1.90 -11.43
N SER A 78 -20.56 -0.91 -11.45
CA SER A 78 -21.21 -0.49 -12.68
C SER A 78 -21.53 1.01 -12.62
N GLY A 79 -20.48 1.81 -12.75
CA GLY A 79 -20.63 3.26 -12.71
C GLY A 79 -21.04 3.73 -11.31
N PRO A 80 -21.76 4.88 -11.29
CA PRO A 80 -22.21 5.45 -10.03
C PRO A 80 -23.39 4.66 -9.47
N SER A 81 -23.65 4.88 -8.18
CA SER A 81 -24.75 4.19 -7.52
C SER A 81 -26.09 4.76 -7.99
N SER A 82 -27.09 3.89 -7.99
CA SER A 82 -28.42 4.29 -8.41
C SER A 82 -29.39 3.13 -8.24
N GLY A 83 -30.15 3.18 -7.15
CA GLY A 83 -31.12 2.14 -6.86
C GLY A 83 -32.21 2.66 -5.92
N GLY A 1 55.58 15.78 48.33
CA GLY A 1 55.46 15.31 46.96
C GLY A 1 54.00 15.07 46.58
N SER A 2 53.76 15.06 45.28
CA SER A 2 52.42 14.84 44.78
C SER A 2 52.43 14.81 43.25
N SER A 3 51.29 14.43 42.68
CA SER A 3 51.17 14.35 41.24
C SER A 3 49.69 14.24 40.85
N GLY A 4 49.43 14.45 39.57
CA GLY A 4 48.07 14.37 39.06
C GLY A 4 48.04 13.77 37.66
N SER A 5 46.91 13.92 37.00
CA SER A 5 46.74 13.39 35.65
C SER A 5 45.94 14.38 34.79
N SER A 6 45.90 14.09 33.51
CA SER A 6 45.18 14.95 32.57
C SER A 6 44.67 14.12 31.39
N GLY A 7 43.64 14.64 30.75
CA GLY A 7 43.05 13.96 29.61
C GLY A 7 43.30 14.75 28.31
N ASP A 8 42.45 14.48 27.33
CA ASP A 8 42.56 15.15 26.05
C ASP A 8 41.50 14.60 25.10
N ALA A 9 41.19 15.39 24.08
CA ALA A 9 40.20 14.99 23.09
C ALA A 9 40.89 14.75 21.75
N VAL A 10 40.08 14.52 20.73
CA VAL A 10 40.60 14.27 19.40
C VAL A 10 39.78 15.07 18.38
N GLU A 11 38.92 14.36 17.67
CA GLU A 11 38.09 14.99 16.67
C GLU A 11 37.14 13.96 16.04
N LEU A 12 35.91 14.39 15.81
CA LEU A 12 34.91 13.52 15.21
C LEU A 12 34.28 14.22 14.01
N PHE A 13 33.90 13.42 13.03
CA PHE A 13 33.29 13.95 11.82
C PHE A 13 31.82 13.51 11.71
N LYS A 14 30.94 14.44 11.99
CA LYS A 14 29.51 14.17 11.93
C LYS A 14 28.78 15.38 11.34
N LYS A 15 27.76 15.10 10.55
CA LYS A 15 26.99 16.16 9.92
C LYS A 15 25.52 15.71 9.81
N ALA A 16 24.64 16.68 9.88
CA ALA A 16 23.21 16.41 9.80
C ALA A 16 22.80 16.29 8.33
N ASN A 17 21.74 15.55 8.10
CA ASN A 17 21.24 15.36 6.75
C ASN A 17 20.89 16.72 6.14
N ALA A 18 19.95 17.40 6.78
CA ALA A 18 19.51 18.70 6.31
C ALA A 18 19.04 18.59 4.86
N MET A 19 17.79 18.19 4.71
CA MET A 19 17.21 18.03 3.38
C MET A 19 15.69 17.83 3.47
N LEU A 20 15.05 17.95 2.32
CA LEU A 20 13.60 17.79 2.26
C LEU A 20 13.27 16.74 1.19
N ASP A 21 12.29 17.07 0.37
CA ASP A 21 11.86 16.18 -0.69
C ASP A 21 10.71 16.83 -1.47
N GLU A 22 11.08 17.49 -2.56
CA GLU A 22 10.09 18.16 -3.40
C GLU A 22 9.89 17.36 -4.69
N ASP A 23 8.86 16.53 -4.68
CA ASP A 23 8.54 15.72 -5.84
C ASP A 23 7.10 15.99 -6.26
N GLU A 24 6.94 16.30 -7.53
CA GLU A 24 5.62 16.59 -8.08
C GLU A 24 4.86 15.29 -8.34
N ASP A 25 3.54 15.40 -8.33
CA ASP A 25 2.69 14.25 -8.56
C ASP A 25 2.67 13.93 -10.05
N GLU A 26 2.59 12.63 -10.35
CA GLU A 26 2.57 12.19 -11.74
C GLU A 26 2.42 10.66 -11.80
N ARG A 27 3.21 10.00 -10.98
CA ARG A 27 3.18 8.54 -10.93
C ARG A 27 3.41 8.05 -9.49
N VAL A 28 3.03 6.81 -9.27
CA VAL A 28 3.18 6.21 -7.94
C VAL A 28 4.64 5.77 -7.77
N ASP A 29 4.96 5.40 -6.53
CA ASP A 29 6.31 4.96 -6.21
C ASP A 29 6.39 3.43 -6.38
N GLU A 30 7.54 3.00 -6.87
CA GLU A 30 7.77 1.57 -7.08
C GLU A 30 8.37 0.93 -5.83
N ALA A 31 9.40 1.58 -5.31
CA ALA A 31 10.08 1.09 -4.13
C ALA A 31 9.03 0.69 -3.09
N ALA A 32 8.11 1.60 -2.82
CA ALA A 32 7.06 1.35 -1.86
C ALA A 32 6.20 0.17 -2.34
N LEU A 33 5.60 0.36 -3.50
CA LEU A 33 4.76 -0.67 -4.08
C LEU A 33 5.42 -2.05 -3.87
N ARG A 34 6.69 -2.12 -4.26
CA ARG A 34 7.43 -3.36 -4.12
C ARG A 34 7.26 -3.93 -2.71
N GLN A 35 7.45 -3.06 -1.72
CA GLN A 35 7.32 -3.46 -0.34
C GLN A 35 5.99 -4.20 -0.12
N LEU A 36 4.91 -3.57 -0.56
CA LEU A 36 3.59 -4.16 -0.42
C LEU A 36 3.55 -5.48 -1.18
N THR A 37 3.65 -5.36 -2.50
CA THR A 37 3.62 -6.54 -3.36
C THR A 37 4.46 -7.66 -2.75
N GLU A 38 5.59 -7.27 -2.17
CA GLU A 38 6.49 -8.23 -1.56
C GLU A 38 5.78 -8.96 -0.41
N MET A 39 5.03 -8.19 0.37
CA MET A 39 4.30 -8.75 1.49
C MET A 39 3.22 -9.72 1.01
N GLY A 40 2.39 -9.23 0.10
CA GLY A 40 1.31 -10.05 -0.44
C GLY A 40 0.07 -9.20 -0.72
N PHE A 41 0.29 -8.08 -1.39
CA PHE A 41 -0.80 -7.17 -1.73
C PHE A 41 -0.90 -6.98 -3.24
N PRO A 42 -2.14 -6.68 -3.69
CA PRO A 42 -2.39 -6.46 -5.11
C PRO A 42 -1.86 -5.10 -5.56
N GLU A 43 -1.08 -5.14 -6.64
CA GLU A 43 -0.50 -3.92 -7.18
C GLU A 43 -1.60 -2.88 -7.43
N ASN A 44 -2.66 -3.33 -8.08
CA ASN A 44 -3.78 -2.46 -8.40
C ASN A 44 -4.12 -1.61 -7.17
N ARG A 45 -4.51 -2.31 -6.11
CA ARG A 45 -4.86 -1.64 -4.87
C ARG A 45 -3.63 -0.98 -4.25
N ALA A 46 -2.62 -1.80 -4.02
CA ALA A 46 -1.38 -1.32 -3.42
C ALA A 46 -1.04 0.05 -4.03
N THR A 47 -1.12 0.12 -5.35
CA THR A 47 -0.82 1.35 -6.05
C THR A 47 -1.80 2.46 -5.63
N LYS A 48 -3.07 2.10 -5.60
CA LYS A 48 -4.10 3.04 -5.21
C LYS A 48 -3.91 3.43 -3.73
N ALA A 49 -4.05 2.43 -2.88
CA ALA A 49 -3.89 2.64 -1.45
C ALA A 49 -2.72 3.59 -1.20
N LEU A 50 -1.67 3.41 -1.99
CA LEU A 50 -0.48 4.24 -1.86
C LEU A 50 -0.86 5.70 -2.12
N GLN A 51 -1.36 5.95 -3.33
CA GLN A 51 -1.76 7.29 -3.71
C GLN A 51 -2.59 7.94 -2.60
N LEU A 52 -3.50 7.15 -2.04
CA LEU A 52 -4.35 7.63 -0.97
C LEU A 52 -3.54 7.70 0.33
N ASN A 53 -2.54 6.82 0.41
CA ASN A 53 -1.69 6.78 1.59
C ASN A 53 -0.39 7.53 1.30
N HIS A 54 -0.53 8.63 0.58
CA HIS A 54 0.62 9.44 0.22
C HIS A 54 1.82 8.53 -0.07
N MET A 55 1.55 7.45 -0.78
CA MET A 55 2.59 6.51 -1.13
C MET A 55 3.32 6.01 0.12
N SER A 56 2.55 5.43 1.03
CA SER A 56 3.11 4.90 2.27
C SER A 56 3.14 3.38 2.22
N VAL A 57 4.26 2.82 2.67
CA VAL A 57 4.42 1.39 2.70
C VAL A 57 3.63 0.80 3.86
N PRO A 58 3.80 1.43 5.05
CA PRO A 58 3.12 0.99 6.25
C PRO A 58 1.64 1.38 6.21
N GLN A 59 1.41 2.69 6.21
CA GLN A 59 0.06 3.21 6.17
C GLN A 59 -0.80 2.42 5.18
N ALA A 60 -0.38 2.44 3.94
CA ALA A 60 -1.08 1.73 2.88
C ALA A 60 -1.55 0.37 3.42
N MET A 61 -0.60 -0.34 4.01
CA MET A 61 -0.89 -1.66 4.56
C MET A 61 -2.25 -1.67 5.26
N GLU A 62 -2.33 -0.92 6.36
CA GLU A 62 -3.56 -0.83 7.13
C GLU A 62 -4.74 -0.51 6.20
N TRP A 63 -4.55 0.53 5.40
CA TRP A 63 -5.58 0.95 4.48
C TRP A 63 -5.99 -0.26 3.63
N LEU A 64 -4.98 -1.02 3.24
CA LEU A 64 -5.21 -2.21 2.43
C LEU A 64 -5.92 -3.27 3.28
N ILE A 65 -5.69 -3.19 4.58
CA ILE A 65 -6.30 -4.13 5.51
C ILE A 65 -7.74 -3.72 5.76
N GLU A 66 -7.93 -2.43 6.01
CA GLU A 66 -9.26 -1.90 6.27
C GLU A 66 -10.12 -1.97 4.99
N HIS A 67 -9.56 -1.43 3.92
CA HIS A 67 -10.25 -1.42 2.65
C HIS A 67 -10.34 -2.84 2.09
N ALA A 68 -9.58 -3.74 2.73
CA ALA A 68 -9.56 -5.12 2.31
C ALA A 68 -10.97 -5.57 1.93
N GLU A 69 -11.95 -4.96 2.60
CA GLU A 69 -13.34 -5.28 2.34
C GLU A 69 -14.15 -3.99 2.12
N ASP A 70 -13.71 -3.22 1.13
CA ASP A 70 -14.38 -1.97 0.82
C ASP A 70 -15.06 -2.10 -0.55
N PRO A 71 -16.18 -1.35 -0.70
CA PRO A 71 -16.93 -1.37 -1.95
C PRO A 71 -16.20 -0.58 -3.04
N THR A 72 -15.89 0.67 -2.71
CA THR A 72 -15.19 1.54 -3.65
C THR A 72 -14.06 0.78 -4.34
N ILE A 73 -13.18 0.21 -3.52
CA ILE A 73 -12.06 -0.54 -4.03
C ILE A 73 -12.52 -1.42 -5.20
N ASP A 74 -13.73 -1.93 -5.07
CA ASP A 74 -14.31 -2.78 -6.10
C ASP A 74 -15.01 -1.90 -7.15
N THR A 75 -15.94 -1.10 -6.66
CA THR A 75 -16.68 -0.21 -7.54
C THR A 75 -17.44 -1.01 -8.60
N PRO A 76 -18.61 -0.47 -9.00
CA PRO A 76 -19.45 -1.13 -9.99
C PRO A 76 -18.85 -0.97 -11.40
N LEU A 77 -18.08 -1.96 -11.80
CA LEU A 77 -17.46 -1.95 -13.11
C LEU A 77 -18.53 -1.87 -14.20
N SER A 78 -18.34 -0.93 -15.11
CA SER A 78 -19.29 -0.76 -16.21
C SER A 78 -19.16 -1.90 -17.21
N GLY A 79 -20.14 -1.97 -18.09
CA GLY A 79 -20.16 -3.02 -19.11
C GLY A 79 -21.00 -4.22 -18.66
N PRO A 80 -20.63 -5.40 -19.21
CA PRO A 80 -21.34 -6.63 -18.86
C PRO A 80 -20.96 -7.11 -17.47
N SER A 81 -21.46 -6.40 -16.47
CA SER A 81 -21.18 -6.75 -15.09
C SER A 81 -22.47 -7.16 -14.38
N SER A 82 -22.58 -8.46 -14.10
CA SER A 82 -23.75 -8.99 -13.43
C SER A 82 -25.01 -8.62 -14.21
N GLY A 83 -25.33 -9.44 -15.20
CA GLY A 83 -26.50 -9.21 -16.02
C GLY A 83 -27.74 -9.84 -15.39
N GLY A 1 -8.04 -33.92 10.86
CA GLY A 1 -7.01 -34.28 11.83
C GLY A 1 -7.03 -33.31 13.02
N SER A 2 -5.93 -33.34 13.78
CA SER A 2 -5.81 -32.48 14.94
C SER A 2 -4.38 -32.54 15.49
N SER A 3 -3.99 -31.46 16.14
CA SER A 3 -2.65 -31.38 16.70
C SER A 3 -2.49 -30.05 17.46
N GLY A 4 -1.38 -29.96 18.19
CA GLY A 4 -1.09 -28.76 18.96
C GLY A 4 0.38 -28.36 18.83
N SER A 5 0.74 -27.29 19.52
CA SER A 5 2.10 -26.80 19.49
C SER A 5 2.22 -25.52 20.33
N SER A 6 3.46 -25.12 20.56
CA SER A 6 3.72 -23.93 21.34
C SER A 6 5.06 -23.31 20.93
N GLY A 7 5.31 -22.11 21.43
CA GLY A 7 6.54 -21.41 21.13
C GLY A 7 6.59 -20.05 21.84
N ASP A 8 7.63 -19.30 21.52
CA ASP A 8 7.81 -17.99 22.12
C ASP A 8 8.82 -17.18 21.29
N ALA A 9 8.81 -15.88 21.51
CA ALA A 9 9.71 -14.99 20.79
C ALA A 9 9.68 -13.61 21.44
N VAL A 10 10.73 -12.84 21.17
CA VAL A 10 10.84 -11.50 21.72
C VAL A 10 11.15 -10.51 20.60
N GLU A 11 11.77 -9.40 20.98
CA GLU A 11 12.13 -8.38 20.01
C GLU A 11 13.28 -7.52 20.55
N LEU A 12 13.89 -6.78 19.64
CA LEU A 12 15.00 -5.92 20.01
C LEU A 12 14.73 -4.49 19.51
N PHE A 13 14.96 -4.30 18.23
CA PHE A 13 14.74 -2.99 17.62
C PHE A 13 14.66 -3.09 16.10
N LYS A 14 14.15 -2.04 15.48
CA LYS A 14 14.03 -2.00 14.04
C LYS A 14 14.08 -0.55 13.56
N LYS A 15 14.83 -0.33 12.50
CA LYS A 15 14.97 1.00 11.93
C LYS A 15 15.02 0.90 10.41
N ALA A 16 14.87 2.05 9.77
CA ALA A 16 14.88 2.10 8.31
C ALA A 16 15.85 3.21 7.86
N ASN A 17 15.55 4.42 8.30
CA ASN A 17 16.38 5.57 7.96
C ASN A 17 15.87 6.80 8.72
N ALA A 18 16.83 7.64 9.11
CA ALA A 18 16.49 8.86 9.83
C ALA A 18 15.57 9.72 8.98
N MET A 19 15.07 10.78 9.60
CA MET A 19 14.17 11.70 8.91
C MET A 19 14.73 12.06 7.53
N LEU A 20 13.81 12.13 6.56
CA LEU A 20 14.19 12.46 5.20
C LEU A 20 12.94 12.46 4.32
N ASP A 21 12.54 13.66 3.92
CA ASP A 21 11.36 13.80 3.07
C ASP A 21 11.63 13.17 1.71
N GLU A 22 10.57 12.69 1.09
CA GLU A 22 10.67 12.06 -0.21
C GLU A 22 9.95 12.89 -1.26
N ASP A 23 10.70 13.24 -2.31
CA ASP A 23 10.15 14.04 -3.39
C ASP A 23 8.94 13.31 -3.99
N GLU A 24 7.79 13.95 -3.88
CA GLU A 24 6.57 13.38 -4.41
C GLU A 24 6.63 13.30 -5.94
N ASP A 25 5.77 12.45 -6.49
CA ASP A 25 5.72 12.28 -7.93
C ASP A 25 4.29 11.92 -8.35
N GLU A 26 4.01 12.14 -9.62
CA GLU A 26 2.69 11.85 -10.15
C GLU A 26 2.39 10.35 -10.02
N ARG A 27 3.15 9.56 -10.77
CA ARG A 27 2.97 8.12 -10.75
C ARG A 27 3.40 7.56 -9.39
N VAL A 28 2.62 6.60 -8.91
CA VAL A 28 2.89 5.98 -7.63
C VAL A 28 4.39 5.64 -7.56
N ASP A 29 4.83 5.31 -6.35
CA ASP A 29 6.22 4.96 -6.13
C ASP A 29 6.42 3.47 -6.37
N GLU A 30 7.60 3.14 -6.87
CA GLU A 30 7.93 1.74 -7.15
C GLU A 30 8.57 1.09 -5.92
N ALA A 31 9.56 1.77 -5.37
CA ALA A 31 10.26 1.27 -4.21
C ALA A 31 9.24 0.81 -3.17
N ALA A 32 8.33 1.72 -2.83
CA ALA A 32 7.31 1.41 -1.85
C ALA A 32 6.41 0.30 -2.39
N LEU A 33 5.81 0.56 -3.54
CA LEU A 33 4.93 -0.41 -4.16
C LEU A 33 5.54 -1.81 -4.02
N ARG A 34 6.82 -1.90 -4.31
CA ARG A 34 7.54 -3.17 -4.21
C ARG A 34 7.32 -3.80 -2.84
N GLN A 35 7.49 -2.97 -1.81
CA GLN A 35 7.31 -3.44 -0.44
C GLN A 35 6.01 -4.23 -0.32
N LEU A 36 4.91 -3.57 -0.63
CA LEU A 36 3.60 -4.20 -0.56
C LEU A 36 3.61 -5.47 -1.41
N THR A 37 3.74 -5.28 -2.71
CA THR A 37 3.77 -6.39 -3.64
C THR A 37 4.68 -7.50 -3.11
N GLU A 38 5.71 -7.09 -2.39
CA GLU A 38 6.65 -8.04 -1.82
C GLU A 38 6.04 -8.74 -0.62
N MET A 39 5.29 -7.97 0.16
CA MET A 39 4.65 -8.50 1.35
C MET A 39 3.59 -9.54 0.97
N GLY A 40 2.70 -9.13 0.08
CA GLY A 40 1.64 -10.01 -0.37
C GLY A 40 0.35 -9.22 -0.64
N PHE A 41 0.50 -8.14 -1.39
CA PHE A 41 -0.63 -7.30 -1.72
C PHE A 41 -0.73 -7.10 -3.24
N PRO A 42 -1.98 -6.86 -3.71
CA PRO A 42 -2.23 -6.65 -5.12
C PRO A 42 -1.78 -5.26 -5.56
N GLU A 43 -0.89 -5.25 -6.55
CA GLU A 43 -0.37 -4.00 -7.07
C GLU A 43 -1.51 -3.03 -7.39
N ASN A 44 -2.54 -3.57 -8.03
CA ASN A 44 -3.69 -2.77 -8.40
C ASN A 44 -4.13 -1.93 -7.19
N ARG A 45 -4.45 -2.63 -6.11
CA ARG A 45 -4.89 -1.97 -4.89
C ARG A 45 -3.71 -1.26 -4.24
N ALA A 46 -2.67 -2.02 -3.97
CA ALA A 46 -1.47 -1.47 -3.34
C ALA A 46 -1.18 -0.10 -3.95
N THR A 47 -1.22 -0.05 -5.26
CA THR A 47 -0.96 1.20 -5.98
C THR A 47 -1.92 2.29 -5.51
N LYS A 48 -3.21 1.98 -5.60
CA LYS A 48 -4.23 2.91 -5.20
C LYS A 48 -3.97 3.38 -3.77
N ALA A 49 -3.96 2.42 -2.86
CA ALA A 49 -3.71 2.71 -1.45
C ALA A 49 -2.56 3.71 -1.35
N LEU A 50 -1.42 3.31 -1.89
CA LEU A 50 -0.23 4.15 -1.87
C LEU A 50 -0.62 5.59 -2.23
N GLN A 51 -1.40 5.70 -3.30
CA GLN A 51 -1.84 7.00 -3.77
C GLN A 51 -2.66 7.70 -2.68
N LEU A 52 -3.39 6.89 -1.92
CA LEU A 52 -4.21 7.42 -0.84
C LEU A 52 -3.48 7.24 0.49
N ASN A 53 -2.20 6.93 0.39
CA ASN A 53 -1.38 6.73 1.57
C ASN A 53 -0.07 7.51 1.42
N HIS A 54 -0.16 8.60 0.69
CA HIS A 54 1.02 9.44 0.46
C HIS A 54 2.21 8.56 0.09
N MET A 55 1.90 7.40 -0.45
CA MET A 55 2.93 6.46 -0.85
C MET A 55 3.60 5.82 0.38
N SER A 56 2.78 5.51 1.36
CA SER A 56 3.27 4.90 2.58
C SER A 56 3.26 3.38 2.45
N VAL A 57 4.32 2.76 2.94
CA VAL A 57 4.45 1.32 2.89
C VAL A 57 3.56 0.69 3.98
N PRO A 58 3.67 1.28 5.21
CA PRO A 58 2.91 0.79 6.34
C PRO A 58 1.44 1.22 6.22
N GLN A 59 1.24 2.53 6.27
CA GLN A 59 -0.11 3.08 6.18
C GLN A 59 -0.91 2.36 5.09
N ALA A 60 -0.24 2.15 3.96
CA ALA A 60 -0.88 1.47 2.84
C ALA A 60 -1.45 0.14 3.31
N MET A 61 -0.61 -0.63 4.00
CA MET A 61 -1.03 -1.92 4.51
C MET A 61 -2.38 -1.82 5.22
N GLU A 62 -2.38 -1.13 6.35
CA GLU A 62 -3.59 -0.95 7.12
C GLU A 62 -4.75 -0.55 6.21
N TRP A 63 -4.49 0.46 5.39
CA TRP A 63 -5.50 0.95 4.46
C TRP A 63 -6.04 -0.24 3.68
N LEU A 64 -5.13 -1.10 3.27
CA LEU A 64 -5.50 -2.29 2.51
C LEU A 64 -6.32 -3.22 3.40
N ILE A 65 -6.04 -3.15 4.70
CA ILE A 65 -6.74 -3.98 5.65
C ILE A 65 -8.14 -3.41 5.89
N GLU A 66 -8.19 -2.12 6.17
CA GLU A 66 -9.45 -1.45 6.42
C GLU A 66 -10.32 -1.47 5.15
N HIS A 67 -9.73 -1.03 4.05
CA HIS A 67 -10.43 -1.00 2.78
C HIS A 67 -10.62 -2.43 2.27
N ALA A 68 -9.95 -3.35 2.94
CA ALA A 68 -10.04 -4.76 2.56
C ALA A 68 -11.48 -5.09 2.17
N GLU A 69 -12.40 -4.38 2.81
CA GLU A 69 -13.81 -4.59 2.53
C GLU A 69 -14.48 -3.27 2.14
N ASP A 70 -13.97 -2.68 1.08
CA ASP A 70 -14.50 -1.41 0.59
C ASP A 70 -15.14 -1.63 -0.78
N PRO A 71 -16.28 -0.91 -1.01
CA PRO A 71 -16.97 -1.02 -2.28
C PRO A 71 -16.23 -0.26 -3.39
N THR A 72 -15.66 0.86 -3.01
CA THR A 72 -14.91 1.68 -3.95
C THR A 72 -13.73 0.89 -4.51
N ILE A 73 -13.03 0.22 -3.62
CA ILE A 73 -11.87 -0.58 -4.02
C ILE A 73 -12.23 -1.41 -5.25
N ASP A 74 -13.49 -1.81 -5.30
CA ASP A 74 -13.98 -2.62 -6.42
C ASP A 74 -14.46 -1.69 -7.53
N THR A 75 -13.75 -1.76 -8.66
CA THR A 75 -14.10 -0.93 -9.81
C THR A 75 -15.61 -0.99 -10.06
N PRO A 76 -16.16 0.19 -10.49
CA PRO A 76 -17.58 0.29 -10.78
C PRO A 76 -17.92 -0.40 -12.10
N LEU A 77 -19.19 -0.32 -12.46
CA LEU A 77 -19.66 -0.93 -13.70
C LEU A 77 -19.78 0.15 -14.78
N SER A 78 -18.96 -0.01 -15.82
CA SER A 78 -18.97 0.93 -16.92
C SER A 78 -19.47 0.25 -18.19
N GLY A 79 -18.77 -0.79 -18.59
CA GLY A 79 -19.13 -1.53 -19.79
C GLY A 79 -19.43 -3.00 -19.45
N PRO A 80 -19.72 -3.78 -20.52
CA PRO A 80 -20.02 -5.19 -20.35
C PRO A 80 -18.75 -5.99 -20.06
N SER A 81 -18.56 -6.29 -18.78
CA SER A 81 -17.40 -7.05 -18.36
C SER A 81 -17.83 -8.39 -17.78
N SER A 82 -18.67 -8.31 -16.75
CA SER A 82 -19.15 -9.51 -16.09
C SER A 82 -18.01 -10.49 -15.87
N GLY A 83 -17.40 -10.40 -14.69
CA GLY A 83 -16.30 -11.27 -14.35
C GLY A 83 -15.02 -10.47 -14.12
N GLY A 1 -28.31 7.43 26.87
CA GLY A 1 -26.91 7.41 27.27
C GLY A 1 -26.03 6.74 26.20
N SER A 2 -24.87 6.29 26.63
CA SER A 2 -23.94 5.63 25.73
C SER A 2 -22.73 5.10 26.51
N SER A 3 -21.93 4.32 25.82
CA SER A 3 -20.74 3.74 26.44
C SER A 3 -19.80 3.21 25.35
N GLY A 4 -18.58 2.89 25.78
CA GLY A 4 -17.58 2.37 24.87
C GLY A 4 -16.20 2.37 25.52
N SER A 5 -15.24 1.77 24.82
CA SER A 5 -13.89 1.68 25.31
C SER A 5 -12.90 1.68 24.15
N SER A 6 -11.64 1.94 24.48
CA SER A 6 -10.60 1.98 23.46
C SER A 6 -9.24 1.64 24.10
N GLY A 7 -8.36 1.10 23.27
CA GLY A 7 -7.03 0.74 23.74
C GLY A 7 -5.96 1.64 23.12
N ASP A 8 -4.85 1.03 22.73
CA ASP A 8 -3.76 1.76 22.13
C ASP A 8 -2.64 0.78 21.76
N ALA A 9 -2.37 0.70 20.46
CA ALA A 9 -1.34 -0.19 19.96
C ALA A 9 -1.03 0.14 18.50
N VAL A 10 0.21 -0.06 18.13
CA VAL A 10 0.65 0.22 16.77
C VAL A 10 1.74 -0.78 16.37
N GLU A 11 2.55 -0.35 15.41
CA GLU A 11 3.64 -1.19 14.93
C GLU A 11 4.47 -0.44 13.89
N LEU A 12 5.78 -0.66 13.95
CA LEU A 12 6.69 -0.01 13.02
C LEU A 12 8.12 -0.42 13.35
N PHE A 13 8.79 -0.94 12.33
CA PHE A 13 10.18 -1.37 12.50
C PHE A 13 11.08 -0.75 11.44
N LYS A 14 10.58 -0.72 10.21
CA LYS A 14 11.33 -0.15 9.11
C LYS A 14 11.16 1.37 9.11
N LYS A 15 12.27 2.06 8.92
CA LYS A 15 12.27 3.51 8.91
C LYS A 15 13.24 4.01 7.82
N ALA A 16 12.87 5.12 7.21
CA ALA A 16 13.69 5.71 6.17
C ALA A 16 13.59 7.24 6.24
N ASN A 17 14.68 7.85 6.64
CA ASN A 17 14.74 9.30 6.75
C ASN A 17 14.74 9.92 5.34
N ALA A 18 13.55 10.33 4.91
CA ALA A 18 13.41 10.94 3.60
C ALA A 18 12.97 12.39 3.77
N MET A 19 13.90 13.29 3.50
CA MET A 19 13.64 14.71 3.61
C MET A 19 14.24 15.48 2.44
N LEU A 20 13.58 16.58 2.09
CA LEU A 20 14.05 17.40 0.99
C LEU A 20 14.02 16.59 -0.31
N ASP A 21 13.21 17.06 -1.25
CA ASP A 21 13.08 16.38 -2.53
C ASP A 21 12.79 17.42 -3.62
N GLU A 22 13.78 17.65 -4.46
CA GLU A 22 13.64 18.60 -5.54
C GLU A 22 13.52 17.87 -6.88
N ASP A 23 12.48 17.05 -6.99
CA ASP A 23 12.25 16.30 -8.21
C ASP A 23 10.75 16.12 -8.41
N GLU A 24 10.31 16.41 -9.62
CA GLU A 24 8.90 16.30 -9.96
C GLU A 24 8.66 15.05 -10.82
N ASP A 25 7.56 14.37 -10.52
CA ASP A 25 7.22 13.16 -11.26
C ASP A 25 5.73 12.85 -11.03
N GLU A 26 5.10 12.38 -12.10
CA GLU A 26 3.68 12.04 -12.04
C GLU A 26 3.49 10.53 -12.13
N ARG A 27 3.73 9.87 -10.99
CA ARG A 27 3.58 8.43 -10.93
C ARG A 27 3.88 7.94 -9.51
N VAL A 28 3.16 6.89 -9.12
CA VAL A 28 3.33 6.31 -7.80
C VAL A 28 4.78 5.87 -7.63
N ASP A 29 5.13 5.53 -6.40
CA ASP A 29 6.48 5.09 -6.08
C ASP A 29 6.54 3.56 -6.18
N GLU A 30 7.47 3.09 -7.01
CA GLU A 30 7.65 1.67 -7.20
C GLU A 30 8.35 1.05 -5.99
N ALA A 31 9.23 1.84 -5.38
CA ALA A 31 9.97 1.40 -4.23
C ALA A 31 9.00 0.88 -3.16
N ALA A 32 8.05 1.74 -2.80
CA ALA A 32 7.06 1.39 -1.80
C ALA A 32 6.21 0.22 -2.32
N LEU A 33 5.62 0.45 -3.49
CA LEU A 33 4.78 -0.58 -4.10
C LEU A 33 5.46 -1.94 -3.96
N ARG A 34 6.75 -1.96 -4.23
CA ARG A 34 7.52 -3.19 -4.12
C ARG A 34 7.35 -3.81 -2.74
N GLN A 35 7.50 -2.98 -1.73
CA GLN A 35 7.35 -3.43 -0.35
C GLN A 35 6.02 -4.16 -0.17
N LEU A 36 4.95 -3.47 -0.52
CA LEU A 36 3.62 -4.03 -0.41
C LEU A 36 3.53 -5.31 -1.23
N THR A 37 3.72 -5.15 -2.53
CA THR A 37 3.67 -6.28 -3.45
C THR A 37 4.48 -7.45 -2.89
N GLU A 38 5.52 -7.10 -2.14
CA GLU A 38 6.38 -8.11 -1.54
C GLU A 38 5.68 -8.79 -0.37
N MET A 39 4.92 -7.99 0.37
CA MET A 39 4.19 -8.51 1.51
C MET A 39 3.15 -9.54 1.09
N GLY A 40 2.35 -9.15 0.10
CA GLY A 40 1.31 -10.04 -0.41
C GLY A 40 0.04 -9.25 -0.75
N PHE A 41 0.23 -8.21 -1.55
CA PHE A 41 -0.89 -7.37 -1.95
C PHE A 41 -0.91 -7.17 -3.47
N PRO A 42 -2.13 -6.92 -4.01
CA PRO A 42 -2.30 -6.72 -5.43
C PRO A 42 -1.81 -5.32 -5.85
N GLU A 43 -0.86 -5.32 -6.77
CA GLU A 43 -0.30 -4.07 -7.25
C GLU A 43 -1.41 -3.05 -7.51
N ASN A 44 -2.40 -3.48 -8.28
CA ASN A 44 -3.53 -2.61 -8.59
C ASN A 44 -3.92 -1.82 -7.35
N ARG A 45 -4.44 -2.53 -6.37
CA ARG A 45 -4.87 -1.92 -5.12
C ARG A 45 -3.69 -1.22 -4.45
N ALA A 46 -2.63 -1.98 -4.25
CA ALA A 46 -1.43 -1.45 -3.62
C ALA A 46 -1.16 -0.04 -4.16
N THR A 47 -1.25 0.08 -5.47
CA THR A 47 -1.01 1.36 -6.12
C THR A 47 -1.99 2.42 -5.60
N LYS A 48 -3.26 2.19 -5.90
CA LYS A 48 -4.30 3.11 -5.47
C LYS A 48 -4.11 3.44 -3.99
N ALA A 49 -4.08 2.39 -3.17
CA ALA A 49 -3.89 2.55 -1.75
C ALA A 49 -2.77 3.57 -1.49
N LEU A 50 -1.58 3.21 -1.93
CA LEU A 50 -0.42 4.07 -1.77
C LEU A 50 -0.84 5.53 -2.01
N GLN A 51 -1.31 5.77 -3.22
CA GLN A 51 -1.74 7.10 -3.60
C GLN A 51 -2.60 7.72 -2.51
N LEU A 52 -3.38 6.87 -1.87
CA LEU A 52 -4.25 7.31 -0.79
C LEU A 52 -3.46 7.39 0.52
N ASN A 53 -2.49 6.49 0.64
CA ASN A 53 -1.65 6.45 1.82
C ASN A 53 -0.37 7.25 1.55
N HIS A 54 -0.53 8.36 0.86
CA HIS A 54 0.59 9.23 0.54
C HIS A 54 1.81 8.37 0.20
N MET A 55 1.56 7.29 -0.52
CA MET A 55 2.62 6.38 -0.91
C MET A 55 3.37 5.85 0.31
N SER A 56 2.60 5.36 1.27
CA SER A 56 3.19 4.83 2.49
C SER A 56 3.24 3.30 2.42
N VAL A 57 4.37 2.76 2.86
CA VAL A 57 4.56 1.32 2.86
C VAL A 57 3.76 0.69 4.01
N PRO A 58 3.91 1.30 5.21
CA PRO A 58 3.22 0.82 6.39
C PRO A 58 1.75 1.20 6.35
N GLN A 59 1.50 2.51 6.38
CA GLN A 59 0.14 3.01 6.35
C GLN A 59 -0.70 2.23 5.33
N ALA A 60 -0.16 2.13 4.12
CA ALA A 60 -0.84 1.42 3.05
C ALA A 60 -1.43 0.12 3.61
N MET A 61 -0.55 -0.70 4.17
CA MET A 61 -0.96 -1.97 4.74
C MET A 61 -2.31 -1.85 5.43
N GLU A 62 -2.35 -0.99 6.44
CA GLU A 62 -3.57 -0.76 7.18
C GLU A 62 -4.73 -0.42 6.24
N TRP A 63 -4.44 0.50 5.32
CA TRP A 63 -5.44 0.93 4.35
C TRP A 63 -5.93 -0.31 3.61
N LEU A 64 -4.98 -1.15 3.21
CA LEU A 64 -5.31 -2.36 2.49
C LEU A 64 -6.12 -3.29 3.40
N ILE A 65 -5.87 -3.16 4.70
CA ILE A 65 -6.56 -3.97 5.68
C ILE A 65 -7.97 -3.41 5.89
N GLU A 66 -8.02 -2.10 6.06
CA GLU A 66 -9.30 -1.43 6.27
C GLU A 66 -10.16 -1.49 5.01
N HIS A 67 -9.53 -1.15 3.90
CA HIS A 67 -10.21 -1.16 2.62
C HIS A 67 -10.39 -2.61 2.14
N ALA A 68 -9.72 -3.51 2.84
CA ALA A 68 -9.78 -4.92 2.49
C ALA A 68 -11.23 -5.28 2.13
N GLU A 69 -12.16 -4.56 2.74
CA GLU A 69 -13.57 -4.79 2.49
C GLU A 69 -14.26 -3.48 2.11
N ASP A 70 -13.70 -2.82 1.11
CA ASP A 70 -14.25 -1.56 0.64
C ASP A 70 -14.94 -1.79 -0.71
N PRO A 71 -16.06 -1.04 -0.92
CA PRO A 71 -16.81 -1.14 -2.15
C PRO A 71 -16.09 -0.44 -3.29
N THR A 72 -15.69 0.79 -3.04
CA THR A 72 -15.00 1.57 -4.04
C THR A 72 -13.86 0.76 -4.66
N ILE A 73 -13.05 0.16 -3.79
CA ILE A 73 -11.94 -0.65 -4.25
C ILE A 73 -12.39 -1.53 -5.42
N ASP A 74 -13.64 -1.94 -5.35
CA ASP A 74 -14.21 -2.78 -6.40
C ASP A 74 -15.66 -3.12 -6.04
N THR A 75 -16.54 -2.84 -6.99
CA THR A 75 -17.96 -3.12 -6.80
C THR A 75 -18.16 -4.48 -6.12
N PRO A 76 -19.23 -4.55 -5.28
CA PRO A 76 -19.54 -5.78 -4.58
C PRO A 76 -20.15 -6.82 -5.51
N LEU A 77 -20.42 -7.99 -4.95
CA LEU A 77 -21.01 -9.07 -5.73
C LEU A 77 -22.15 -9.70 -4.94
N SER A 78 -23.14 -10.20 -5.67
CA SER A 78 -24.29 -10.83 -5.04
C SER A 78 -24.90 -11.85 -6.00
N GLY A 79 -24.41 -13.08 -5.91
CA GLY A 79 -24.90 -14.15 -6.77
C GLY A 79 -24.59 -15.52 -6.15
N PRO A 80 -23.36 -16.01 -6.44
CA PRO A 80 -22.92 -17.30 -5.93
C PRO A 80 -22.58 -17.21 -4.44
N SER A 81 -21.69 -16.29 -4.13
CA SER A 81 -21.27 -16.10 -2.75
C SER A 81 -20.56 -17.35 -2.24
N SER A 82 -19.36 -17.14 -1.71
CA SER A 82 -18.57 -18.24 -1.19
C SER A 82 -17.72 -17.76 0.00
N GLY A 83 -17.76 -18.53 1.07
CA GLY A 83 -17.01 -18.20 2.25
C GLY A 83 -16.38 -19.45 2.88
N GLY A 1 25.90 -31.20 -51.20
CA GLY A 1 25.37 -30.17 -50.33
C GLY A 1 24.92 -28.95 -51.14
N SER A 2 24.10 -28.12 -50.50
CA SER A 2 23.60 -26.92 -51.14
C SER A 2 23.74 -25.72 -50.20
N SER A 3 23.12 -25.84 -49.04
CA SER A 3 23.16 -24.78 -48.05
C SER A 3 22.30 -25.16 -46.83
N GLY A 4 22.47 -24.38 -45.77
CA GLY A 4 21.71 -24.62 -44.55
C GLY A 4 21.03 -23.35 -44.07
N SER A 5 20.77 -23.30 -42.77
CA SER A 5 20.13 -22.14 -42.17
C SER A 5 20.32 -22.16 -40.66
N SER A 6 19.83 -23.24 -40.04
CA SER A 6 19.94 -23.39 -38.60
C SER A 6 19.34 -22.17 -37.90
N GLY A 7 19.17 -22.30 -36.59
CA GLY A 7 18.61 -21.23 -35.80
C GLY A 7 18.83 -21.47 -34.30
N ASP A 8 18.91 -20.38 -33.55
CA ASP A 8 19.11 -20.47 -32.12
C ASP A 8 19.16 -19.06 -31.53
N ALA A 9 18.77 -18.96 -30.27
CA ALA A 9 18.77 -17.68 -29.58
C ALA A 9 18.39 -17.89 -28.11
N VAL A 10 18.77 -16.92 -27.29
CA VAL A 10 18.50 -17.00 -25.88
C VAL A 10 18.85 -15.66 -25.21
N GLU A 11 17.97 -15.22 -24.33
CA GLU A 11 18.18 -13.97 -23.63
C GLU A 11 17.80 -14.11 -22.15
N LEU A 12 18.35 -13.22 -21.33
CA LEU A 12 18.06 -13.24 -19.91
C LEU A 12 17.86 -11.80 -19.42
N PHE A 13 17.44 -11.69 -18.17
CA PHE A 13 17.20 -10.38 -17.57
C PHE A 13 17.25 -10.46 -16.04
N LYS A 14 17.55 -9.34 -15.44
CA LYS A 14 17.63 -9.26 -13.99
C LYS A 14 17.68 -7.79 -13.55
N LYS A 15 17.38 -7.58 -12.28
CA LYS A 15 17.38 -6.24 -11.73
C LYS A 15 18.70 -5.99 -10.99
N ALA A 16 19.38 -4.94 -11.40
CA ALA A 16 20.65 -4.58 -10.79
C ALA A 16 20.69 -3.06 -10.56
N ASN A 17 21.44 -2.68 -9.54
CA ASN A 17 21.58 -1.27 -9.21
C ASN A 17 20.21 -0.71 -8.81
N ALA A 18 20.21 0.02 -7.69
CA ALA A 18 18.98 0.61 -7.20
C ALA A 18 19.33 1.78 -6.27
N MET A 19 19.54 2.94 -6.89
CA MET A 19 19.88 4.14 -6.14
C MET A 19 18.62 4.90 -5.72
N LEU A 20 18.75 5.63 -4.63
CA LEU A 20 17.64 6.40 -4.11
C LEU A 20 16.54 5.46 -3.62
N ASP A 21 16.38 5.41 -2.31
CA ASP A 21 15.39 4.55 -1.69
C ASP A 21 14.02 5.22 -1.78
N GLU A 22 13.97 6.46 -1.29
CA GLU A 22 12.74 7.22 -1.30
C GLU A 22 12.91 8.51 -2.12
N ASP A 23 12.11 8.62 -3.16
CA ASP A 23 12.17 9.79 -4.03
C ASP A 23 10.75 10.31 -4.28
N GLU A 24 10.67 11.62 -4.51
CA GLU A 24 9.39 12.24 -4.76
C GLU A 24 9.11 12.31 -6.26
N ASP A 25 7.84 12.15 -6.60
CA ASP A 25 7.43 12.19 -8.00
C ASP A 25 5.91 12.04 -8.09
N GLU A 26 5.35 12.55 -9.17
CA GLU A 26 3.92 12.46 -9.39
C GLU A 26 3.46 11.00 -9.38
N ARG A 27 3.91 10.27 -10.38
CA ARG A 27 3.55 8.86 -10.48
C ARG A 27 3.82 8.14 -9.15
N VAL A 28 2.95 7.19 -8.86
CA VAL A 28 3.07 6.42 -7.64
C VAL A 28 4.53 5.99 -7.45
N ASP A 29 4.84 5.58 -6.23
CA ASP A 29 6.19 5.13 -5.91
C ASP A 29 6.32 3.64 -6.24
N GLU A 30 7.46 3.29 -6.83
CA GLU A 30 7.72 1.91 -7.19
C GLU A 30 8.38 1.18 -6.02
N ALA A 31 9.36 1.84 -5.42
CA ALA A 31 10.07 1.26 -4.30
C ALA A 31 9.07 0.73 -3.28
N ALA A 32 8.16 1.62 -2.88
CA ALA A 32 7.14 1.25 -1.91
C ALA A 32 6.28 0.12 -2.48
N LEU A 33 5.75 0.36 -3.67
CA LEU A 33 4.91 -0.63 -4.33
C LEU A 33 5.51 -2.02 -4.12
N ARG A 34 6.80 -2.11 -4.37
CA ARG A 34 7.50 -3.37 -4.20
C ARG A 34 7.26 -3.94 -2.80
N GLN A 35 7.48 -3.10 -1.81
CA GLN A 35 7.30 -3.50 -0.42
C GLN A 35 5.95 -4.22 -0.26
N LEU A 36 4.89 -3.52 -0.63
CA LEU A 36 3.55 -4.07 -0.54
C LEU A 36 3.48 -5.38 -1.33
N THR A 37 3.65 -5.24 -2.64
CA THR A 37 3.62 -6.40 -3.51
C THR A 37 4.45 -7.54 -2.93
N GLU A 38 5.51 -7.16 -2.23
CA GLU A 38 6.40 -8.14 -1.63
C GLU A 38 5.72 -8.80 -0.43
N MET A 39 4.94 -8.00 0.28
CA MET A 39 4.22 -8.50 1.45
C MET A 39 3.19 -9.54 1.05
N GLY A 40 2.19 -9.09 0.28
CA GLY A 40 1.13 -9.97 -0.17
C GLY A 40 -0.09 -9.16 -0.60
N PHE A 41 0.14 -8.20 -1.47
CA PHE A 41 -0.93 -7.35 -1.97
C PHE A 41 -0.80 -7.13 -3.48
N PRO A 42 -1.97 -6.88 -4.13
CA PRO A 42 -2.00 -6.65 -5.56
C PRO A 42 -1.49 -5.26 -5.90
N GLU A 43 -0.78 -5.18 -7.02
CA GLU A 43 -0.23 -3.92 -7.47
C GLU A 43 -1.32 -2.83 -7.50
N ASN A 44 -2.38 -3.13 -8.22
CA ASN A 44 -3.49 -2.20 -8.32
C ASN A 44 -3.79 -1.61 -6.94
N ARG A 45 -4.29 -2.47 -6.05
CA ARG A 45 -4.62 -2.05 -4.70
C ARG A 45 -3.45 -1.28 -4.08
N ALA A 46 -2.34 -1.99 -3.90
CA ALA A 46 -1.15 -1.40 -3.32
C ALA A 46 -0.96 0.01 -3.89
N THR A 47 -0.89 0.07 -5.21
CA THR A 47 -0.71 1.35 -5.89
C THR A 47 -1.80 2.34 -5.46
N LYS A 48 -3.03 1.85 -5.48
CA LYS A 48 -4.16 2.68 -5.10
C LYS A 48 -3.93 3.24 -3.69
N ALA A 49 -3.93 2.34 -2.73
CA ALA A 49 -3.72 2.72 -1.34
C ALA A 49 -2.57 3.73 -1.27
N LEU A 50 -1.46 3.34 -1.86
CA LEU A 50 -0.27 4.19 -1.87
C LEU A 50 -0.69 5.62 -2.25
N GLN A 51 -1.53 5.69 -3.28
CA GLN A 51 -2.00 6.98 -3.76
C GLN A 51 -2.83 7.68 -2.68
N LEU A 52 -3.45 6.87 -1.84
CA LEU A 52 -4.28 7.39 -0.76
C LEU A 52 -3.54 7.25 0.56
N ASN A 53 -2.25 6.96 0.45
CA ASN A 53 -1.42 6.80 1.63
C ASN A 53 -0.13 7.60 1.46
N HIS A 54 -0.27 8.76 0.83
CA HIS A 54 0.87 9.62 0.59
C HIS A 54 2.09 8.78 0.22
N MET A 55 1.82 7.65 -0.41
CA MET A 55 2.88 6.75 -0.82
C MET A 55 3.59 6.14 0.40
N SER A 56 2.78 5.58 1.29
CA SER A 56 3.31 4.97 2.50
C SER A 56 3.27 3.44 2.37
N VAL A 57 4.36 2.82 2.81
CA VAL A 57 4.46 1.38 2.74
C VAL A 57 3.62 0.76 3.87
N PRO A 58 3.78 1.33 5.08
CA PRO A 58 3.04 0.86 6.24
C PRO A 58 1.58 1.29 6.18
N GLN A 59 1.39 2.60 6.25
CA GLN A 59 0.05 3.17 6.20
C GLN A 59 -0.79 2.45 5.13
N ALA A 60 -0.17 2.22 3.99
CA ALA A 60 -0.84 1.55 2.89
C ALA A 60 -1.45 0.24 3.39
N MET A 61 -0.62 -0.55 4.06
CA MET A 61 -1.05 -1.82 4.58
C MET A 61 -2.40 -1.68 5.31
N GLU A 62 -2.38 -0.90 6.38
CA GLU A 62 -3.58 -0.68 7.16
C GLU A 62 -4.75 -0.32 6.25
N TRP A 63 -4.50 0.61 5.34
CA TRP A 63 -5.52 1.03 4.40
C TRP A 63 -6.00 -0.19 3.63
N LEU A 64 -5.04 -1.05 3.29
CA LEU A 64 -5.35 -2.25 2.55
C LEU A 64 -6.17 -3.20 3.43
N ILE A 65 -5.90 -3.12 4.72
CA ILE A 65 -6.61 -3.96 5.68
C ILE A 65 -8.02 -3.40 5.88
N GLU A 66 -8.11 -2.08 5.88
CA GLU A 66 -9.40 -1.42 6.07
C GLU A 66 -10.30 -1.66 4.86
N HIS A 67 -9.81 -1.27 3.69
CA HIS A 67 -10.57 -1.44 2.47
C HIS A 67 -10.70 -2.93 2.15
N ALA A 68 -9.95 -3.73 2.90
CA ALA A 68 -9.99 -5.17 2.72
C ALA A 68 -11.44 -5.65 2.73
N GLU A 69 -12.25 -4.95 3.50
CA GLU A 69 -13.66 -5.30 3.60
C GLU A 69 -14.51 -4.28 2.85
N ASP A 70 -13.97 -3.81 1.73
CA ASP A 70 -14.67 -2.83 0.91
C ASP A 70 -14.93 -3.42 -0.47
N PRO A 71 -16.24 -3.42 -0.86
CA PRO A 71 -16.64 -3.96 -2.15
C PRO A 71 -16.27 -3.00 -3.28
N THR A 72 -15.69 -1.88 -2.90
CA THR A 72 -15.28 -0.87 -3.87
C THR A 72 -13.88 -0.36 -3.53
N ILE A 73 -12.89 -1.20 -3.81
CA ILE A 73 -11.51 -0.85 -3.54
C ILE A 73 -10.81 -0.52 -4.87
N ASP A 74 -10.96 -1.42 -5.81
CA ASP A 74 -10.36 -1.25 -7.13
C ASP A 74 -10.97 -0.02 -7.80
N THR A 75 -10.33 0.38 -8.89
CA THR A 75 -10.80 1.55 -9.63
C THR A 75 -12.05 1.19 -10.45
N PRO A 76 -12.98 2.18 -10.53
CA PRO A 76 -14.21 1.97 -11.27
C PRO A 76 -13.97 2.03 -12.78
N LEU A 77 -13.90 0.85 -13.37
CA LEU A 77 -13.66 0.74 -14.81
C LEU A 77 -14.51 1.80 -15.54
N SER A 78 -13.84 2.58 -16.36
CA SER A 78 -14.51 3.62 -17.11
C SER A 78 -13.76 3.90 -18.42
N GLY A 79 -13.90 2.97 -19.35
CA GLY A 79 -13.24 3.10 -20.63
C GLY A 79 -14.12 3.87 -21.63
N PRO A 80 -13.68 3.85 -22.92
CA PRO A 80 -14.41 4.53 -23.97
C PRO A 80 -15.69 3.76 -24.35
N SER A 81 -16.42 4.33 -25.29
CA SER A 81 -17.65 3.70 -25.75
C SER A 81 -17.67 3.65 -27.28
N SER A 82 -18.42 2.69 -27.79
CA SER A 82 -18.53 2.52 -29.23
C SER A 82 -17.16 2.19 -29.83
N GLY A 83 -17.20 1.54 -30.99
CA GLY A 83 -15.97 1.18 -31.66
C GLY A 83 -16.02 1.56 -33.15
N GLY A 1 -22.46 49.25 2.15
CA GLY A 1 -21.98 48.30 1.14
C GLY A 1 -21.64 46.96 1.77
N SER A 2 -21.47 45.97 0.92
CA SER A 2 -21.15 44.62 1.38
C SER A 2 -20.59 43.80 0.21
N SER A 3 -20.07 42.62 0.56
CA SER A 3 -19.51 41.73 -0.44
C SER A 3 -19.49 40.30 0.09
N GLY A 4 -19.30 39.37 -0.82
CA GLY A 4 -19.26 37.96 -0.46
C GLY A 4 -19.22 37.07 -1.71
N SER A 5 -18.80 35.83 -1.50
CA SER A 5 -18.71 34.87 -2.58
C SER A 5 -18.31 33.50 -2.04
N SER A 6 -18.88 32.47 -2.66
CA SER A 6 -18.60 31.10 -2.25
C SER A 6 -19.30 30.12 -3.20
N GLY A 7 -18.68 28.96 -3.35
CA GLY A 7 -19.22 27.93 -4.22
C GLY A 7 -18.31 26.70 -4.25
N ASP A 8 -18.80 25.62 -3.66
CA ASP A 8 -18.04 24.38 -3.62
C ASP A 8 -18.27 23.60 -4.92
N ALA A 9 -17.39 22.64 -5.16
CA ALA A 9 -17.48 21.83 -6.36
C ALA A 9 -17.40 20.36 -5.98
N VAL A 10 -17.60 19.50 -6.97
CA VAL A 10 -17.55 18.06 -6.75
C VAL A 10 -17.55 17.35 -8.10
N GLU A 11 -16.77 16.27 -8.17
CA GLU A 11 -16.68 15.49 -9.39
C GLU A 11 -16.03 14.14 -9.11
N LEU A 12 -16.83 13.10 -9.23
CA LEU A 12 -16.36 11.74 -8.99
C LEU A 12 -15.80 11.17 -10.30
N PHE A 13 -14.47 11.05 -10.32
CA PHE A 13 -13.80 10.51 -11.50
C PHE A 13 -12.44 9.92 -11.13
N LYS A 14 -12.08 8.87 -11.84
CA LYS A 14 -10.81 8.19 -11.60
C LYS A 14 -9.98 8.19 -12.88
N LYS A 15 -10.52 7.51 -13.88
CA LYS A 15 -9.83 7.42 -15.16
C LYS A 15 -8.54 6.62 -15.01
N ALA A 16 -8.71 5.33 -14.75
CA ALA A 16 -7.58 4.44 -14.57
C ALA A 16 -7.43 3.55 -15.79
N ASN A 17 -7.01 4.17 -16.89
CA ASN A 17 -6.83 3.44 -18.14
C ASN A 17 -6.15 4.36 -19.16
N ALA A 18 -4.89 4.05 -19.45
CA ALA A 18 -4.14 4.84 -20.40
C ALA A 18 -2.76 4.20 -20.60
N MET A 19 -2.50 3.82 -21.85
CA MET A 19 -1.23 3.20 -22.19
C MET A 19 -0.50 3.98 -23.29
N LEU A 20 0.44 4.80 -22.86
CA LEU A 20 1.21 5.60 -23.79
C LEU A 20 2.32 6.33 -23.04
N ASP A 21 3.55 5.96 -23.37
CA ASP A 21 4.71 6.57 -22.73
C ASP A 21 4.65 8.09 -22.91
N GLU A 22 4.25 8.75 -21.84
CA GLU A 22 4.14 10.21 -21.86
C GLU A 22 5.01 10.83 -20.75
N ASP A 23 5.30 12.10 -20.92
CA ASP A 23 6.11 12.82 -19.95
C ASP A 23 5.62 12.50 -18.54
N GLU A 24 6.52 12.66 -17.57
CA GLU A 24 6.18 12.40 -16.19
C GLU A 24 4.88 13.11 -15.80
N ASP A 25 4.14 12.48 -14.90
CA ASP A 25 2.89 13.05 -14.44
C ASP A 25 2.65 12.66 -12.98
N GLU A 26 3.76 12.37 -12.29
CA GLU A 26 3.68 11.98 -10.90
C GLU A 26 3.01 10.61 -10.77
N ARG A 27 3.84 9.58 -10.76
CA ARG A 27 3.33 8.22 -10.64
C ARG A 27 3.69 7.64 -9.27
N VAL A 28 2.82 6.77 -8.78
CA VAL A 28 3.03 6.13 -7.49
C VAL A 28 4.49 5.72 -7.38
N ASP A 29 4.90 5.46 -6.13
CA ASP A 29 6.28 5.06 -5.88
C ASP A 29 6.41 3.55 -6.09
N GLU A 30 7.44 3.18 -6.83
CA GLU A 30 7.68 1.77 -7.12
C GLU A 30 8.38 1.10 -5.94
N ALA A 31 9.35 1.80 -5.39
CA ALA A 31 10.10 1.28 -4.25
C ALA A 31 9.12 0.77 -3.20
N ALA A 32 8.21 1.64 -2.80
CA ALA A 32 7.22 1.29 -1.80
C ALA A 32 6.33 0.18 -2.35
N LEU A 33 5.74 0.43 -3.51
CA LEU A 33 4.87 -0.54 -4.14
C LEU A 33 5.48 -1.94 -3.98
N ARG A 34 6.78 -2.02 -4.21
CA ARG A 34 7.48 -3.28 -4.09
C ARG A 34 7.28 -3.88 -2.69
N GLN A 35 7.55 -3.06 -1.69
CA GLN A 35 7.39 -3.48 -0.31
C GLN A 35 6.03 -4.14 -0.10
N LEU A 36 5.01 -3.48 -0.61
CA LEU A 36 3.65 -3.99 -0.49
C LEU A 36 3.53 -5.29 -1.27
N THR A 37 3.63 -5.17 -2.59
CA THR A 37 3.53 -6.33 -3.46
C THR A 37 4.39 -7.47 -2.93
N GLU A 38 5.49 -7.09 -2.29
CA GLU A 38 6.40 -8.07 -1.72
C GLU A 38 5.80 -8.70 -0.47
N MET A 39 5.07 -7.88 0.28
CA MET A 39 4.44 -8.34 1.50
C MET A 39 3.36 -9.38 1.19
N GLY A 40 2.35 -8.95 0.45
CA GLY A 40 1.25 -9.83 0.08
C GLY A 40 0.00 -9.02 -0.28
N PHE A 41 0.16 -8.16 -1.27
CA PHE A 41 -0.95 -7.32 -1.72
C PHE A 41 -0.89 -7.12 -3.24
N PRO A 42 -2.09 -6.94 -3.84
CA PRO A 42 -2.20 -6.73 -5.27
C PRO A 42 -1.75 -5.33 -5.66
N GLU A 43 -0.91 -5.27 -6.67
CA GLU A 43 -0.39 -3.99 -7.14
C GLU A 43 -1.54 -2.99 -7.32
N ASN A 44 -2.56 -3.43 -8.05
CA ASN A 44 -3.71 -2.58 -8.30
C ASN A 44 -4.09 -1.86 -7.01
N ARG A 45 -4.45 -2.64 -6.00
CA ARG A 45 -4.84 -2.08 -4.72
C ARG A 45 -3.66 -1.35 -4.09
N ALA A 46 -2.58 -2.08 -3.89
CA ALA A 46 -1.39 -1.51 -3.29
C ALA A 46 -1.17 -0.10 -3.85
N THR A 47 -1.25 -0.01 -5.17
CA THR A 47 -1.06 1.27 -5.84
C THR A 47 -2.07 2.29 -5.32
N LYS A 48 -3.35 1.98 -5.54
CA LYS A 48 -4.41 2.88 -5.10
C LYS A 48 -4.13 3.34 -3.67
N ALA A 49 -3.92 2.35 -2.79
CA ALA A 49 -3.64 2.65 -1.40
C ALA A 49 -2.51 3.66 -1.30
N LEU A 50 -1.37 3.29 -1.87
CA LEU A 50 -0.21 4.15 -1.87
C LEU A 50 -0.64 5.58 -2.21
N GLN A 51 -1.48 5.69 -3.22
CA GLN A 51 -1.97 6.98 -3.66
C GLN A 51 -2.78 7.65 -2.55
N LEU A 52 -3.53 6.82 -1.82
CA LEU A 52 -4.35 7.31 -0.73
C LEU A 52 -3.58 7.16 0.58
N ASN A 53 -2.29 6.90 0.46
CA ASN A 53 -1.44 6.73 1.62
C ASN A 53 -0.18 7.58 1.44
N HIS A 54 -0.35 8.73 0.79
CA HIS A 54 0.76 9.63 0.55
C HIS A 54 2.02 8.82 0.22
N MET A 55 1.79 7.68 -0.41
CA MET A 55 2.89 6.81 -0.80
C MET A 55 3.59 6.23 0.44
N SER A 56 2.80 5.56 1.27
CA SER A 56 3.32 4.96 2.48
C SER A 56 3.32 3.43 2.34
N VAL A 57 4.42 2.83 2.77
CA VAL A 57 4.56 1.39 2.71
C VAL A 57 3.72 0.75 3.81
N PRO A 58 3.85 1.33 5.04
CA PRO A 58 3.11 0.82 6.19
C PRO A 58 1.63 1.23 6.11
N GLN A 59 1.41 2.53 6.16
CA GLN A 59 0.05 3.05 6.10
C GLN A 59 -0.77 2.29 5.07
N ALA A 60 -0.19 2.15 3.88
CA ALA A 60 -0.86 1.44 2.80
C ALA A 60 -1.42 0.12 3.33
N MET A 61 -0.56 -0.62 4.01
CA MET A 61 -0.95 -1.90 4.58
C MET A 61 -2.31 -1.78 5.29
N GLU A 62 -2.33 -1.00 6.35
CA GLU A 62 -3.54 -0.81 7.12
C GLU A 62 -4.70 -0.45 6.19
N TRP A 63 -4.47 0.55 5.36
CA TRP A 63 -5.49 0.99 4.42
C TRP A 63 -5.96 -0.23 3.63
N LEU A 64 -5.01 -1.08 3.27
CA LEU A 64 -5.32 -2.28 2.52
C LEU A 64 -6.13 -3.23 3.40
N ILE A 65 -5.75 -3.26 4.68
CA ILE A 65 -6.43 -4.13 5.63
C ILE A 65 -7.85 -3.62 5.85
N GLU A 66 -8.00 -2.30 5.79
CA GLU A 66 -9.29 -1.69 5.99
C GLU A 66 -10.10 -1.73 4.69
N HIS A 67 -9.66 -0.95 3.73
CA HIS A 67 -10.33 -0.89 2.44
C HIS A 67 -10.57 -2.31 1.93
N ALA A 68 -9.76 -3.23 2.42
CA ALA A 68 -9.88 -4.62 2.02
C ALA A 68 -11.36 -4.99 1.94
N GLU A 69 -12.08 -4.67 2.99
CA GLU A 69 -13.50 -4.96 3.06
C GLU A 69 -14.32 -3.68 2.94
N ASP A 70 -14.19 -3.04 1.78
CA ASP A 70 -14.91 -1.80 1.53
C ASP A 70 -15.56 -1.87 0.14
N PRO A 71 -16.46 -0.88 -0.12
CA PRO A 71 -17.14 -0.82 -1.41
C PRO A 71 -16.21 -0.31 -2.50
N THR A 72 -15.69 0.89 -2.27
CA THR A 72 -14.78 1.51 -3.22
C THR A 72 -13.85 0.46 -3.83
N ILE A 73 -13.16 -0.26 -2.95
CA ILE A 73 -12.24 -1.29 -3.38
C ILE A 73 -13.00 -2.36 -4.17
N ASP A 74 -14.11 -2.79 -3.59
CA ASP A 74 -14.94 -3.81 -4.23
C ASP A 74 -16.04 -4.25 -3.26
N THR A 75 -17.27 -4.00 -3.67
CA THR A 75 -18.41 -4.36 -2.84
C THR A 75 -18.44 -5.87 -2.60
N PRO A 76 -18.88 -6.25 -1.37
CA PRO A 76 -18.96 -7.65 -1.01
C PRO A 76 -20.16 -8.33 -1.68
N LEU A 77 -20.51 -9.50 -1.15
CA LEU A 77 -21.63 -10.25 -1.70
C LEU A 77 -22.68 -10.45 -0.60
N SER A 78 -23.83 -10.94 -1.02
CA SER A 78 -24.93 -11.18 -0.09
C SER A 78 -24.42 -11.98 1.11
N GLY A 79 -24.67 -11.43 2.29
CA GLY A 79 -24.25 -12.08 3.52
C GLY A 79 -25.46 -12.32 4.45
N PRO A 80 -25.13 -12.68 5.72
CA PRO A 80 -26.16 -12.93 6.71
C PRO A 80 -26.78 -11.63 7.20
N SER A 81 -28.10 -11.64 7.28
CA SER A 81 -28.84 -10.46 7.73
C SER A 81 -30.27 -10.86 8.12
N SER A 82 -30.53 -10.76 9.42
CA SER A 82 -31.84 -11.10 9.94
C SER A 82 -32.92 -10.25 9.25
N GLY A 83 -34.15 -10.75 9.30
CA GLY A 83 -35.27 -10.06 8.68
C GLY A 83 -36.37 -9.79 9.70
N GLY A 1 -22.97 28.22 24.76
CA GLY A 1 -22.45 27.70 26.01
C GLY A 1 -21.63 26.43 25.77
N SER A 2 -20.62 26.25 26.62
CA SER A 2 -19.76 25.08 26.50
C SER A 2 -18.92 24.94 27.78
N SER A 3 -18.45 23.71 28.00
CA SER A 3 -17.65 23.42 29.18
C SER A 3 -17.22 21.96 29.16
N GLY A 4 -15.94 21.75 28.91
CA GLY A 4 -15.39 20.40 28.87
C GLY A 4 -13.89 20.41 29.18
N SER A 5 -13.12 20.67 28.14
CA SER A 5 -11.67 20.70 28.29
C SER A 5 -11.15 19.33 28.70
N SER A 6 -10.06 18.93 28.07
CA SER A 6 -9.45 17.63 28.35
C SER A 6 -8.20 17.45 27.50
N GLY A 7 -7.21 16.80 28.09
CA GLY A 7 -5.96 16.54 27.40
C GLY A 7 -5.29 15.27 27.92
N ASP A 8 -4.16 14.92 27.31
CA ASP A 8 -3.43 13.73 27.69
C ASP A 8 -2.20 13.59 26.79
N ALA A 9 -1.04 13.66 27.42
CA ALA A 9 0.21 13.54 26.69
C ALA A 9 1.37 13.46 27.68
N VAL A 10 1.87 12.25 27.88
CA VAL A 10 2.98 12.02 28.80
C VAL A 10 3.93 11.00 28.20
N GLU A 11 5.19 11.41 28.07
CA GLU A 11 6.21 10.52 27.52
C GLU A 11 5.90 10.21 26.05
N LEU A 12 6.95 10.01 25.29
CA LEU A 12 6.81 9.69 23.88
C LEU A 12 8.18 9.40 23.28
N PHE A 13 8.24 8.32 22.51
CA PHE A 13 9.48 7.92 21.87
C PHE A 13 9.65 8.58 20.51
N LYS A 14 10.89 8.62 20.05
CA LYS A 14 11.19 9.23 18.76
C LYS A 14 12.34 8.47 18.10
N LYS A 15 11.97 7.52 17.25
CA LYS A 15 12.96 6.71 16.55
C LYS A 15 13.01 7.12 15.09
N ALA A 16 13.92 6.51 14.35
CA ALA A 16 14.07 6.81 12.93
C ALA A 16 12.75 6.52 12.21
N ASN A 17 12.49 7.33 11.20
CA ASN A 17 11.27 7.17 10.42
C ASN A 17 11.62 6.52 9.08
N ALA A 18 12.52 7.17 8.36
CA ALA A 18 12.94 6.67 7.06
C ALA A 18 11.71 6.45 6.18
N MET A 19 11.28 7.53 5.54
CA MET A 19 10.11 7.47 4.67
C MET A 19 10.12 8.64 3.68
N LEU A 20 11.31 9.14 3.41
CA LEU A 20 11.45 10.26 2.48
C LEU A 20 12.90 10.30 1.97
N ASP A 21 13.05 9.98 0.69
CA ASP A 21 14.36 9.98 0.07
C ASP A 21 14.34 10.88 -1.17
N GLU A 22 15.03 12.00 -1.06
CA GLU A 22 15.09 12.95 -2.16
C GLU A 22 13.68 13.40 -2.56
N ASP A 23 13.64 14.46 -3.35
CA ASP A 23 12.37 15.00 -3.81
C ASP A 23 11.50 13.85 -4.35
N GLU A 24 10.20 14.02 -4.20
CA GLU A 24 9.25 13.01 -4.67
C GLU A 24 9.54 12.65 -6.13
N ASP A 25 8.87 11.61 -6.59
CA ASP A 25 9.05 11.15 -7.96
C ASP A 25 7.67 11.06 -8.64
N GLU A 26 7.63 11.56 -9.87
CA GLU A 26 6.39 11.54 -10.64
C GLU A 26 5.74 10.16 -10.56
N ARG A 27 4.41 10.16 -10.60
CA ARG A 27 3.66 8.92 -10.54
C ARG A 27 3.95 8.19 -9.22
N VAL A 28 3.08 7.23 -8.91
CA VAL A 28 3.23 6.45 -7.69
C VAL A 28 4.68 5.98 -7.57
N ASP A 29 5.05 5.65 -6.35
CA ASP A 29 6.41 5.18 -6.07
C ASP A 29 6.47 3.67 -6.31
N GLU A 30 7.57 3.25 -6.91
CA GLU A 30 7.77 1.84 -7.20
C GLU A 30 8.41 1.14 -6.00
N ALA A 31 9.43 1.78 -5.46
CA ALA A 31 10.14 1.22 -4.31
C ALA A 31 9.12 0.74 -3.27
N ALA A 32 8.20 1.64 -2.93
CA ALA A 32 7.17 1.33 -1.97
C ALA A 32 6.30 0.19 -2.50
N LEU A 33 5.73 0.42 -3.67
CA LEU A 33 4.88 -0.57 -4.30
C LEU A 33 5.49 -1.96 -4.11
N ARG A 34 6.78 -2.05 -4.37
CA ARG A 34 7.50 -3.31 -4.23
C ARG A 34 7.28 -3.88 -2.83
N GLN A 35 7.41 -3.00 -1.84
CA GLN A 35 7.24 -3.41 -0.46
C GLN A 35 5.91 -4.14 -0.29
N LEU A 36 4.83 -3.43 -0.61
CA LEU A 36 3.50 -4.00 -0.49
C LEU A 36 3.44 -5.32 -1.26
N THR A 37 3.64 -5.21 -2.57
CA THR A 37 3.62 -6.38 -3.43
C THR A 37 4.53 -7.47 -2.87
N GLU A 38 5.54 -7.04 -2.14
CA GLU A 38 6.48 -7.97 -1.54
C GLU A 38 5.86 -8.65 -0.32
N MET A 39 4.91 -7.95 0.29
CA MET A 39 4.23 -8.47 1.46
C MET A 39 3.16 -9.50 1.07
N GLY A 40 2.10 -9.01 0.45
CA GLY A 40 1.02 -9.88 0.02
C GLY A 40 -0.17 -9.07 -0.49
N PHE A 41 0.13 -8.18 -1.42
CA PHE A 41 -0.90 -7.33 -2.01
C PHE A 41 -0.65 -7.11 -3.51
N PRO A 42 -1.77 -6.89 -4.24
CA PRO A 42 -1.68 -6.67 -5.68
C PRO A 42 -1.16 -5.26 -5.98
N GLU A 43 -0.76 -5.07 -7.24
CA GLU A 43 -0.24 -3.79 -7.67
C GLU A 43 -1.34 -2.73 -7.63
N ASN A 44 -2.47 -3.06 -8.25
CA ASN A 44 -3.60 -2.14 -8.29
C ASN A 44 -3.87 -1.61 -6.88
N ARG A 45 -4.15 -2.52 -5.97
CA ARG A 45 -4.43 -2.16 -4.60
C ARG A 45 -3.28 -1.32 -4.03
N ALA A 46 -2.15 -2.00 -3.82
CA ALA A 46 -0.97 -1.33 -3.29
C ALA A 46 -0.83 0.04 -3.94
N THR A 47 -1.00 0.07 -5.25
CA THR A 47 -0.89 1.32 -6.00
C THR A 47 -1.91 2.33 -5.48
N LYS A 48 -3.18 1.98 -5.63
CA LYS A 48 -4.25 2.85 -5.18
C LYS A 48 -3.98 3.29 -3.73
N ALA A 49 -3.89 2.30 -2.86
CA ALA A 49 -3.64 2.56 -1.45
C ALA A 49 -2.52 3.61 -1.33
N LEU A 50 -1.37 3.25 -1.89
CA LEU A 50 -0.23 4.14 -1.85
C LEU A 50 -0.66 5.56 -2.24
N GLN A 51 -1.41 5.63 -3.32
CA GLN A 51 -1.90 6.90 -3.81
C GLN A 51 -2.78 7.58 -2.76
N LEU A 52 -3.41 6.74 -1.94
CA LEU A 52 -4.28 7.24 -0.89
C LEU A 52 -3.57 7.11 0.46
N ASN A 53 -2.28 6.85 0.39
CA ASN A 53 -1.47 6.69 1.59
C ASN A 53 -0.18 7.50 1.45
N HIS A 54 -0.32 8.65 0.81
CA HIS A 54 0.82 9.54 0.60
C HIS A 54 2.06 8.70 0.23
N MET A 55 1.79 7.56 -0.40
CA MET A 55 2.86 6.66 -0.81
C MET A 55 3.55 6.05 0.41
N SER A 56 2.74 5.55 1.32
CA SER A 56 3.27 4.94 2.53
C SER A 56 3.29 3.42 2.39
N VAL A 57 4.37 2.82 2.85
CA VAL A 57 4.52 1.38 2.77
C VAL A 57 3.66 0.71 3.85
N PRO A 58 3.78 1.26 5.09
CA PRO A 58 3.02 0.74 6.21
C PRO A 58 1.55 1.17 6.13
N GLN A 59 1.34 2.47 6.21
CA GLN A 59 -0.01 3.02 6.15
C GLN A 59 -0.83 2.27 5.09
N ALA A 60 -0.23 2.14 3.91
CA ALA A 60 -0.91 1.45 2.82
C ALA A 60 -1.49 0.13 3.33
N MET A 61 -0.67 -0.60 4.08
CA MET A 61 -1.09 -1.87 4.63
C MET A 61 -2.43 -1.73 5.36
N GLU A 62 -2.41 -0.94 6.42
CA GLU A 62 -3.61 -0.72 7.20
C GLU A 62 -4.79 -0.36 6.29
N TRP A 63 -4.51 0.52 5.33
CA TRP A 63 -5.54 0.95 4.39
C TRP A 63 -6.02 -0.28 3.63
N LEU A 64 -5.08 -1.18 3.35
CA LEU A 64 -5.40 -2.39 2.64
C LEU A 64 -6.17 -3.35 3.55
N ILE A 65 -5.94 -3.18 4.85
CA ILE A 65 -6.60 -4.01 5.84
C ILE A 65 -8.02 -3.48 6.07
N GLU A 66 -8.14 -2.16 5.99
CA GLU A 66 -9.42 -1.52 6.19
C GLU A 66 -10.31 -1.70 4.95
N HIS A 67 -9.88 -1.09 3.86
CA HIS A 67 -10.62 -1.17 2.61
C HIS A 67 -10.79 -2.64 2.22
N ALA A 68 -9.97 -3.49 2.82
CA ALA A 68 -10.03 -4.91 2.55
C ALA A 68 -11.46 -5.41 2.71
N GLU A 69 -12.21 -4.68 3.53
CA GLU A 69 -13.60 -5.03 3.78
C GLU A 69 -14.52 -4.33 2.77
N ASP A 70 -14.10 -3.16 2.36
CA ASP A 70 -14.87 -2.38 1.40
C ASP A 70 -15.02 -3.19 0.10
N PRO A 71 -16.29 -3.26 -0.38
CA PRO A 71 -16.58 -4.00 -1.60
C PRO A 71 -16.11 -3.23 -2.84
N THR A 72 -15.60 -2.02 -2.58
CA THR A 72 -15.11 -1.18 -3.66
C THR A 72 -13.74 -0.61 -3.31
N ILE A 73 -12.73 -1.47 -3.41
CA ILE A 73 -11.37 -1.07 -3.11
C ILE A 73 -10.59 -0.90 -4.42
N ASP A 74 -10.77 -1.87 -5.31
CA ASP A 74 -10.09 -1.84 -6.60
C ASP A 74 -10.85 -0.91 -7.55
N THR A 75 -12.08 -1.31 -7.87
CA THR A 75 -12.91 -0.53 -8.75
C THR A 75 -14.37 -0.59 -8.31
N PRO A 76 -15.10 0.55 -8.55
CA PRO A 76 -16.50 0.63 -8.17
C PRO A 76 -17.37 -0.18 -9.14
N LEU A 77 -17.87 -1.30 -8.64
CA LEU A 77 -18.72 -2.16 -9.44
C LEU A 77 -20.08 -1.48 -9.65
N SER A 78 -20.16 -0.72 -10.73
CA SER A 78 -21.39 -0.01 -11.06
C SER A 78 -21.61 1.12 -10.06
N GLY A 79 -20.79 2.15 -10.16
CA GLY A 79 -20.89 3.29 -9.28
C GLY A 79 -21.53 4.48 -10.01
N PRO A 80 -21.68 5.60 -9.24
CA PRO A 80 -22.27 6.81 -9.80
C PRO A 80 -21.28 7.54 -10.71
N SER A 81 -21.80 8.47 -11.49
CA SER A 81 -20.98 9.24 -12.40
C SER A 81 -20.65 10.61 -11.79
N SER A 82 -21.71 11.33 -11.45
CA SER A 82 -21.55 12.65 -10.87
C SER A 82 -20.73 12.55 -9.57
N GLY A 83 -21.25 11.78 -8.63
CA GLY A 83 -20.58 11.60 -7.36
C GLY A 83 -20.38 10.11 -7.05
N GLY A 1 -27.53 -15.00 -9.28
CA GLY A 1 -27.36 -14.77 -7.85
C GLY A 1 -26.09 -13.96 -7.59
N SER A 2 -25.69 -13.96 -6.32
CA SER A 2 -24.50 -13.23 -5.92
C SER A 2 -24.19 -13.51 -4.44
N SER A 3 -22.93 -13.34 -4.08
CA SER A 3 -22.49 -13.56 -2.72
C SER A 3 -21.01 -13.21 -2.58
N GLY A 4 -20.59 -13.06 -1.33
CA GLY A 4 -19.20 -12.73 -1.05
C GLY A 4 -18.38 -14.00 -0.79
N SER A 5 -17.07 -13.81 -0.75
CA SER A 5 -16.16 -14.92 -0.52
C SER A 5 -14.97 -14.46 0.32
N SER A 6 -14.51 -15.35 1.18
CA SER A 6 -13.38 -15.04 2.05
C SER A 6 -12.08 -15.57 1.42
N GLY A 7 -10.98 -15.09 1.94
CA GLY A 7 -9.67 -15.50 1.45
C GLY A 7 -8.68 -15.70 2.59
N ASP A 8 -7.44 -16.00 2.22
CA ASP A 8 -6.40 -16.21 3.21
C ASP A 8 -5.73 -14.88 3.54
N ALA A 9 -6.06 -14.36 4.72
CA ALA A 9 -5.51 -13.10 5.17
C ALA A 9 -5.63 -13.00 6.69
N VAL A 10 -4.48 -12.96 7.34
CA VAL A 10 -4.45 -12.87 8.79
C VAL A 10 -3.67 -11.61 9.20
N GLU A 11 -4.44 -10.59 9.59
CA GLU A 11 -3.85 -9.33 10.01
C GLU A 11 -2.57 -9.59 10.83
N LEU A 12 -1.66 -8.63 10.75
CA LEU A 12 -0.41 -8.73 11.48
C LEU A 12 0.26 -7.36 11.54
N PHE A 13 1.24 -7.24 12.43
CA PHE A 13 1.96 -6.00 12.61
C PHE A 13 3.47 -6.23 12.66
N LYS A 14 4.20 -5.36 12.00
CA LYS A 14 5.64 -5.46 11.95
C LYS A 14 6.25 -4.53 13.01
N LYS A 15 6.04 -3.23 12.81
CA LYS A 15 6.54 -2.24 13.73
C LYS A 15 6.09 -0.86 13.28
N ALA A 16 6.56 -0.46 12.11
CA ALA A 16 6.21 0.84 11.55
C ALA A 16 6.68 1.94 12.50
N ASN A 17 7.63 2.73 12.02
CA ASN A 17 8.17 3.81 12.82
C ASN A 17 9.04 4.70 11.94
N ALA A 18 9.29 5.91 12.43
CA ALA A 18 10.10 6.86 11.70
C ALA A 18 9.42 7.22 10.38
N MET A 19 9.21 8.51 10.18
CA MET A 19 8.56 8.98 8.96
C MET A 19 9.45 8.74 7.74
N LEU A 20 8.89 9.04 6.58
CA LEU A 20 9.61 8.86 5.34
C LEU A 20 9.50 10.13 4.49
N ASP A 21 9.21 9.93 3.22
CA ASP A 21 9.07 11.06 2.30
C ASP A 21 7.77 10.90 1.51
N GLU A 22 6.90 11.88 1.66
CA GLU A 22 5.62 11.87 0.97
C GLU A 22 5.79 12.36 -0.47
N ASP A 23 5.01 11.77 -1.37
CA ASP A 23 5.07 12.13 -2.77
C ASP A 23 3.72 11.82 -3.43
N GLU A 24 2.93 12.87 -3.62
CA GLU A 24 1.62 12.72 -4.23
C GLU A 24 1.69 13.09 -5.72
N ASP A 25 0.64 12.72 -6.43
CA ASP A 25 0.56 13.01 -7.86
C ASP A 25 1.66 12.22 -8.59
N GLU A 26 1.61 12.30 -9.91
CA GLU A 26 2.57 11.60 -10.74
C GLU A 26 2.55 10.10 -10.45
N ARG A 27 3.11 9.34 -11.37
CA ARG A 27 3.16 7.89 -11.21
C ARG A 27 3.49 7.51 -9.77
N VAL A 28 3.02 6.34 -9.38
CA VAL A 28 3.26 5.85 -8.03
C VAL A 28 4.72 5.44 -7.89
N ASP A 29 5.13 5.23 -6.64
CA ASP A 29 6.50 4.84 -6.36
C ASP A 29 6.62 3.31 -6.43
N GLU A 30 7.69 2.86 -7.07
CA GLU A 30 7.92 1.44 -7.22
C GLU A 30 8.55 0.87 -5.95
N ALA A 31 9.41 1.68 -5.33
CA ALA A 31 10.07 1.28 -4.11
C ALA A 31 9.03 0.81 -3.09
N ALA A 32 8.16 1.73 -2.73
CA ALA A 32 7.11 1.43 -1.76
C ALA A 32 6.27 0.27 -2.28
N LEU A 33 5.68 0.48 -3.45
CA LEU A 33 4.84 -0.54 -4.06
C LEU A 33 5.50 -1.91 -3.87
N ARG A 34 6.80 -1.96 -4.12
CA ARG A 34 7.55 -3.19 -3.98
C ARG A 34 7.34 -3.79 -2.59
N GLN A 35 7.58 -2.96 -1.58
CA GLN A 35 7.42 -3.38 -0.20
C GLN A 35 6.05 -4.06 -0.01
N LEU A 36 5.03 -3.42 -0.56
CA LEU A 36 3.68 -3.95 -0.46
C LEU A 36 3.58 -5.23 -1.28
N THR A 37 3.70 -5.07 -2.59
CA THR A 37 3.62 -6.19 -3.50
C THR A 37 4.51 -7.34 -3.01
N GLU A 38 5.51 -6.97 -2.22
CA GLU A 38 6.44 -7.94 -1.68
C GLU A 38 5.82 -8.65 -0.47
N MET A 39 5.05 -7.88 0.29
CA MET A 39 4.39 -8.41 1.47
C MET A 39 3.36 -9.48 1.10
N GLY A 40 2.42 -9.07 0.25
CA GLY A 40 1.38 -9.98 -0.19
C GLY A 40 0.11 -9.21 -0.57
N PHE A 41 0.31 -8.18 -1.37
CA PHE A 41 -0.81 -7.35 -1.81
C PHE A 41 -0.75 -7.09 -3.31
N PRO A 42 -1.95 -6.88 -3.91
CA PRO A 42 -2.03 -6.62 -5.34
C PRO A 42 -1.57 -5.20 -5.67
N GLU A 43 -0.84 -5.08 -6.77
CA GLU A 43 -0.34 -3.79 -7.21
C GLU A 43 -1.50 -2.84 -7.50
N ASN A 44 -2.53 -3.40 -8.14
CA ASN A 44 -3.70 -2.62 -8.48
C ASN A 44 -4.16 -1.82 -7.26
N ARG A 45 -4.64 -2.55 -6.26
CA ARG A 45 -5.11 -1.92 -5.04
C ARG A 45 -3.95 -1.25 -4.31
N ALA A 46 -2.90 -2.03 -4.07
CA ALA A 46 -1.73 -1.52 -3.38
C ALA A 46 -1.38 -0.14 -3.93
N THR A 47 -1.34 -0.06 -5.25
CA THR A 47 -1.02 1.18 -5.92
C THR A 47 -1.96 2.30 -5.44
N LYS A 48 -3.25 2.05 -5.59
CA LYS A 48 -4.25 3.03 -5.17
C LYS A 48 -3.99 3.43 -3.72
N ALA A 49 -4.15 2.47 -2.83
CA ALA A 49 -3.94 2.71 -1.42
C ALA A 49 -2.73 3.62 -1.23
N LEU A 50 -1.62 3.18 -1.81
CA LEU A 50 -0.38 3.94 -1.73
C LEU A 50 -0.68 5.43 -1.95
N GLN A 51 -1.09 5.74 -3.16
CA GLN A 51 -1.41 7.12 -3.51
C GLN A 51 -2.24 7.76 -2.40
N LEU A 52 -3.35 7.11 -2.08
CA LEU A 52 -4.24 7.61 -1.04
C LEU A 52 -3.43 7.85 0.24
N ASN A 53 -2.58 6.88 0.56
CA ASN A 53 -1.76 6.98 1.75
C ASN A 53 -0.40 7.58 1.36
N HIS A 54 -0.45 8.57 0.48
CA HIS A 54 0.76 9.23 0.04
C HIS A 54 1.89 8.21 -0.11
N MET A 55 1.70 7.30 -1.06
CA MET A 55 2.69 6.28 -1.32
C MET A 55 3.36 5.83 -0.01
N SER A 56 2.54 5.29 0.88
CA SER A 56 3.04 4.82 2.17
C SER A 56 3.21 3.30 2.13
N VAL A 57 4.35 2.87 2.66
CA VAL A 57 4.65 1.44 2.70
C VAL A 57 3.83 0.78 3.81
N PRO A 58 3.85 1.44 5.01
CA PRO A 58 3.12 0.92 6.15
C PRO A 58 1.62 1.16 5.99
N GLN A 59 1.26 2.44 5.96
CA GLN A 59 -0.14 2.82 5.83
C GLN A 59 -0.82 1.95 4.77
N ALA A 60 -0.24 1.94 3.58
CA ALA A 60 -0.78 1.15 2.49
C ALA A 60 -1.27 -0.19 3.03
N MET A 61 -0.62 -0.65 4.08
CA MET A 61 -0.99 -1.91 4.70
C MET A 61 -2.33 -1.79 5.42
N GLU A 62 -2.34 -0.96 6.46
CA GLU A 62 -3.56 -0.76 7.23
C GLU A 62 -4.74 -0.45 6.31
N TRP A 63 -4.49 0.45 5.37
CA TRP A 63 -5.53 0.83 4.42
C TRP A 63 -6.01 -0.43 3.71
N LEU A 64 -5.05 -1.24 3.29
CA LEU A 64 -5.36 -2.48 2.60
C LEU A 64 -6.11 -3.42 3.55
N ILE A 65 -5.89 -3.21 4.85
CA ILE A 65 -6.53 -4.02 5.87
C ILE A 65 -7.94 -3.49 6.12
N GLU A 66 -8.08 -2.17 6.01
CA GLU A 66 -9.37 -1.54 6.22
C GLU A 66 -10.24 -1.66 4.96
N HIS A 67 -9.74 -1.08 3.88
CA HIS A 67 -10.45 -1.12 2.62
C HIS A 67 -10.51 -2.56 2.10
N ALA A 68 -9.73 -3.42 2.75
CA ALA A 68 -9.67 -4.82 2.36
C ALA A 68 -11.07 -5.30 2.00
N GLU A 69 -12.06 -4.71 2.65
CA GLU A 69 -13.45 -5.06 2.41
C GLU A 69 -14.27 -3.81 2.09
N ASP A 70 -13.72 -3.00 1.20
CA ASP A 70 -14.40 -1.77 0.80
C ASP A 70 -15.24 -2.04 -0.45
N PRO A 71 -16.38 -1.31 -0.54
CA PRO A 71 -17.28 -1.47 -1.67
C PRO A 71 -16.71 -0.79 -2.92
N THR A 72 -16.18 0.41 -2.71
CA THR A 72 -15.60 1.16 -3.81
C THR A 72 -14.10 1.38 -3.57
N ILE A 73 -13.34 0.32 -3.80
CA ILE A 73 -11.90 0.38 -3.61
C ILE A 73 -11.22 0.45 -4.97
N ASP A 74 -11.91 -0.07 -5.97
CA ASP A 74 -11.39 -0.08 -7.33
C ASP A 74 -12.53 0.20 -8.32
N THR A 75 -12.67 1.47 -8.68
CA THR A 75 -13.71 1.87 -9.60
C THR A 75 -13.65 1.02 -10.88
N PRO A 76 -14.86 0.78 -11.46
CA PRO A 76 -14.94 -0.02 -12.68
C PRO A 76 -14.47 0.79 -13.89
N LEU A 77 -13.42 0.28 -14.53
CA LEU A 77 -12.87 0.93 -15.69
C LEU A 77 -12.28 -0.12 -16.63
N SER A 78 -13.14 -1.01 -17.10
CA SER A 78 -12.72 -2.08 -17.99
C SER A 78 -13.88 -2.49 -18.90
N GLY A 79 -13.53 -2.95 -20.08
CA GLY A 79 -14.52 -3.37 -21.06
C GLY A 79 -15.66 -2.37 -21.15
N PRO A 80 -16.81 -2.84 -21.71
CA PRO A 80 -17.98 -1.99 -21.86
C PRO A 80 -18.69 -1.79 -20.52
N SER A 81 -19.70 -0.94 -20.54
CA SER A 81 -20.46 -0.65 -19.34
C SER A 81 -20.94 -1.95 -18.69
N SER A 82 -20.30 -2.30 -17.58
CA SER A 82 -20.65 -3.51 -16.86
C SER A 82 -20.00 -3.50 -15.47
N GLY A 83 -20.66 -4.16 -14.54
CA GLY A 83 -20.16 -4.24 -13.18
C GLY A 83 -21.13 -3.54 -12.21
N GLY A 1 -25.43 14.42 2.61
CA GLY A 1 -24.42 14.32 1.56
C GLY A 1 -24.36 12.90 0.99
N SER A 2 -24.95 12.75 -0.19
CA SER A 2 -24.98 11.46 -0.85
C SER A 2 -23.86 11.39 -1.90
N SER A 3 -23.93 12.32 -2.84
CA SER A 3 -22.94 12.38 -3.91
C SER A 3 -22.92 11.06 -4.67
N GLY A 4 -22.31 11.11 -5.85
CA GLY A 4 -22.22 9.92 -6.69
C GLY A 4 -23.26 9.97 -7.81
N SER A 5 -23.01 9.17 -8.84
CA SER A 5 -23.92 9.11 -9.98
C SER A 5 -23.48 8.00 -10.94
N SER A 6 -24.37 7.67 -11.86
CA SER A 6 -24.09 6.63 -12.83
C SER A 6 -24.39 7.14 -14.24
N GLY A 7 -23.38 7.07 -15.09
CA GLY A 7 -23.53 7.52 -16.47
C GLY A 7 -22.92 6.51 -17.44
N ASP A 8 -23.08 6.80 -18.73
CA ASP A 8 -22.56 5.93 -19.77
C ASP A 8 -21.09 5.63 -19.48
N ALA A 9 -20.31 6.69 -19.30
CA ALA A 9 -18.90 6.55 -19.01
C ALA A 9 -18.33 7.91 -18.61
N VAL A 10 -18.20 8.10 -17.31
CA VAL A 10 -17.67 9.35 -16.79
C VAL A 10 -16.28 9.59 -17.39
N GLU A 11 -15.69 8.52 -17.90
CA GLU A 11 -14.37 8.61 -18.50
C GLU A 11 -13.34 9.07 -17.46
N LEU A 12 -12.15 8.51 -17.56
CA LEU A 12 -11.07 8.85 -16.65
C LEU A 12 -9.85 9.27 -17.45
N PHE A 13 -9.44 10.52 -17.23
CA PHE A 13 -8.28 11.06 -17.92
C PHE A 13 -7.91 12.43 -17.35
N LYS A 14 -6.61 12.62 -17.17
CA LYS A 14 -6.11 13.88 -16.64
C LYS A 14 -4.58 13.90 -16.74
N LYS A 15 -4.10 14.19 -17.94
CA LYS A 15 -2.67 14.23 -18.18
C LYS A 15 -2.39 15.10 -19.41
N ALA A 16 -1.14 15.52 -19.52
CA ALA A 16 -0.73 16.36 -20.64
C ALA A 16 0.52 15.77 -21.28
N ASN A 17 1.59 15.73 -20.49
CA ASN A 17 2.86 15.20 -20.97
C ASN A 17 3.35 16.04 -22.15
N ALA A 18 4.42 16.78 -21.89
CA ALA A 18 5.00 17.63 -22.92
C ALA A 18 6.34 18.17 -22.43
N MET A 19 6.30 18.81 -21.27
CA MET A 19 7.50 19.38 -20.68
C MET A 19 7.98 18.53 -19.50
N LEU A 20 9.29 18.53 -19.33
CA LEU A 20 9.91 17.77 -18.25
C LEU A 20 10.75 18.70 -17.39
N ASP A 21 10.08 19.34 -16.43
CA ASP A 21 10.76 20.25 -15.53
C ASP A 21 10.07 20.24 -14.18
N GLU A 22 8.77 20.54 -14.21
CA GLU A 22 7.98 20.56 -12.99
C GLU A 22 6.85 19.54 -13.07
N ASP A 23 7.24 18.30 -13.33
CA ASP A 23 6.27 17.21 -13.44
C ASP A 23 5.72 16.89 -12.05
N GLU A 24 4.44 17.19 -11.87
CA GLU A 24 3.78 16.93 -10.60
C GLU A 24 3.78 15.44 -10.28
N ASP A 25 4.03 15.12 -9.02
CA ASP A 25 4.06 13.74 -8.59
C ASP A 25 2.77 13.04 -9.02
N GLU A 26 2.88 12.29 -10.11
CA GLU A 26 1.73 11.57 -10.63
C GLU A 26 1.92 10.06 -10.45
N ARG A 27 2.83 9.51 -11.24
CA ARG A 27 3.11 8.09 -11.17
C ARG A 27 3.45 7.67 -9.73
N VAL A 28 2.92 6.53 -9.35
CA VAL A 28 3.14 6.01 -8.00
C VAL A 28 4.61 5.57 -7.88
N ASP A 29 5.01 5.34 -6.64
CA ASP A 29 6.38 4.92 -6.37
C ASP A 29 6.46 3.39 -6.49
N GLU A 30 7.58 2.93 -7.06
CA GLU A 30 7.79 1.51 -7.24
C GLU A 30 8.44 0.91 -5.99
N ALA A 31 9.37 1.67 -5.43
CA ALA A 31 10.08 1.23 -4.24
C ALA A 31 9.07 0.80 -3.17
N ALA A 32 8.17 1.71 -2.87
CA ALA A 32 7.14 1.44 -1.87
C ALA A 32 6.28 0.27 -2.33
N LEU A 33 5.76 0.41 -3.55
CA LEU A 33 4.92 -0.62 -4.13
C LEU A 33 5.56 -2.00 -3.88
N ARG A 34 6.84 -2.08 -4.21
CA ARG A 34 7.57 -3.31 -4.03
C ARG A 34 7.34 -3.88 -2.63
N GLN A 35 7.52 -3.02 -1.64
CA GLN A 35 7.33 -3.42 -0.26
C GLN A 35 5.97 -4.10 -0.08
N LEU A 36 4.94 -3.42 -0.58
CA LEU A 36 3.59 -3.95 -0.48
C LEU A 36 3.50 -5.25 -1.31
N THR A 37 3.66 -5.09 -2.62
CA THR A 37 3.59 -6.22 -3.52
C THR A 37 4.47 -7.36 -3.00
N GLU A 38 5.45 -7.00 -2.18
CA GLU A 38 6.37 -7.98 -1.61
C GLU A 38 5.74 -8.63 -0.38
N MET A 39 4.93 -7.84 0.32
CA MET A 39 4.28 -8.33 1.52
C MET A 39 3.22 -9.38 1.18
N GLY A 40 2.41 -9.06 0.18
CA GLY A 40 1.36 -9.96 -0.26
C GLY A 40 0.08 -9.19 -0.57
N PHE A 41 0.22 -8.17 -1.40
CA PHE A 41 -0.91 -7.35 -1.78
C PHE A 41 -0.95 -7.15 -3.29
N PRO A 42 -2.18 -6.89 -3.82
CA PRO A 42 -2.37 -6.67 -5.23
C PRO A 42 -1.87 -5.28 -5.65
N GLU A 43 -0.93 -5.28 -6.58
CA GLU A 43 -0.37 -4.03 -7.07
C GLU A 43 -1.48 -3.03 -7.37
N ASN A 44 -2.48 -3.50 -8.11
CA ASN A 44 -3.60 -2.65 -8.48
C ASN A 44 -4.03 -1.83 -7.26
N ARG A 45 -4.54 -2.53 -6.25
CA ARG A 45 -4.98 -1.88 -5.04
C ARG A 45 -3.80 -1.20 -4.33
N ALA A 46 -2.77 -1.99 -4.09
CA ALA A 46 -1.59 -1.49 -3.42
C ALA A 46 -1.26 -0.09 -3.96
N THR A 47 -1.19 0.00 -5.28
CA THR A 47 -0.89 1.25 -5.93
C THR A 47 -1.88 2.33 -5.49
N LYS A 48 -3.15 1.98 -5.55
CA LYS A 48 -4.21 2.91 -5.16
C LYS A 48 -3.98 3.35 -3.71
N ALA A 49 -4.13 2.40 -2.81
CA ALA A 49 -3.94 2.68 -1.39
C ALA A 49 -2.75 3.62 -1.21
N LEU A 50 -1.63 3.21 -1.78
CA LEU A 50 -0.40 3.99 -1.69
C LEU A 50 -0.75 5.48 -1.86
N GLN A 51 -1.15 5.81 -3.07
CA GLN A 51 -1.52 7.19 -3.38
C GLN A 51 -2.32 7.80 -2.23
N LEU A 52 -3.50 7.26 -2.02
CA LEU A 52 -4.37 7.74 -0.95
C LEU A 52 -3.56 7.86 0.34
N ASN A 53 -2.67 6.90 0.54
CA ASN A 53 -1.83 6.89 1.72
C ASN A 53 -0.49 7.55 1.40
N HIS A 54 -0.57 8.58 0.56
CA HIS A 54 0.63 9.31 0.18
C HIS A 54 1.79 8.32 -0.03
N MET A 55 1.57 7.39 -0.95
CA MET A 55 2.58 6.39 -1.24
C MET A 55 3.30 5.93 0.03
N SER A 56 2.53 5.34 0.93
CA SER A 56 3.07 4.87 2.18
C SER A 56 3.18 3.34 2.16
N VAL A 57 4.30 2.85 2.66
CA VAL A 57 4.54 1.41 2.70
C VAL A 57 3.74 0.81 3.85
N PRO A 58 3.86 1.46 5.04
CA PRO A 58 3.15 0.99 6.23
C PRO A 58 1.66 1.32 6.15
N GLN A 59 1.38 2.62 6.13
CA GLN A 59 0.01 3.07 6.06
C GLN A 59 -0.78 2.25 5.05
N ALA A 60 -0.23 2.15 3.85
CA ALA A 60 -0.87 1.39 2.79
C ALA A 60 -1.47 0.11 3.38
N MET A 61 -0.59 -0.71 3.93
CA MET A 61 -1.03 -1.97 4.53
C MET A 61 -2.38 -1.80 5.24
N GLU A 62 -2.34 -1.04 6.32
CA GLU A 62 -3.54 -0.79 7.10
C GLU A 62 -4.74 -0.53 6.17
N TRP A 63 -4.50 0.34 5.20
CA TRP A 63 -5.53 0.69 4.24
C TRP A 63 -6.01 -0.60 3.56
N LEU A 64 -5.04 -1.38 3.11
CA LEU A 64 -5.33 -2.64 2.45
C LEU A 64 -6.04 -3.57 3.44
N ILE A 65 -5.85 -3.29 4.71
CA ILE A 65 -6.46 -4.09 5.76
C ILE A 65 -7.87 -3.57 6.05
N GLU A 66 -8.00 -2.25 5.99
CA GLU A 66 -9.28 -1.61 6.24
C GLU A 66 -10.16 -1.68 4.99
N HIS A 67 -9.67 -1.07 3.93
CA HIS A 67 -10.41 -1.05 2.68
C HIS A 67 -10.48 -2.46 2.11
N ALA A 68 -9.71 -3.35 2.71
CA ALA A 68 -9.68 -4.74 2.27
C ALA A 68 -11.09 -5.19 1.92
N GLU A 69 -12.01 -4.90 2.82
CA GLU A 69 -13.40 -5.27 2.61
C GLU A 69 -14.25 -4.02 2.35
N ASP A 70 -13.90 -3.32 1.28
CA ASP A 70 -14.62 -2.11 0.91
C ASP A 70 -15.05 -2.21 -0.56
N PRO A 71 -16.05 -1.36 -0.92
CA PRO A 71 -16.57 -1.34 -2.27
C PRO A 71 -15.59 -0.65 -3.22
N THR A 72 -15.22 0.57 -2.85
CA THR A 72 -14.30 1.34 -3.66
C THR A 72 -13.14 0.47 -4.15
N ILE A 73 -12.46 -0.15 -3.19
CA ILE A 73 -11.33 -1.01 -3.51
C ILE A 73 -11.69 -1.88 -4.71
N ASP A 74 -12.97 -2.23 -4.79
CA ASP A 74 -13.46 -3.05 -5.88
C ASP A 74 -14.08 -2.16 -6.95
N THR A 75 -13.46 -2.16 -8.12
CA THR A 75 -13.95 -1.36 -9.23
C THR A 75 -14.49 -2.26 -10.35
N PRO A 76 -15.53 -1.74 -11.05
CA PRO A 76 -16.14 -2.49 -12.14
C PRO A 76 -15.25 -2.48 -13.38
N LEU A 77 -15.45 -3.48 -14.21
CA LEU A 77 -14.67 -3.60 -15.44
C LEU A 77 -13.20 -3.84 -15.09
N SER A 78 -12.63 -4.85 -15.73
CA SER A 78 -11.24 -5.19 -15.50
C SER A 78 -10.44 -5.08 -16.80
N GLY A 79 -10.93 -5.79 -17.81
CA GLY A 79 -10.27 -5.78 -19.11
C GLY A 79 -9.47 -7.06 -19.33
N PRO A 80 -8.34 -6.91 -20.07
CA PRO A 80 -7.47 -8.04 -20.36
C PRO A 80 -6.65 -8.43 -19.13
N SER A 81 -5.93 -9.53 -19.26
CA SER A 81 -5.11 -10.02 -18.18
C SER A 81 -4.28 -11.22 -18.64
N SER A 82 -3.10 -11.34 -18.06
CA SER A 82 -2.21 -12.44 -18.41
C SER A 82 -1.19 -12.66 -17.29
N GLY A 83 -1.02 -13.93 -16.92
CA GLY A 83 -0.09 -14.29 -15.88
C GLY A 83 -0.64 -15.44 -15.03
N GLY A 1 -23.08 -16.98 -15.84
CA GLY A 1 -21.99 -17.62 -15.12
C GLY A 1 -21.01 -16.58 -14.58
N SER A 2 -20.15 -17.03 -13.67
CA SER A 2 -19.17 -16.15 -13.07
C SER A 2 -18.26 -16.95 -12.14
N SER A 3 -16.97 -16.61 -12.18
CA SER A 3 -15.99 -17.28 -11.36
C SER A 3 -14.62 -16.62 -11.52
N GLY A 4 -13.70 -17.01 -10.65
CA GLY A 4 -12.35 -16.48 -10.70
C GLY A 4 -11.48 -17.10 -9.61
N SER A 5 -10.22 -16.66 -9.58
CA SER A 5 -9.29 -17.16 -8.60
C SER A 5 -7.99 -16.34 -8.64
N SER A 6 -7.15 -16.57 -7.64
CA SER A 6 -5.89 -15.86 -7.56
C SER A 6 -5.04 -16.43 -6.41
N GLY A 7 -3.78 -16.03 -6.39
CA GLY A 7 -2.87 -16.49 -5.36
C GLY A 7 -1.59 -15.65 -5.34
N ASP A 8 -0.58 -16.17 -4.67
CA ASP A 8 0.69 -15.48 -4.56
C ASP A 8 1.81 -16.51 -4.44
N ALA A 9 2.98 -16.14 -4.95
CA ALA A 9 4.14 -17.02 -4.91
C ALA A 9 5.40 -16.21 -5.24
N VAL A 10 6.46 -16.51 -4.52
CA VAL A 10 7.72 -15.83 -4.72
C VAL A 10 8.86 -16.85 -4.69
N GLU A 11 10.05 -16.35 -4.39
CA GLU A 11 11.23 -17.20 -4.32
C GLU A 11 12.48 -16.37 -4.05
N LEU A 12 13.50 -17.04 -3.53
CA LEU A 12 14.76 -16.37 -3.23
C LEU A 12 14.52 -15.34 -2.12
N PHE A 13 15.54 -15.16 -1.30
CA PHE A 13 15.47 -14.21 -0.20
C PHE A 13 16.19 -12.91 -0.55
N LYS A 14 15.41 -11.85 -0.68
CA LYS A 14 15.96 -10.54 -1.00
C LYS A 14 14.84 -9.49 -0.93
N LYS A 15 15.16 -8.40 -0.27
CA LYS A 15 14.20 -7.30 -0.12
C LYS A 15 14.34 -6.34 -1.29
N ALA A 16 13.88 -6.80 -2.44
CA ALA A 16 13.94 -5.98 -3.65
C ALA A 16 15.41 -5.72 -4.00
N ASN A 17 15.96 -4.72 -3.34
CA ASN A 17 17.35 -4.35 -3.57
C ASN A 17 17.52 -3.90 -5.02
N ALA A 18 17.36 -2.60 -5.23
CA ALA A 18 17.48 -2.03 -6.55
C ALA A 18 17.24 -0.52 -6.48
N MET A 19 17.73 0.18 -7.49
CA MET A 19 17.57 1.62 -7.55
C MET A 19 17.77 2.14 -8.99
N LEU A 20 16.91 3.08 -9.36
CA LEU A 20 16.97 3.66 -10.69
C LEU A 20 15.81 4.62 -10.88
N ASP A 21 16.14 5.91 -10.88
CA ASP A 21 15.13 6.94 -11.04
C ASP A 21 15.82 8.28 -11.30
N GLU A 22 15.96 8.61 -12.57
CA GLU A 22 16.59 9.86 -12.95
C GLU A 22 15.65 10.70 -13.82
N ASP A 23 14.45 10.90 -13.30
CA ASP A 23 13.44 11.68 -14.00
C ASP A 23 12.54 12.37 -12.99
N GLU A 24 11.80 13.36 -13.49
CA GLU A 24 10.89 14.11 -12.64
C GLU A 24 9.89 13.17 -11.98
N ASP A 25 9.24 13.67 -10.93
CA ASP A 25 8.26 12.89 -10.21
C ASP A 25 7.07 12.59 -11.13
N GLU A 26 6.61 11.35 -11.07
CA GLU A 26 5.49 10.93 -11.90
C GLU A 26 5.10 9.49 -11.57
N ARG A 27 3.79 9.25 -11.52
CA ARG A 27 3.29 7.93 -11.23
C ARG A 27 3.60 7.55 -9.78
N VAL A 28 3.01 6.44 -9.34
CA VAL A 28 3.22 5.97 -7.98
C VAL A 28 4.68 5.51 -7.83
N ASP A 29 5.08 5.33 -6.58
CA ASP A 29 6.43 4.91 -6.28
C ASP A 29 6.52 3.38 -6.41
N GLU A 30 7.65 2.92 -6.94
CA GLU A 30 7.87 1.50 -7.13
C GLU A 30 8.47 0.90 -5.86
N ALA A 31 9.49 1.58 -5.35
CA ALA A 31 10.17 1.12 -4.16
C ALA A 31 9.14 0.71 -3.10
N ALA A 32 8.20 1.63 -2.86
CA ALA A 32 7.16 1.38 -1.88
C ALA A 32 6.27 0.24 -2.37
N LEU A 33 5.67 0.45 -3.53
CA LEU A 33 4.79 -0.56 -4.12
C LEU A 33 5.41 -1.94 -3.92
N ARG A 34 6.71 -2.02 -4.20
CA ARG A 34 7.42 -3.28 -4.07
C ARG A 34 7.24 -3.84 -2.65
N GLN A 35 7.51 -3.00 -1.67
CA GLN A 35 7.37 -3.40 -0.28
C GLN A 35 6.04 -4.11 -0.06
N LEU A 36 4.99 -3.51 -0.61
CA LEU A 36 3.66 -4.07 -0.47
C LEU A 36 3.58 -5.39 -1.27
N THR A 37 3.70 -5.26 -2.58
CA THR A 37 3.65 -6.43 -3.45
C THR A 37 4.56 -7.52 -2.91
N GLU A 38 5.55 -7.11 -2.14
CA GLU A 38 6.51 -8.04 -1.56
C GLU A 38 5.87 -8.80 -0.39
N MET A 39 5.04 -8.07 0.35
CA MET A 39 4.37 -8.65 1.50
C MET A 39 3.30 -9.66 1.05
N GLY A 40 2.34 -9.16 0.30
CA GLY A 40 1.27 -10.02 -0.20
C GLY A 40 0.01 -9.19 -0.49
N PHE A 41 0.20 -8.18 -1.32
CA PHE A 41 -0.91 -7.30 -1.70
C PHE A 41 -0.94 -7.09 -3.21
N PRO A 42 -2.17 -6.82 -3.72
CA PRO A 42 -2.36 -6.58 -5.14
C PRO A 42 -1.86 -5.20 -5.54
N GLU A 43 -1.06 -5.17 -6.59
CA GLU A 43 -0.50 -3.92 -7.09
C GLU A 43 -1.62 -2.90 -7.31
N ASN A 44 -2.66 -3.35 -7.99
CA ASN A 44 -3.79 -2.50 -8.29
C ASN A 44 -4.15 -1.69 -7.04
N ARG A 45 -4.58 -2.40 -6.01
CA ARG A 45 -4.95 -1.77 -4.75
C ARG A 45 -3.75 -1.06 -4.14
N ALA A 46 -2.72 -1.85 -3.86
CA ALA A 46 -1.51 -1.32 -3.26
C ALA A 46 -1.19 0.04 -3.89
N THR A 47 -1.16 0.06 -5.22
CA THR A 47 -0.87 1.27 -5.95
C THR A 47 -1.86 2.38 -5.55
N LYS A 48 -3.14 2.07 -5.73
CA LYS A 48 -4.18 3.03 -5.40
C LYS A 48 -4.03 3.46 -3.93
N ALA A 49 -4.14 2.49 -3.05
CA ALA A 49 -4.01 2.75 -1.62
C ALA A 49 -2.82 3.68 -1.39
N LEU A 50 -1.69 3.27 -1.92
CA LEU A 50 -0.46 4.06 -1.78
C LEU A 50 -0.80 5.54 -1.96
N GLN A 51 -1.21 5.87 -3.18
CA GLN A 51 -1.56 7.24 -3.50
C GLN A 51 -2.40 7.86 -2.37
N LEU A 52 -3.48 7.17 -2.05
CA LEU A 52 -4.37 7.64 -0.99
C LEU A 52 -3.58 7.75 0.31
N ASN A 53 -2.61 6.87 0.47
CA ASN A 53 -1.78 6.87 1.66
C ASN A 53 -0.44 7.54 1.35
N HIS A 54 -0.52 8.60 0.55
CA HIS A 54 0.67 9.35 0.17
C HIS A 54 1.83 8.37 -0.06
N MET A 55 1.59 7.40 -0.93
CA MET A 55 2.60 6.41 -1.25
C MET A 55 3.32 5.95 0.01
N SER A 56 2.55 5.36 0.92
CA SER A 56 3.10 4.86 2.17
C SER A 56 3.17 3.33 2.14
N VAL A 57 4.28 2.81 2.63
CA VAL A 57 4.49 1.37 2.68
C VAL A 57 3.69 0.78 3.83
N PRO A 58 3.83 1.43 5.02
CA PRO A 58 3.12 0.99 6.21
C PRO A 58 1.64 1.35 6.14
N GLN A 59 1.37 2.64 6.13
CA GLN A 59 0.01 3.13 6.06
C GLN A 59 -0.80 2.29 5.06
N ALA A 60 -0.29 2.24 3.84
CA ALA A 60 -0.96 1.50 2.78
C ALA A 60 -1.51 0.19 3.36
N MET A 61 -0.61 -0.59 3.95
CA MET A 61 -1.00 -1.86 4.54
C MET A 61 -2.36 -1.75 5.25
N GLU A 62 -2.36 -0.99 6.34
CA GLU A 62 -3.58 -0.79 7.10
C GLU A 62 -4.75 -0.49 6.17
N TRP A 63 -4.52 0.41 5.23
CA TRP A 63 -5.53 0.79 4.27
C TRP A 63 -5.97 -0.46 3.52
N LEU A 64 -4.98 -1.27 3.18
CA LEU A 64 -5.24 -2.51 2.45
C LEU A 64 -5.95 -3.51 3.37
N ILE A 65 -5.75 -3.30 4.67
CA ILE A 65 -6.37 -4.16 5.66
C ILE A 65 -7.79 -3.67 5.94
N GLU A 66 -7.94 -2.36 5.96
CA GLU A 66 -9.24 -1.76 6.21
C GLU A 66 -10.12 -1.84 4.96
N HIS A 67 -9.66 -1.18 3.91
CA HIS A 67 -10.39 -1.18 2.65
C HIS A 67 -10.50 -2.61 2.12
N ALA A 68 -9.68 -3.48 2.69
CA ALA A 68 -9.68 -4.88 2.28
C ALA A 68 -11.12 -5.34 2.03
N GLU A 69 -12.03 -4.74 2.78
CA GLU A 69 -13.44 -5.08 2.65
C GLU A 69 -14.26 -3.83 2.34
N ASP A 70 -13.88 -3.16 1.26
CA ASP A 70 -14.57 -1.95 0.85
C ASP A 70 -15.27 -2.20 -0.49
N PRO A 71 -16.40 -1.47 -0.68
CA PRO A 71 -17.18 -1.61 -1.90
C PRO A 71 -16.47 -0.91 -3.08
N THR A 72 -16.21 0.38 -2.88
CA THR A 72 -15.55 1.17 -3.91
C THR A 72 -14.41 0.37 -4.55
N ILE A 73 -13.50 -0.10 -3.70
CA ILE A 73 -12.37 -0.87 -4.16
C ILE A 73 -12.84 -1.89 -5.20
N ASP A 74 -14.01 -2.44 -4.95
CA ASP A 74 -14.59 -3.43 -5.85
C ASP A 74 -15.83 -4.05 -5.20
N THR A 75 -16.80 -4.36 -6.04
CA THR A 75 -18.04 -4.96 -5.56
C THR A 75 -17.79 -6.38 -5.06
N PRO A 76 -18.52 -6.74 -3.98
CA PRO A 76 -18.39 -8.07 -3.39
C PRO A 76 -19.08 -9.13 -4.26
N LEU A 77 -18.48 -10.31 -4.27
CA LEU A 77 -19.03 -11.41 -5.06
C LEU A 77 -19.39 -12.55 -4.12
N SER A 78 -20.30 -13.40 -4.60
CA SER A 78 -20.74 -14.55 -3.82
C SER A 78 -20.02 -15.81 -4.29
N GLY A 79 -20.29 -16.18 -5.53
CA GLY A 79 -19.67 -17.37 -6.11
C GLY A 79 -20.12 -18.63 -5.38
N PRO A 80 -19.18 -19.60 -5.28
CA PRO A 80 -19.47 -20.87 -4.61
C PRO A 80 -19.50 -20.69 -3.10
N SER A 81 -20.10 -21.66 -2.43
CA SER A 81 -20.20 -21.62 -0.98
C SER A 81 -19.62 -22.91 -0.38
N SER A 82 -18.30 -22.93 -0.28
CA SER A 82 -17.62 -24.09 0.27
C SER A 82 -16.11 -23.84 0.31
N GLY A 83 -15.57 -23.85 1.52
CA GLY A 83 -14.15 -23.62 1.72
C GLY A 83 -13.34 -24.84 1.29
#